data_3EUK
#
_entry.id   3EUK
#
_cell.length_a   172.414
_cell.length_b   172.414
_cell.length_c   491.587
_cell.angle_alpha   90.000
_cell.angle_beta   90.000
_cell.angle_gamma   120.000
#
_symmetry.space_group_name_H-M   'P 65 2 2'
#
loop_
_entity.id
_entity.type
_entity.pdbx_description
1 polymer 'Chromosome partition protein mukB, Linker'
2 polymer 'Chromosome partition protein mukF'
3 polymer 'Chromosome partition protein mukE'
4 non-polymer 'PHOSPHOTHIOPHOSPHORIC ACID-ADENYLATE ESTER'
5 non-polymer 'MAGNESIUM ION'
#
loop_
_entity_poly.entity_id
_entity_poly.type
_entity_poly.pdbx_seq_one_letter_code
_entity_poly.pdbx_strand_id
1 'polypeptide(L)'
;GHMIARGKFRSLTLINWNGFFARTFDFDELVTTLSGGNGAGKSTTMAGFVTALIPDLTLLNFRNTTEAGSTSSSRDKGLY
GKLKAGVCYAVLETVNSRAQRIITGVRLQQIAGRDKKVDIRPFSLQNVPMTDSVISLFTEQVANKARVLSLNDLKEKFEE
TAVTFKPYHSITDYHSFMFDLGILPKRLRSSSDRNKFYKLIEASLYGGISSVITKSLRDYLLPENSGVRQAFQDMEAALR
ENSGGSGGSISAESVANILRKTIQREQNRILQLNQGLQNIAFGQVKGVRLVVNIRDTHSILLNALSDQHEQHKDLFESQK
LSFSEALAMLYKRINPHIELGQRMPQTIGEELLDYRNYLDLEVETLRGAYGWMRAESSALSTGEAIGTGMSILLMVVQSW
EEESRRMRAKDILPCRLLFLDQAARLDAMSINTLFELCERLDMQLLIAAPENISPERGTTYKLVRKILANQEYVHVVGLK
GFG
;
A,C,F,H
2 'polypeptide(L)'
;MDKNRVFGQRLRQSIQNYFSSPWLLYTAKAEALLDLRDDEAMLNEMEAVGELPMALEYESLTDVQTQIVTAIQAELAHFR
NTAQPINLGAVLQEQLARYPQSRHFDVARIIVDQAVKLGMASQDHQAVYPVWQPIDDFSAAVQAHLIDQYDK
;
E,J
3 'polypeptide(L)'
;MTEYIQDAIPAKLAIAIANPIFPQLDSQLRAGRHISIEMLDEHAFLMDFQTELESFYRRYHVDLIRAPEGFFYLRPKAST
LIARSAMSEMEMLVGKVLCYLYLSPERLAQQGIFSQDDVYEELLNLADENKLLKAVNPRSTGSDLDRAKLAEKVGGALRR
LARIGIITRVGEQNSKKFIISEAVFRFGADVRAGDDPREVQLRLIRDGEATTPTLLTTAAIEFAEDGARDELEESEAE
;
L,M
#
loop_
_chem_comp.id
_chem_comp.type
_chem_comp.name
_chem_comp.formula
AGS non-polymer 'PHOSPHOTHIOPHOSPHORIC ACID-ADENYLATE ESTER' 'C10 H16 N5 O12 P3 S'
MG non-polymer 'MAGNESIUM ION' 'Mg 2'
#
# COMPACT_ATOMS: atom_id res chain seq x y z
N ILE A 4 40.69 23.60 35.40
CA ILE A 4 40.13 24.73 34.61
C ILE A 4 41.13 25.25 33.57
N ALA A 5 41.08 24.70 32.36
CA ALA A 5 41.98 25.10 31.27
C ALA A 5 41.21 25.48 29.99
N ARG A 6 41.91 26.06 29.01
CA ARG A 6 41.29 26.47 27.76
C ARG A 6 42.32 26.75 26.66
N GLY A 7 41.99 26.35 25.44
CA GLY A 7 42.91 26.57 24.32
C GLY A 7 42.18 27.28 23.19
N LYS A 8 42.88 28.17 22.48
CA LYS A 8 42.26 28.90 21.39
C LYS A 8 43.17 29.32 20.24
N PHE A 9 42.59 30.07 19.32
CA PHE A 9 43.30 30.57 18.14
C PHE A 9 43.70 32.04 18.32
N ARG A 10 44.91 32.37 17.88
CA ARG A 10 45.42 33.73 18.00
C ARG A 10 45.60 34.49 16.69
N SER A 11 45.90 33.78 15.61
CA SER A 11 46.10 34.46 14.34
C SER A 11 46.29 33.57 13.12
N LEU A 12 45.63 33.96 12.03
CA LEU A 12 45.71 33.25 10.76
C LEU A 12 46.74 34.05 9.98
N THR A 13 47.50 33.39 9.11
CA THR A 13 48.50 34.10 8.34
C THR A 13 48.61 33.67 6.89
N LEU A 14 48.63 34.66 6.01
CA LEU A 14 48.74 34.42 4.58
C LEU A 14 50.05 34.95 4.06
N ILE A 15 50.55 34.38 2.97
CA ILE A 15 51.81 34.80 2.39
C ILE A 15 51.84 34.68 0.86
N ASN A 16 52.06 35.81 0.20
CA ASN A 16 52.13 35.91 -1.25
C ASN A 16 50.79 35.77 -1.96
N TRP A 17 49.78 35.30 -1.24
CA TRP A 17 48.43 35.10 -1.78
C TRP A 17 47.95 36.24 -2.69
N ASN A 18 47.05 35.90 -3.62
CA ASN A 18 46.51 36.89 -4.54
C ASN A 18 45.87 38.04 -3.77
N GLY A 19 46.46 39.22 -3.86
CA GLY A 19 45.91 40.37 -3.16
C GLY A 19 46.55 40.58 -1.79
N PHE A 20 47.38 39.63 -1.38
CA PHE A 20 48.06 39.72 -0.10
C PHE A 20 49.50 39.23 -0.19
N PHE A 21 50.45 40.13 0.01
CA PHE A 21 51.87 39.76 -0.04
C PHE A 21 52.20 39.05 1.26
N ALA A 22 51.51 39.44 2.33
CA ALA A 22 51.71 38.85 3.65
C ALA A 22 50.85 39.59 4.65
N ARG A 23 49.89 38.89 5.24
CA ARG A 23 49.03 39.51 6.23
C ARG A 23 48.82 38.65 7.47
N THR A 24 48.56 39.34 8.58
CA THR A 24 48.35 38.69 9.86
C THR A 24 47.00 39.10 10.45
N PHE A 25 46.09 38.14 10.57
CA PHE A 25 44.78 38.42 11.14
C PHE A 25 44.76 37.83 12.55
N ASP A 26 44.90 38.69 13.55
CA ASP A 26 44.91 38.26 14.95
C ASP A 26 43.53 37.83 15.44
N PHE A 27 43.35 36.52 15.60
CA PHE A 27 42.08 35.95 16.04
C PHE A 27 41.61 36.48 17.38
N ASP A 28 40.33 36.86 17.41
CA ASP A 28 39.69 37.38 18.59
C ASP A 28 39.51 36.33 19.68
N GLU A 29 39.24 36.80 20.90
CA GLU A 29 39.04 35.97 22.08
C GLU A 29 37.77 35.13 21.95
N LEU A 30 36.71 35.76 21.48
CA LEU A 30 35.43 35.08 21.33
C LEU A 30 34.92 35.02 19.88
N VAL A 31 34.79 36.18 19.23
CA VAL A 31 34.31 36.22 17.85
C VAL A 31 35.07 37.17 16.94
N THR A 32 35.44 36.67 15.76
CA THR A 32 36.17 37.46 14.77
C THR A 32 35.27 37.70 13.56
N THR A 33 35.28 38.92 13.05
CA THR A 33 34.43 39.27 11.90
C THR A 33 35.16 39.99 10.77
N LEU A 34 34.76 39.70 9.54
CA LEU A 34 35.34 40.31 8.35
C LEU A 34 34.27 41.01 7.53
N SER A 35 34.48 42.29 7.25
CA SER A 35 33.52 43.05 6.47
C SER A 35 34.19 43.98 5.47
N GLY A 36 33.46 44.34 4.42
CA GLY A 36 34.00 45.21 3.40
C GLY A 36 33.13 45.25 2.16
N GLY A 37 33.77 45.30 0.99
CA GLY A 37 33.02 45.32 -0.25
C GLY A 37 33.03 43.95 -0.89
N ASN A 38 31.98 43.67 -1.68
CA ASN A 38 31.87 42.39 -2.35
C ASN A 38 33.21 42.01 -2.99
N GLY A 39 33.63 40.78 -2.76
CA GLY A 39 34.89 40.33 -3.30
C GLY A 39 36.00 41.28 -2.92
N ALA A 40 36.46 41.17 -1.68
CA ALA A 40 37.52 42.03 -1.17
C ALA A 40 38.63 41.17 -0.56
N GLY A 41 38.32 39.91 -0.30
CA GLY A 41 39.32 39.02 0.28
C GLY A 41 38.84 38.31 1.52
N LYS A 42 37.53 38.30 1.74
CA LYS A 42 36.96 37.64 2.92
C LYS A 42 37.06 36.11 2.88
N SER A 43 36.18 35.46 2.11
CA SER A 43 36.18 34.00 2.00
C SER A 43 37.61 33.47 1.80
N THR A 44 38.27 34.02 0.78
CA THR A 44 39.63 33.62 0.46
C THR A 44 40.48 33.56 1.72
N THR A 45 40.28 34.52 2.63
CA THR A 45 41.02 34.56 3.88
C THR A 45 40.70 33.32 4.69
N MET A 46 39.45 32.89 4.64
CA MET A 46 39.02 31.71 5.36
C MET A 46 39.42 30.47 4.56
N ALA A 47 39.45 30.62 3.24
CA ALA A 47 39.81 29.52 2.36
C ALA A 47 41.11 28.86 2.78
N GLY A 48 42.10 29.69 3.12
CA GLY A 48 43.39 29.16 3.55
C GLY A 48 43.27 28.63 4.96
N PHE A 49 42.32 29.18 5.72
CA PHE A 49 42.10 28.75 7.08
C PHE A 49 41.60 27.31 6.96
N VAL A 50 40.77 27.06 5.96
CA VAL A 50 40.23 25.73 5.70
C VAL A 50 41.32 24.87 5.09
N THR A 51 42.18 25.50 4.29
CA THR A 51 43.29 24.83 3.62
C THR A 51 44.45 24.61 4.61
N ALA A 52 44.41 25.35 5.71
CA ALA A 52 45.44 25.23 6.75
C ALA A 52 45.16 24.02 7.62
N LEU A 53 43.87 23.83 7.94
CA LEU A 53 43.44 22.71 8.77
C LEU A 53 43.32 21.40 8.00
N ILE A 54 42.94 21.49 6.73
CA ILE A 54 42.79 20.29 5.92
C ILE A 54 43.49 20.41 4.57
N PRO A 55 44.82 20.26 4.57
CA PRO A 55 45.59 20.34 3.33
C PRO A 55 45.42 19.05 2.51
N ASP A 56 44.20 18.82 2.03
CA ASP A 56 43.89 17.64 1.25
C ASP A 56 43.17 18.08 -0.03
N LEU A 57 43.90 18.12 -1.13
CA LEU A 57 43.35 18.54 -2.41
C LEU A 57 42.13 17.73 -2.87
N THR A 58 41.99 16.53 -2.32
CA THR A 58 40.88 15.67 -2.69
C THR A 58 39.61 16.15 -1.99
N LEU A 59 39.79 16.87 -0.87
CA LEU A 59 38.65 17.38 -0.09
C LEU A 59 38.42 18.88 -0.29
N LEU A 60 39.50 19.65 -0.42
CA LEU A 60 39.40 21.09 -0.60
C LEU A 60 38.72 21.45 -1.92
N ASN A 61 37.50 21.96 -1.83
CA ASN A 61 36.71 22.33 -3.00
C ASN A 61 35.81 23.52 -2.64
N PHE A 62 36.32 24.73 -2.89
CA PHE A 62 35.59 25.95 -2.58
C PHE A 62 34.61 26.46 -3.64
N ARG A 63 33.54 25.71 -3.89
CA ARG A 63 32.53 26.14 -4.85
C ARG A 63 32.07 27.50 -4.36
N ASN A 64 31.10 28.11 -5.04
CA ASN A 64 30.62 29.42 -4.59
C ASN A 64 29.24 29.35 -3.94
N THR A 65 29.05 30.14 -2.90
CA THR A 65 27.80 30.17 -2.16
C THR A 65 26.60 29.82 -3.04
N THR A 66 26.35 30.63 -4.07
CA THR A 66 25.23 30.37 -4.97
C THR A 66 25.01 28.87 -5.23
N GLU A 67 26.08 28.09 -5.20
CA GLU A 67 26.00 26.65 -5.40
C GLU A 67 26.19 26.01 -4.02
N ALA A 68 25.10 25.63 -3.36
CA ALA A 68 25.18 25.04 -2.03
C ALA A 68 25.49 23.55 -2.01
N GLY A 69 24.56 22.75 -2.53
CA GLY A 69 24.76 21.31 -2.56
C GLY A 69 25.09 20.86 -3.96
N SER A 70 26.25 21.27 -4.46
CA SER A 70 26.68 20.90 -5.80
C SER A 70 27.57 19.67 -5.80
N THR A 71 27.08 18.58 -6.38
CA THR A 71 27.82 17.33 -6.45
C THR A 71 28.67 17.31 -7.72
N SER A 72 28.71 18.44 -8.41
CA SER A 72 29.48 18.57 -9.65
C SER A 72 30.95 18.84 -9.34
N SER A 73 31.68 17.80 -8.96
CA SER A 73 33.10 17.93 -8.64
C SER A 73 33.95 17.87 -9.91
N SER A 74 33.35 18.23 -11.03
CA SER A 74 34.04 18.22 -12.31
C SER A 74 34.92 19.46 -12.49
N ARG A 75 34.36 20.62 -12.13
CA ARG A 75 35.04 21.91 -12.26
C ARG A 75 36.34 22.03 -11.44
N ASP A 76 36.88 23.24 -11.36
CA ASP A 76 38.11 23.49 -10.62
C ASP A 76 37.86 23.69 -9.12
N LYS A 77 38.57 22.92 -8.31
CA LYS A 77 38.42 22.99 -6.85
C LYS A 77 38.54 24.41 -6.34
N GLY A 78 38.92 25.33 -7.21
CA GLY A 78 39.03 26.72 -6.84
C GLY A 78 39.81 27.02 -5.58
N LEU A 79 41.12 27.21 -5.75
CA LEU A 79 42.03 27.55 -4.66
C LEU A 79 43.29 28.02 -5.39
N TYR A 80 43.43 27.52 -6.61
CA TYR A 80 44.55 27.83 -7.49
C TYR A 80 44.69 29.33 -7.66
N GLY A 81 43.72 29.94 -8.32
CA GLY A 81 43.77 31.37 -8.54
C GLY A 81 43.65 32.21 -7.29
N LYS A 82 43.39 31.57 -6.15
CA LYS A 82 43.25 32.31 -4.90
C LYS A 82 44.57 32.78 -4.31
N LEU A 83 45.67 32.25 -4.84
CA LEU A 83 47.00 32.64 -4.37
C LEU A 83 47.80 33.09 -5.58
N LYS A 84 49.07 33.45 -5.37
CA LYS A 84 49.93 33.87 -6.46
C LYS A 84 50.67 32.64 -6.99
N ALA A 85 51.84 32.85 -7.55
CA ALA A 85 52.64 31.75 -8.08
C ALA A 85 53.95 31.74 -7.30
N GLY A 86 54.66 30.60 -7.34
CA GLY A 86 55.93 30.50 -6.66
C GLY A 86 55.86 29.98 -5.24
N VAL A 87 56.13 30.85 -4.28
CA VAL A 87 56.12 30.47 -2.87
C VAL A 87 55.00 31.14 -2.08
N CYS A 88 54.09 30.34 -1.53
CA CYS A 88 52.97 30.84 -0.73
C CYS A 88 52.89 30.05 0.58
N TYR A 89 52.23 30.61 1.57
CA TYR A 89 52.12 29.93 2.87
C TYR A 89 50.79 30.09 3.59
N ALA A 90 50.51 29.10 4.43
CA ALA A 90 49.30 29.06 5.25
C ALA A 90 49.77 28.71 6.65
N VAL A 91 49.50 29.58 7.62
CA VAL A 91 49.94 29.32 8.99
C VAL A 91 49.01 29.82 10.09
N LEU A 92 48.92 29.03 11.16
CA LEU A 92 48.07 29.36 12.30
C LEU A 92 48.85 29.52 13.60
N GLU A 93 48.26 30.27 14.52
CA GLU A 93 48.87 30.54 15.82
C GLU A 93 47.91 30.17 16.94
N THR A 94 48.11 28.99 17.55
CA THR A 94 47.25 28.53 18.63
C THR A 94 48.01 28.36 19.95
N VAL A 95 47.29 28.54 21.06
CA VAL A 95 47.88 28.42 22.40
C VAL A 95 47.31 27.24 23.18
N ASN A 96 48.10 26.18 23.32
CA ASN A 96 47.66 25.00 24.05
C ASN A 96 47.12 25.34 25.42
N SER A 97 46.57 24.33 26.09
CA SER A 97 46.04 24.52 27.42
C SER A 97 47.26 24.75 28.29
N ARG A 98 48.41 24.30 27.78
CA ARG A 98 49.68 24.44 28.46
C ARG A 98 50.27 25.83 28.17
N ALA A 99 49.74 26.48 27.14
CA ALA A 99 50.17 27.82 26.73
C ALA A 99 51.43 27.81 25.86
N GLN A 100 51.72 26.66 25.24
CA GLN A 100 52.88 26.55 24.37
C GLN A 100 52.51 26.98 22.95
N ARG A 101 52.76 28.25 22.65
CA ARG A 101 52.46 28.81 21.33
C ARG A 101 52.85 27.85 20.22
N ILE A 102 51.88 27.48 19.40
CA ILE A 102 52.13 26.54 18.30
C ILE A 102 51.94 27.22 16.94
N ILE A 103 52.69 26.73 15.97
CA ILE A 103 52.64 27.26 14.62
C ILE A 103 52.36 26.11 13.65
N THR A 104 51.12 26.00 13.19
CA THR A 104 50.76 24.94 12.25
C THR A 104 50.38 25.58 10.93
N GLY A 105 50.76 24.94 9.83
CA GLY A 105 50.44 25.48 8.52
C GLY A 105 51.09 24.73 7.38
N VAL A 106 50.99 25.28 6.17
CA VAL A 106 51.58 24.62 5.01
C VAL A 106 52.03 25.55 3.90
N ARG A 107 52.94 25.03 3.07
CA ARG A 107 53.46 25.75 1.92
C ARG A 107 52.60 25.42 0.73
N LEU A 108 52.44 26.38 -0.17
CA LEU A 108 51.62 26.19 -1.35
C LEU A 108 52.35 26.69 -2.61
N GLN A 109 52.04 26.10 -3.76
CA GLN A 109 52.66 26.50 -5.01
C GLN A 109 51.83 26.10 -6.23
N ASP A 115 47.53 22.61 -17.37
CA ASP A 115 46.37 22.45 -16.50
C ASP A 115 46.44 23.45 -15.36
N LYS A 116 45.74 23.16 -14.26
CA LYS A 116 45.73 24.04 -13.09
C LYS A 116 45.69 23.26 -11.77
N LYS A 117 46.83 22.68 -11.38
CA LYS A 117 46.92 21.90 -10.15
C LYS A 117 47.73 22.67 -9.11
N VAL A 118 47.68 22.23 -7.85
CA VAL A 118 48.42 22.90 -6.79
C VAL A 118 49.19 21.93 -5.90
N ASP A 119 50.45 22.26 -5.63
CA ASP A 119 51.29 21.42 -4.78
C ASP A 119 51.21 21.92 -3.36
N ILE A 120 51.27 20.99 -2.40
CA ILE A 120 51.18 21.35 -0.99
C ILE A 120 51.92 20.37 -0.09
N ARG A 121 52.67 20.91 0.87
CA ARG A 121 53.43 20.12 1.83
C ARG A 121 53.44 20.85 3.17
N PRO A 122 52.81 20.26 4.20
CA PRO A 122 52.67 20.73 5.58
C PRO A 122 53.95 20.91 6.38
N PHE A 123 53.83 21.44 7.59
CA PHE A 123 54.98 21.65 8.47
C PHE A 123 54.60 22.18 9.84
N SER A 124 55.58 22.23 10.74
CA SER A 124 55.35 22.71 12.11
C SER A 124 56.51 23.58 12.59
N LEU A 125 56.33 24.26 13.72
CA LEU A 125 57.36 25.13 14.31
C LEU A 125 57.16 25.26 15.82
N GLN A 126 57.83 24.42 16.58
CA GLN A 126 57.73 24.42 18.04
C GLN A 126 58.73 25.36 18.72
N ASN A 127 58.67 25.43 20.04
CA ASN A 127 59.56 26.26 20.86
C ASN A 127 59.97 27.62 20.29
N VAL A 128 59.05 28.31 19.61
CA VAL A 128 59.36 29.62 19.03
C VAL A 128 58.95 30.72 19.99
N PRO A 129 59.83 31.71 20.21
CA PRO A 129 59.53 32.82 21.12
C PRO A 129 58.33 33.63 20.64
N MET A 130 57.61 34.24 21.58
CA MET A 130 56.44 35.04 21.26
C MET A 130 56.85 36.45 20.82
N THR A 131 57.89 37.00 21.44
CA THR A 131 58.38 38.34 21.12
C THR A 131 58.83 38.51 19.67
N ASP A 132 58.66 37.47 18.87
CA ASP A 132 59.03 37.50 17.45
C ASP A 132 57.78 37.37 16.57
N SER A 133 57.52 38.38 15.75
CA SER A 133 56.36 38.37 14.86
C SER A 133 56.52 37.35 13.74
N VAL A 134 55.75 36.27 13.80
CA VAL A 134 55.79 35.21 12.80
C VAL A 134 55.91 35.79 11.40
N ILE A 135 55.42 37.01 11.25
CA ILE A 135 55.47 37.72 9.98
C ILE A 135 56.91 37.75 9.47
N SER A 136 57.84 37.98 10.38
CA SER A 136 59.25 38.01 10.01
C SER A 136 59.82 36.59 10.02
N LEU A 137 58.98 35.64 10.42
CA LEU A 137 59.38 34.23 10.47
C LEU A 137 59.11 33.56 9.12
N PHE A 138 59.04 34.38 8.07
CA PHE A 138 58.80 33.89 6.73
C PHE A 138 59.19 34.96 5.71
N THR A 139 59.40 36.18 6.18
CA THR A 139 59.77 37.30 5.31
C THR A 139 61.21 37.75 5.53
N GLU A 140 61.87 38.13 4.43
CA GLU A 140 63.27 38.59 4.49
C GLU A 140 63.43 39.88 3.69
N GLN A 141 64.49 40.63 3.97
CA GLN A 141 64.76 41.88 3.27
C GLN A 141 66.08 41.81 2.52
N ARG A 147 60.84 40.14 0.32
CA ARG A 147 61.14 38.82 -0.24
C ARG A 147 60.75 37.72 0.74
N VAL A 148 60.60 36.50 0.23
CA VAL A 148 60.26 35.35 1.07
C VAL A 148 61.38 34.35 0.91
N LEU A 149 62.00 33.97 2.03
CA LEU A 149 63.10 32.99 1.99
C LEU A 149 62.53 31.57 1.99
N SER A 150 62.64 30.91 0.84
CA SER A 150 62.11 29.55 0.63
C SER A 150 62.36 28.47 1.68
N LEU A 151 61.51 27.45 1.61
CA LEU A 151 61.57 26.31 2.52
C LEU A 151 62.97 25.86 2.83
N ASN A 152 63.80 25.79 1.79
CA ASN A 152 65.17 25.34 1.96
C ASN A 152 66.01 26.36 2.75
N ASP A 153 65.75 27.65 2.55
CA ASP A 153 66.49 28.70 3.26
C ASP A 153 66.18 28.66 4.75
N LEU A 154 64.89 28.50 5.03
CA LEU A 154 64.35 28.48 6.39
C LEU A 154 64.69 27.38 7.39
N LYS A 155 64.93 26.16 6.92
CA LYS A 155 65.26 25.06 7.81
C LYS A 155 66.56 25.29 8.61
N GLU A 156 67.47 26.06 8.04
CA GLU A 156 68.75 26.35 8.69
C GLU A 156 68.52 27.39 9.77
N LYS A 157 67.61 28.31 9.49
CA LYS A 157 67.24 29.38 10.40
C LYS A 157 67.13 28.78 11.79
N PHE A 158 66.20 27.86 11.90
CA PHE A 158 65.88 27.18 13.13
C PHE A 158 66.87 26.18 13.74
N GLU A 159 67.31 25.19 12.95
CA GLU A 159 68.22 24.14 13.42
C GLU A 159 69.00 24.52 14.67
N GLU A 160 70.25 24.99 14.52
CA GLU A 160 71.04 25.40 15.70
C GLU A 160 70.26 26.18 16.79
N THR A 161 69.57 27.24 16.39
CA THR A 161 68.77 28.03 17.31
C THR A 161 67.74 27.14 18.01
N ALA A 162 66.66 27.73 18.50
CA ALA A 162 65.67 26.96 19.23
C ALA A 162 64.29 26.87 18.61
N VAL A 163 64.04 25.85 17.77
CA VAL A 163 62.74 25.65 17.13
C VAL A 163 62.67 24.35 16.34
N THR A 164 61.45 23.84 16.16
CA THR A 164 61.27 22.57 15.49
C THR A 164 60.39 22.57 14.24
N PHE A 165 61.04 22.61 13.07
CA PHE A 165 60.36 22.58 11.78
C PHE A 165 60.39 21.13 11.28
N LYS A 166 59.24 20.56 10.98
CA LYS A 166 59.21 19.17 10.53
C LYS A 166 58.58 18.94 9.14
N PRO A 167 59.42 18.61 8.15
CA PRO A 167 58.96 18.35 6.77
C PRO A 167 58.10 17.09 6.71
N TYR A 168 56.78 17.27 6.80
CA TYR A 168 55.84 16.15 6.80
C TYR A 168 55.67 15.39 5.49
N HIS A 169 55.82 14.08 5.58
CA HIS A 169 55.68 13.19 4.43
C HIS A 169 54.19 13.03 4.14
N SER A 170 53.57 12.08 4.83
CA SER A 170 52.15 11.80 4.67
C SER A 170 51.33 12.72 5.57
N ILE A 171 50.20 13.19 5.06
CA ILE A 171 49.31 14.09 5.80
C ILE A 171 48.84 13.53 7.14
N THR A 172 48.64 12.22 7.21
CA THR A 172 48.18 11.56 8.42
C THR A 172 48.89 12.09 9.68
N ASP A 173 50.22 12.21 9.61
CA ASP A 173 51.01 12.69 10.74
C ASP A 173 50.68 14.11 11.16
N TYR A 174 50.57 15.03 10.21
CA TYR A 174 50.27 16.42 10.52
C TYR A 174 49.17 16.46 11.56
N HIS A 175 48.02 15.88 11.20
CA HIS A 175 46.89 15.82 12.09
C HIS A 175 47.36 15.08 13.34
N SER A 176 47.94 13.90 13.13
CA SER A 176 48.45 13.06 14.21
C SER A 176 49.46 13.82 15.07
N PHE A 177 49.73 15.06 14.67
CA PHE A 177 50.67 15.91 15.39
C PHE A 177 49.86 17.00 16.09
N MET A 178 48.88 17.54 15.38
CA MET A 178 48.04 18.61 15.92
C MET A 178 47.18 18.11 17.08
N PHE A 179 46.58 16.93 16.91
CA PHE A 179 45.73 16.35 17.94
C PHE A 179 46.55 16.08 19.21
N ASP A 180 47.72 15.46 19.04
CA ASP A 180 48.59 15.13 20.16
C ASP A 180 48.97 16.40 20.93
N LEU A 181 49.09 17.53 20.23
CA LEU A 181 49.44 18.81 20.85
C LEU A 181 48.23 19.42 21.56
N GLY A 182 47.21 19.77 20.79
CA GLY A 182 46.03 20.35 21.39
C GLY A 182 45.24 21.26 20.46
N ILE A 183 44.85 20.75 19.31
CA ILE A 183 44.10 21.55 18.34
C ILE A 183 42.85 20.84 17.83
N LEU A 184 43.05 19.72 17.13
CA LEU A 184 41.95 18.93 16.56
C LEU A 184 41.08 18.19 17.57
N PRO A 185 39.76 18.48 17.57
CA PRO A 185 38.84 17.82 18.50
C PRO A 185 38.51 16.40 18.05
N LYS A 186 39.41 15.79 17.27
CA LYS A 186 39.16 14.44 16.80
C LYS A 186 40.41 13.77 16.22
N ARG A 187 40.43 12.43 16.27
CA ARG A 187 41.55 11.64 15.77
C ARG A 187 41.47 11.39 14.26
N LEU A 188 42.04 12.30 13.48
CA LEU A 188 42.03 12.15 12.03
C LEU A 188 43.03 11.07 11.63
N ARG A 189 42.58 9.82 11.72
CA ARG A 189 43.42 8.67 11.39
C ARG A 189 43.48 8.36 9.90
N SER A 190 42.34 7.93 9.36
CA SER A 190 42.22 7.56 7.96
C SER A 190 41.39 8.58 7.18
N SER A 191 41.38 8.43 5.85
CA SER A 191 40.61 9.32 4.99
C SER A 191 39.17 9.39 5.47
N SER A 192 38.65 8.24 5.91
CA SER A 192 37.29 8.15 6.41
C SER A 192 37.08 9.22 7.46
N ASP A 193 38.01 9.26 8.41
CA ASP A 193 37.98 10.21 9.52
C ASP A 193 38.08 11.69 9.10
N ARG A 194 38.94 11.99 8.15
CA ARG A 194 39.11 13.37 7.71
C ARG A 194 38.01 13.86 6.79
N ASN A 195 37.59 13.01 5.88
CA ASN A 195 36.52 13.36 4.94
C ASN A 195 35.36 14.01 5.71
N LYS A 196 34.97 13.37 6.80
CA LYS A 196 33.86 13.85 7.64
C LYS A 196 34.18 15.19 8.32
N PHE A 197 35.45 15.36 8.70
CA PHE A 197 35.87 16.58 9.36
C PHE A 197 35.58 17.77 8.45
N TYR A 198 36.33 17.83 7.35
CA TYR A 198 36.20 18.91 6.36
C TYR A 198 34.74 19.23 6.05
N LYS A 199 33.91 18.20 6.00
CA LYS A 199 32.49 18.35 5.70
C LYS A 199 31.80 19.23 6.75
N LEU A 200 32.17 19.05 8.03
CA LEU A 200 31.59 19.85 9.11
C LEU A 200 31.99 21.29 8.91
N ILE A 201 33.28 21.48 8.64
CA ILE A 201 33.85 22.79 8.41
C ILE A 201 33.18 23.46 7.22
N GLU A 202 32.81 22.64 6.24
CA GLU A 202 32.15 23.14 5.05
C GLU A 202 30.77 23.59 5.53
N ALA A 203 30.12 22.72 6.31
CA ALA A 203 28.79 22.99 6.85
C ALA A 203 28.74 24.28 7.65
N SER A 204 29.87 24.67 8.22
CA SER A 204 29.92 25.89 9.01
C SER A 204 30.16 27.07 8.08
N LEU A 205 30.83 26.83 6.96
CA LEU A 205 31.12 27.88 5.99
C LEU A 205 29.92 28.37 5.21
N TYR A 206 29.14 27.44 4.67
CA TYR A 206 27.95 27.73 3.87
C TYR A 206 26.71 27.84 4.75
N GLY A 207 26.69 27.09 5.84
CA GLY A 207 25.58 27.13 6.77
C GLY A 207 24.44 26.16 6.49
N GLY A 208 23.32 26.41 7.16
CA GLY A 208 22.14 25.57 6.97
C GLY A 208 22.36 24.15 7.45
N ILE A 209 21.32 23.35 7.34
CA ILE A 209 21.38 21.95 7.76
C ILE A 209 22.27 21.20 6.78
N SER A 210 23.42 20.74 7.26
CA SER A 210 24.34 19.99 6.42
C SER A 210 23.65 18.75 5.86
N SER A 211 23.07 18.88 4.67
CA SER A 211 22.39 17.78 4.01
C SER A 211 23.05 16.45 4.31
N VAL A 212 24.38 16.44 4.32
CA VAL A 212 25.17 15.23 4.56
C VAL A 212 25.06 14.67 5.97
N ILE A 213 25.26 15.51 6.97
CA ILE A 213 25.21 15.05 8.36
C ILE A 213 23.89 14.42 8.75
N THR A 214 22.79 15.07 8.41
CA THR A 214 21.46 14.56 8.76
C THR A 214 21.24 13.11 8.30
N LYS A 215 21.59 12.81 7.05
CA LYS A 215 21.40 11.47 6.52
C LYS A 215 22.28 10.40 7.17
N SER A 216 23.25 10.83 7.97
CA SER A 216 24.15 9.90 8.65
C SER A 216 24.57 10.46 9.99
N LEU A 217 23.57 10.86 10.79
CA LEU A 217 23.80 11.44 12.11
C LEU A 217 24.68 10.60 13.01
N ARG A 218 24.26 9.36 13.24
CA ARG A 218 25.00 8.45 14.10
C ARG A 218 26.47 8.32 13.76
N ASP A 219 26.86 8.76 12.57
CA ASP A 219 28.25 8.68 12.14
C ASP A 219 29.08 9.90 12.53
N TYR A 220 28.44 10.87 13.15
CA TYR A 220 29.15 12.06 13.57
C TYR A 220 28.71 12.38 14.98
N LEU A 221 28.27 11.37 15.72
CA LEU A 221 27.82 11.61 17.07
C LEU A 221 28.17 10.46 18.02
N LEU A 222 27.72 9.27 17.69
CA LEU A 222 28.00 8.12 18.53
C LEU A 222 29.17 7.31 17.95
N PRO A 223 30.32 7.34 18.62
CA PRO A 223 31.52 6.62 18.19
C PRO A 223 31.44 5.11 18.35
N GLU A 224 32.48 4.41 17.89
CA GLU A 224 32.55 2.96 17.99
C GLU A 224 33.32 2.57 19.24
N ASN A 225 32.86 1.54 19.93
CA ASN A 225 33.55 1.07 21.12
C ASN A 225 34.52 -0.05 20.70
N SER A 226 35.36 0.25 19.71
CA SER A 226 36.34 -0.70 19.18
C SER A 226 36.90 -1.52 20.34
N GLY A 227 36.33 -2.70 20.52
CA GLY A 227 36.76 -3.58 21.59
C GLY A 227 35.67 -4.63 21.64
N VAL A 228 34.43 -4.17 21.72
CA VAL A 228 33.30 -5.07 21.75
C VAL A 228 33.39 -5.97 20.52
N ARG A 229 34.09 -5.49 19.49
CA ARG A 229 34.27 -6.24 18.25
C ARG A 229 35.42 -7.24 18.35
N GLN A 230 36.57 -6.78 18.83
CA GLN A 230 37.74 -7.65 18.98
C GLN A 230 37.50 -8.69 20.07
N ALA A 231 37.27 -8.21 21.28
CA ALA A 231 37.04 -9.07 22.43
C ALA A 231 36.05 -10.17 22.11
N PHE A 232 34.85 -9.77 21.72
CA PHE A 232 33.77 -10.69 21.38
C PHE A 232 34.20 -11.91 20.55
N GLN A 233 34.56 -11.67 19.30
CA GLN A 233 34.95 -12.74 18.39
C GLN A 233 35.96 -13.75 18.92
N ASP A 234 37.05 -13.25 19.50
CA ASP A 234 38.10 -14.11 20.03
C ASP A 234 37.60 -15.24 20.92
N MET A 235 37.06 -14.86 22.08
CA MET A 235 36.55 -15.80 23.08
C MET A 235 36.24 -17.24 22.65
N GLU A 236 35.40 -17.41 21.63
CA GLU A 236 35.05 -18.75 21.16
C GLU A 236 36.28 -19.62 20.92
N ALA A 237 37.24 -19.08 20.18
CA ALA A 237 38.49 -19.77 19.84
C ALA A 237 38.83 -20.95 20.75
N ILE A 250 30.89 -20.23 24.79
CA ILE A 250 29.95 -19.35 24.06
C ILE A 250 29.58 -18.06 24.86
N SER A 251 28.34 -17.59 24.75
CA SER A 251 27.87 -16.41 25.49
C SER A 251 26.37 -16.51 25.74
N ALA A 252 25.72 -15.37 25.91
CA ALA A 252 24.28 -15.32 26.16
C ALA A 252 23.77 -13.90 26.21
N GLU A 253 22.92 -13.62 27.19
CA GLU A 253 22.33 -12.30 27.37
C GLU A 253 23.31 -11.22 27.79
N SER A 254 24.61 -11.49 27.67
CA SER A 254 25.62 -10.52 28.04
C SER A 254 25.82 -9.53 26.92
N VAL A 255 26.11 -10.04 25.72
CA VAL A 255 26.32 -9.21 24.55
C VAL A 255 25.10 -8.30 24.38
N ALA A 256 23.93 -8.85 24.63
CA ALA A 256 22.71 -8.06 24.53
C ALA A 256 22.78 -7.02 25.64
N ASN A 257 23.07 -7.48 26.85
CA ASN A 257 23.17 -6.60 27.99
C ASN A 257 24.09 -5.41 27.72
N ILE A 258 25.27 -5.69 27.17
CA ILE A 258 26.26 -4.65 26.86
C ILE A 258 25.67 -3.48 26.08
N LEU A 259 25.15 -3.79 24.90
CA LEU A 259 24.54 -2.79 24.02
C LEU A 259 23.60 -1.84 24.78
N ARG A 260 22.65 -2.42 25.50
CA ARG A 260 21.67 -1.65 26.26
C ARG A 260 22.35 -0.52 27.02
N LYS A 261 23.25 -0.89 27.93
CA LYS A 261 23.96 0.10 28.72
C LYS A 261 24.94 0.94 27.90
N THR A 262 25.13 0.57 26.64
CA THR A 262 26.03 1.30 25.77
C THR A 262 25.19 2.34 25.06
N ILE A 263 23.90 2.03 24.98
CA ILE A 263 22.93 2.90 24.33
C ILE A 263 22.40 3.94 25.30
N GLN A 264 21.85 3.47 26.42
CA GLN A 264 21.31 4.37 27.42
C GLN A 264 22.40 5.32 27.93
N ARG A 265 23.64 4.87 27.84
CA ARG A 265 24.79 5.68 28.29
C ARG A 265 25.05 6.81 27.29
N GLU A 266 25.32 6.43 26.05
CA GLU A 266 25.58 7.40 25.00
C GLU A 266 24.31 8.21 24.76
N GLN A 267 23.20 7.74 25.31
CA GLN A 267 21.91 8.41 25.17
C GLN A 267 21.84 9.58 26.16
N ASN A 268 22.27 9.33 27.40
CA ASN A 268 22.28 10.36 28.42
C ASN A 268 23.36 11.36 28.03
N ARG A 269 24.33 10.88 27.25
CA ARG A 269 25.40 11.73 26.76
C ARG A 269 24.71 12.85 26.03
N ILE A 270 24.00 12.47 24.97
CA ILE A 270 23.26 13.41 24.14
C ILE A 270 22.29 14.21 24.99
N LEU A 271 21.48 13.51 25.79
CA LEU A 271 20.51 14.17 26.66
C LEU A 271 21.09 15.51 27.10
N GLN A 272 22.27 15.48 27.70
CA GLN A 272 22.91 16.71 28.16
C GLN A 272 23.28 17.65 27.03
N LEU A 273 23.88 17.14 25.97
CA LEU A 273 24.25 18.00 24.86
C LEU A 273 23.06 18.86 24.47
N ASN A 274 21.86 18.29 24.62
CA ASN A 274 20.64 19.00 24.29
C ASN A 274 20.35 20.15 25.26
N GLN A 275 20.25 19.83 26.54
CA GLN A 275 19.96 20.80 27.60
C GLN A 275 20.73 22.12 27.52
N GLY A 276 21.70 22.18 26.61
CA GLY A 276 22.46 23.39 26.42
C GLY A 276 21.80 24.31 25.41
N LEU A 277 21.42 23.74 24.27
CA LEU A 277 20.78 24.50 23.21
C LEU A 277 19.28 24.62 23.42
N GLN A 278 18.87 25.22 24.53
CA GLN A 278 17.46 25.38 24.84
C GLN A 278 16.96 26.82 24.69
N ASN A 279 17.87 27.78 24.82
CA ASN A 279 17.48 29.18 24.71
C ASN A 279 18.07 29.85 23.48
N ILE A 280 17.97 29.13 22.37
CA ILE A 280 18.42 29.59 21.08
C ILE A 280 17.32 30.51 20.54
N ALA A 281 17.67 31.45 19.66
CA ALA A 281 16.67 32.35 19.11
C ALA A 281 16.92 32.68 17.64
N PHE A 282 16.38 31.87 16.75
CA PHE A 282 16.54 32.11 15.33
C PHE A 282 15.17 32.13 14.68
N GLY A 283 14.76 33.33 14.23
CA GLY A 283 13.48 33.48 13.57
C GLY A 283 12.29 33.05 14.40
N GLN A 284 12.00 31.76 14.38
CA GLN A 284 10.88 31.24 15.15
C GLN A 284 11.32 29.95 15.80
N VAL A 285 12.62 29.67 15.68
CA VAL A 285 13.18 28.47 16.27
C VAL A 285 13.65 28.78 17.67
N LYS A 286 13.00 28.20 18.66
CA LYS A 286 13.38 28.41 20.05
C LYS A 286 14.11 27.20 20.60
N GLY A 287 14.45 26.25 19.73
CA GLY A 287 15.15 25.07 20.20
C GLY A 287 15.50 24.02 19.17
N VAL A 288 16.51 23.23 19.52
CA VAL A 288 17.00 22.15 18.68
C VAL A 288 17.15 20.94 19.60
N ARG A 289 17.02 19.74 19.06
CA ARG A 289 17.16 18.54 19.87
C ARG A 289 17.61 17.34 19.04
N LEU A 290 17.99 16.26 19.73
CA LEU A 290 18.40 15.04 19.06
C LEU A 290 17.57 13.89 19.59
N VAL A 291 16.49 13.57 18.89
CA VAL A 291 15.62 12.49 19.30
C VAL A 291 16.29 11.14 19.06
N VAL A 292 16.83 10.57 20.13
CA VAL A 292 17.50 9.29 20.05
C VAL A 292 16.43 8.22 20.20
N ASN A 293 16.19 7.47 19.13
CA ASN A 293 15.17 6.42 19.16
C ASN A 293 15.74 5.02 18.88
N ILE A 294 15.11 4.02 19.49
CA ILE A 294 15.53 2.64 19.33
C ILE A 294 14.70 1.95 18.25
N ARG A 295 15.29 1.77 17.07
CA ARG A 295 14.62 1.14 15.92
C ARG A 295 13.67 0.01 16.29
N ASP A 296 12.50 0.00 15.64
CA ASP A 296 11.52 -1.04 15.89
C ASP A 296 12.25 -2.36 15.77
N THR A 297 12.84 -2.57 14.60
CA THR A 297 13.58 -3.79 14.29
C THR A 297 14.50 -4.20 15.43
N HIS A 298 15.63 -3.50 15.52
CA HIS A 298 16.63 -3.76 16.53
C HIS A 298 16.09 -3.77 17.96
N SER A 299 15.05 -2.99 18.21
CA SER A 299 14.44 -2.90 19.54
C SER A 299 13.96 -4.27 20.01
N ILE A 300 13.29 -4.96 19.11
CA ILE A 300 12.73 -6.28 19.36
C ILE A 300 13.80 -7.30 19.75
N LEU A 301 15.00 -7.13 19.20
CA LEU A 301 16.10 -8.05 19.49
C LEU A 301 16.51 -8.00 20.95
N LEU A 302 16.72 -6.78 21.45
CA LEU A 302 17.15 -6.55 22.83
C LEU A 302 16.08 -6.89 23.85
N ASN A 303 14.84 -7.09 23.40
CA ASN A 303 13.75 -7.43 24.31
C ASN A 303 13.65 -8.95 24.32
N ALA A 304 14.12 -9.57 23.24
CA ALA A 304 14.11 -11.02 23.07
C ALA A 304 15.31 -11.65 23.76
N LEU A 305 16.49 -11.08 23.55
CA LEU A 305 17.70 -11.59 24.18
C LEU A 305 17.64 -11.25 25.66
N SER A 306 16.85 -10.23 25.99
CA SER A 306 16.71 -9.75 27.37
C SER A 306 16.18 -10.77 28.36
N ASP A 307 15.01 -11.34 28.09
CA ASP A 307 14.43 -12.31 29.02
C ASP A 307 14.06 -13.67 28.45
N GLN A 308 14.01 -13.78 27.13
CA GLN A 308 13.64 -15.04 26.49
C GLN A 308 14.82 -15.80 25.91
N HIS A 309 14.56 -17.02 25.44
CA HIS A 309 15.61 -17.86 24.86
C HIS A 309 15.10 -19.17 24.28
N GLU A 310 15.76 -19.61 23.21
CA GLU A 310 15.41 -20.85 22.52
C GLU A 310 16.37 -21.13 21.37
N GLN A 311 16.69 -22.41 21.18
CA GLN A 311 17.60 -22.85 20.12
C GLN A 311 18.84 -21.97 20.03
N SER A 322 29.82 -18.41 14.27
CA SER A 322 30.03 -17.16 14.99
C SER A 322 28.81 -16.86 15.83
N PHE A 323 28.97 -16.08 16.89
CA PHE A 323 27.81 -15.74 17.68
C PHE A 323 27.12 -14.63 16.90
N SER A 324 27.83 -14.15 15.89
CA SER A 324 27.34 -13.10 14.99
C SER A 324 26.27 -13.77 14.14
N GLU A 325 26.52 -15.05 13.86
CA GLU A 325 25.65 -15.90 13.07
C GLU A 325 24.34 -16.14 13.82
N ALA A 326 24.43 -16.64 15.05
CA ALA A 326 23.26 -16.91 15.88
C ALA A 326 22.30 -15.73 15.76
N LEU A 327 22.83 -14.53 15.99
CA LEU A 327 22.02 -13.34 15.90
C LEU A 327 21.36 -13.24 14.53
N ALA A 328 22.18 -13.33 13.47
CA ALA A 328 21.68 -13.25 12.10
C ALA A 328 20.44 -14.12 11.90
N MET A 329 20.23 -15.09 12.79
CA MET A 329 19.07 -15.97 12.70
C MET A 329 17.90 -15.43 13.53
N LEU A 330 18.19 -14.89 14.71
CA LEU A 330 17.15 -14.33 15.58
C LEU A 330 16.50 -13.12 14.88
N TYR A 331 17.28 -12.48 14.03
CA TYR A 331 16.81 -11.32 13.25
C TYR A 331 16.06 -11.93 12.08
N LYS A 332 16.41 -13.17 11.72
CA LYS A 332 15.76 -13.89 10.63
C LYS A 332 14.38 -14.42 11.03
N ARG A 333 13.86 -13.89 12.14
CA ARG A 333 12.54 -14.28 12.61
C ARG A 333 11.66 -13.05 12.42
N ILE A 334 12.09 -11.93 13.00
CA ILE A 334 11.38 -10.67 12.88
C ILE A 334 11.29 -10.36 11.39
N ASN A 335 10.10 -10.52 10.79
CA ASN A 335 9.95 -10.28 9.36
C ASN A 335 9.63 -8.86 8.91
N PRO A 336 10.55 -8.26 8.16
CA PRO A 336 10.45 -6.90 7.64
C PRO A 336 10.12 -6.87 6.14
N HIS A 337 10.74 -5.90 5.46
CA HIS A 337 10.59 -5.68 4.01
C HIS A 337 11.87 -6.18 3.31
N ILE A 338 12.88 -5.31 3.23
CA ILE A 338 14.17 -5.62 2.60
C ILE A 338 14.78 -6.89 3.23
N GLU A 339 15.18 -7.83 2.38
CA GLU A 339 15.75 -9.08 2.90
C GLU A 339 16.77 -9.69 1.96
N LEU A 340 18.05 -9.61 2.34
CA LEU A 340 19.14 -10.16 1.53
C LEU A 340 19.25 -11.67 1.72
N ARG A 343 22.39 -13.25 3.11
CA ARG A 343 23.57 -12.49 3.47
C ARG A 343 24.48 -13.30 4.38
N MET A 344 25.72 -12.86 4.52
CA MET A 344 26.68 -13.55 5.36
C MET A 344 26.33 -13.37 6.83
N PRO A 345 26.29 -14.49 7.58
CA PRO A 345 25.97 -14.52 9.02
C PRO A 345 26.83 -13.66 9.94
N GLN A 346 28.09 -13.46 9.59
CA GLN A 346 28.98 -12.66 10.43
C GLN A 346 29.09 -11.18 10.02
N THR A 347 28.52 -10.82 8.87
CA THR A 347 28.54 -9.44 8.43
C THR A 347 27.29 -8.86 9.08
N ILE A 348 26.33 -9.74 9.33
CA ILE A 348 25.06 -9.38 9.96
C ILE A 348 25.27 -9.21 11.45
N GLY A 349 25.76 -10.27 12.10
CA GLY A 349 26.01 -10.21 13.53
C GLY A 349 26.95 -9.06 13.82
N GLU A 350 27.90 -8.85 12.90
CA GLU A 350 28.88 -7.78 13.03
C GLU A 350 28.12 -6.45 13.09
N GLU A 351 27.07 -6.34 12.28
CA GLU A 351 26.27 -5.13 12.24
C GLU A 351 25.36 -5.05 13.46
N LEU A 352 25.16 -6.17 14.14
CA LEU A 352 24.31 -6.18 15.33
C LEU A 352 25.14 -6.21 16.60
N LEU A 353 26.37 -5.71 16.50
CA LEU A 353 27.29 -5.63 17.63
C LEU A 353 27.79 -4.19 17.68
N ASP A 354 27.35 -3.41 16.68
CA ASP A 354 27.69 -1.99 16.56
C ASP A 354 26.46 -1.31 17.14
N TYR A 355 26.47 -1.10 18.45
CA TYR A 355 25.34 -0.50 19.15
C TYR A 355 24.66 0.62 18.36
N ARG A 356 25.46 1.35 17.59
CA ARG A 356 24.98 2.47 16.78
C ARG A 356 23.94 2.10 15.71
N ASN A 357 24.08 0.93 15.12
CA ASN A 357 23.14 0.49 14.09
C ASN A 357 21.81 0.17 14.73
N TYR A 358 21.79 0.19 16.06
CA TYR A 358 20.57 -0.09 16.80
C TYR A 358 19.73 1.18 16.92
N LEU A 359 20.40 2.31 16.99
CA LEU A 359 19.70 3.58 17.13
C LEU A 359 19.50 4.29 15.80
N ASP A 360 18.55 5.22 15.79
CA ASP A 360 18.27 6.04 14.62
C ASP A 360 17.96 7.43 15.13
N LEU A 361 18.91 8.33 14.90
CA LEU A 361 18.80 9.71 15.36
C LEU A 361 17.91 10.58 14.47
N GLU A 362 17.49 11.71 15.03
CA GLU A 362 16.62 12.65 14.32
C GLU A 362 16.83 14.04 14.94
N VAL A 363 16.90 15.07 14.10
CA VAL A 363 17.09 16.43 14.60
C VAL A 363 15.77 17.19 14.52
N GLU A 364 15.38 17.78 15.64
CA GLU A 364 14.12 18.53 15.73
C GLU A 364 14.26 19.97 16.23
N THR A 365 13.47 20.86 15.64
CA THR A 365 13.47 22.27 15.98
C THR A 365 12.17 22.65 16.67
N LEU A 366 12.21 23.81 17.33
CA LEU A 366 11.06 24.32 18.05
C LEU A 366 10.40 25.50 17.35
N ARG A 367 9.13 25.72 17.67
CA ARG A 367 8.36 26.81 17.10
C ARG A 367 7.17 27.17 18.01
N GLY A 368 6.67 28.39 17.90
CA GLY A 368 5.51 28.77 18.68
C GLY A 368 4.37 27.92 18.16
N ALA A 369 4.54 27.46 16.92
CA ALA A 369 3.55 26.60 16.27
C ALA A 369 3.50 25.28 17.02
N TYR A 370 3.49 24.18 16.29
CA TYR A 370 3.45 22.85 16.90
C TYR A 370 4.77 22.60 17.65
N GLY A 371 5.63 23.61 17.65
CA GLY A 371 6.90 23.52 18.35
C GLY A 371 7.84 22.42 17.91
N TRP A 372 7.94 21.38 18.73
CA TRP A 372 8.82 20.24 18.44
C TRP A 372 8.45 19.51 17.16
N MET A 373 9.13 19.86 16.07
CA MET A 373 8.90 19.25 14.77
C MET A 373 10.25 18.88 14.17
N ARG A 374 10.32 17.77 13.43
CA ARG A 374 11.58 17.38 12.81
C ARG A 374 12.04 18.52 11.94
N ALA A 375 13.29 18.94 12.12
CA ALA A 375 13.84 20.03 11.31
C ALA A 375 13.58 19.67 9.86
N GLU A 376 13.57 20.68 8.98
CA GLU A 376 13.36 20.44 7.56
C GLU A 376 13.79 21.66 6.75
N SER A 377 14.83 21.48 5.95
CA SER A 377 15.33 22.58 5.14
C SER A 377 14.14 23.28 4.48
N SER A 378 13.33 22.51 3.77
CA SER A 378 12.15 23.03 3.07
C SER A 378 11.14 23.70 4.01
N ALA A 379 11.48 23.78 5.29
CA ALA A 379 10.59 24.38 6.27
C ALA A 379 11.14 25.67 6.85
N LEU A 380 12.27 25.57 7.54
CA LEU A 380 12.89 26.73 8.16
C LEU A 380 13.39 27.74 7.14
N SER A 381 13.38 29.04 7.49
CA SER A 381 13.84 30.08 6.58
C SER A 381 15.36 30.12 6.60
N THR A 382 15.91 30.91 5.68
CA THR A 382 17.36 31.06 5.57
C THR A 382 18.05 31.16 6.93
N GLY A 383 17.59 32.09 7.75
CA GLY A 383 18.18 32.25 9.07
C GLY A 383 18.02 31.01 9.93
N GLU A 384 16.77 30.63 10.18
CA GLU A 384 16.47 29.47 11.00
C GLU A 384 17.40 28.35 10.60
N ALA A 385 17.45 28.09 9.30
CA ALA A 385 18.31 27.04 8.77
C ALA A 385 19.70 27.08 9.38
N ILE A 386 20.43 28.18 9.13
CA ILE A 386 21.78 28.31 9.63
C ILE A 386 21.86 28.12 11.13
N GLY A 387 20.94 28.77 11.85
CA GLY A 387 20.91 28.65 13.30
C GLY A 387 20.89 27.21 13.74
N THR A 388 19.98 26.43 13.15
CA THR A 388 19.86 25.01 13.49
C THR A 388 21.13 24.31 13.03
N GLY A 389 21.44 24.47 11.74
CA GLY A 389 22.62 23.85 11.17
C GLY A 389 23.81 24.06 12.08
N MET A 390 24.02 25.30 12.48
CA MET A 390 25.12 25.66 13.36
C MET A 390 25.07 24.87 14.66
N SER A 391 23.87 24.69 15.20
CA SER A 391 23.66 23.97 16.45
C SER A 391 24.24 22.56 16.37
N ILE A 392 23.73 21.78 15.42
CA ILE A 392 24.16 20.42 15.24
C ILE A 392 25.68 20.30 15.18
N LEU A 393 26.34 21.19 14.45
CA LEU A 393 27.78 21.11 14.36
C LEU A 393 28.41 21.12 15.75
N LEU A 394 27.72 21.73 16.72
CA LEU A 394 28.22 21.78 18.09
C LEU A 394 28.10 20.41 18.70
N MET A 395 27.03 19.71 18.35
CA MET A 395 26.78 18.37 18.83
C MET A 395 27.97 17.54 18.37
N VAL A 396 28.33 17.77 17.12
CA VAL A 396 29.43 17.10 16.47
C VAL A 396 30.70 17.33 17.28
N VAL A 397 31.18 18.56 17.26
CA VAL A 397 32.39 18.95 17.98
C VAL A 397 32.35 18.52 19.44
N GLN A 398 31.28 18.90 20.15
CA GLN A 398 31.14 18.53 21.55
C GLN A 398 31.32 17.02 21.68
N SER A 399 30.50 16.28 20.94
CA SER A 399 30.57 14.83 20.98
C SER A 399 31.97 14.36 20.63
N TRP A 400 32.55 14.91 19.57
CA TRP A 400 33.90 14.51 19.17
C TRP A 400 34.89 14.75 20.32
N GLU A 401 34.99 16.00 20.75
CA GLU A 401 35.90 16.35 21.84
C GLU A 401 35.92 15.25 22.87
N GLU A 402 34.76 15.02 23.48
CA GLU A 402 34.62 14.01 24.51
C GLU A 402 34.96 12.62 23.96
N GLU A 403 34.64 12.38 22.70
CA GLU A 403 34.91 11.10 22.08
C GLU A 403 36.38 10.67 22.16
N SER A 404 37.26 11.60 22.52
CA SER A 404 38.69 11.26 22.61
C SER A 404 39.48 11.84 23.78
N ARG A 405 38.81 12.13 24.89
CA ARG A 405 39.51 12.65 26.07
C ARG A 405 40.41 11.52 26.57
N ARG A 406 40.13 10.33 26.07
CA ARG A 406 40.87 9.14 26.44
C ARG A 406 42.29 9.15 25.90
N MET A 407 42.41 9.30 24.59
CA MET A 407 43.72 9.32 23.95
C MET A 407 44.25 10.73 23.78
N ARG A 408 44.40 11.44 24.91
CA ARG A 408 44.90 12.80 24.91
C ARG A 408 45.23 13.24 26.34
N ALA A 409 46.25 14.08 26.50
CA ALA A 409 46.65 14.56 27.82
C ALA A 409 45.45 15.13 28.57
N LYS A 410 45.27 14.73 29.83
CA LYS A 410 44.16 15.20 30.64
C LYS A 410 44.26 16.68 30.99
N ASP A 411 45.41 17.28 30.73
CA ASP A 411 45.61 18.71 31.03
C ASP A 411 45.18 19.63 29.90
N ILE A 412 45.08 19.08 28.69
CA ILE A 412 44.70 19.85 27.50
C ILE A 412 43.21 19.73 27.16
N LEU A 413 42.64 20.85 26.68
CA LEU A 413 41.24 20.91 26.29
C LEU A 413 41.16 21.48 24.88
N PRO A 414 41.09 20.60 23.88
CA PRO A 414 41.02 20.97 22.47
C PRO A 414 40.28 22.27 22.18
N CYS A 415 40.74 22.96 21.13
CA CYS A 415 40.16 24.21 20.72
C CYS A 415 39.01 23.95 19.75
N ARG A 416 37.91 24.63 19.95
CA ARG A 416 36.75 24.46 19.10
C ARG A 416 36.43 25.76 18.38
N LEU A 417 36.13 25.67 17.08
CA LEU A 417 35.82 26.85 16.28
C LEU A 417 35.17 26.47 14.94
N LEU A 418 34.20 27.27 14.52
CA LEU A 418 33.48 27.06 13.27
C LEU A 418 33.57 28.28 12.36
N PHE A 419 32.66 28.36 11.39
CA PHE A 419 32.64 29.48 10.45
C PHE A 419 31.22 29.90 10.16
N LEU A 420 31.08 30.93 9.32
CA LEU A 420 29.78 31.44 8.93
C LEU A 420 29.88 32.58 7.92
N ASP A 421 30.16 32.22 6.66
CA ASP A 421 30.30 33.23 5.62
C ASP A 421 28.91 33.79 5.26
N GLN A 422 28.84 35.09 5.02
CA GLN A 422 27.58 35.75 4.68
C GLN A 422 26.63 35.80 5.85
N ALA A 423 27.17 35.99 7.06
CA ALA A 423 26.33 36.04 8.26
C ALA A 423 25.34 37.20 8.20
N ALA A 424 25.42 37.97 7.12
CA ALA A 424 24.53 39.11 6.91
C ALA A 424 23.09 38.62 6.83
N ARG A 425 22.94 37.33 6.60
CA ARG A 425 21.63 36.72 6.49
C ARG A 425 20.98 36.60 7.86
N LEU A 426 21.76 36.82 8.93
CA LEU A 426 21.20 36.75 10.29
C LEU A 426 20.98 38.14 10.86
N ASP A 427 19.81 38.32 11.49
CA ASP A 427 19.47 39.60 12.08
C ASP A 427 20.09 39.69 13.47
N ALA A 428 19.98 40.85 14.08
CA ALA A 428 20.52 41.11 15.41
C ALA A 428 20.26 39.97 16.40
N MET A 429 18.99 39.76 16.71
CA MET A 429 18.60 38.71 17.64
C MET A 429 19.33 37.44 17.26
N SER A 430 19.22 37.04 16.00
CA SER A 430 19.85 35.83 15.49
C SER A 430 21.35 35.81 15.72
N ILE A 431 22.00 36.95 15.49
CA ILE A 431 23.44 37.00 15.68
C ILE A 431 23.77 37.01 17.17
N ASN A 432 23.05 37.80 17.94
CA ASN A 432 23.29 37.85 19.38
C ASN A 432 23.39 36.43 19.93
N THR A 433 22.34 35.65 19.73
CA THR A 433 22.29 34.28 20.21
C THR A 433 23.56 33.51 19.87
N LEU A 434 24.01 33.60 18.63
CA LEU A 434 25.23 32.92 18.24
C LEU A 434 26.34 33.27 19.24
N PHE A 435 26.59 34.57 19.40
CA PHE A 435 27.61 35.06 20.33
C PHE A 435 27.46 34.40 21.69
N GLU A 436 26.31 34.64 22.31
CA GLU A 436 25.98 34.09 23.62
C GLU A 436 26.34 32.61 23.74
N LEU A 437 26.24 31.89 22.63
CA LEU A 437 26.55 30.47 22.61
C LEU A 437 28.02 30.18 22.90
N CYS A 438 28.93 30.90 22.25
CA CYS A 438 30.34 30.66 22.50
C CYS A 438 30.62 30.84 23.97
N GLU A 439 30.01 31.88 24.55
CA GLU A 439 30.21 32.12 25.97
C GLU A 439 29.50 31.06 26.77
N ARG A 440 28.95 30.07 26.08
CA ARG A 440 28.27 28.95 26.71
C ARG A 440 28.98 27.66 26.35
N LEU A 441 29.62 27.67 25.20
CA LEU A 441 30.33 26.49 24.75
C LEU A 441 31.83 26.72 24.63
N ASP A 442 32.34 27.68 25.39
CA ASP A 442 33.77 27.99 25.38
C ASP A 442 34.31 27.77 23.98
N MET A 443 33.94 28.65 23.05
CA MET A 443 34.38 28.50 21.67
C MET A 443 34.64 29.79 20.91
N GLN A 444 35.22 29.67 19.72
CA GLN A 444 35.52 30.80 18.84
C GLN A 444 34.81 30.64 17.49
N LEU A 445 34.34 31.75 16.93
CA LEU A 445 33.64 31.73 15.65
C LEU A 445 34.11 32.79 14.65
N LEU A 446 34.56 32.34 13.48
CA LEU A 446 35.02 33.25 12.45
C LEU A 446 33.87 33.51 11.48
N ILE A 447 33.43 34.76 11.39
CA ILE A 447 32.34 35.10 10.49
C ILE A 447 32.78 36.05 9.40
N ALA A 448 31.87 36.34 8.47
CA ALA A 448 32.16 37.23 7.36
C ALA A 448 30.89 37.82 6.76
N ALA A 449 30.71 39.11 6.92
CA ALA A 449 29.54 39.79 6.41
C ALA A 449 29.91 40.96 5.50
N PRO A 450 29.63 40.83 4.20
CA PRO A 450 29.95 41.90 3.25
C PRO A 450 29.33 43.20 3.74
N GLU A 451 28.32 43.04 4.59
CA GLU A 451 27.59 44.17 5.17
C GLU A 451 28.56 45.17 5.76
N ASN A 452 28.21 46.45 5.67
CA ASN A 452 29.02 47.53 6.22
C ASN A 452 28.81 47.64 7.73
N ILE A 453 27.74 47.02 8.22
CA ILE A 453 27.40 47.03 9.65
C ILE A 453 27.81 45.73 10.34
N SER A 454 28.85 45.81 11.16
CA SER A 454 29.32 44.66 11.91
C SER A 454 29.02 44.98 13.37
N PRO A 455 28.94 43.96 14.23
CA PRO A 455 28.66 44.19 15.65
C PRO A 455 29.63 45.17 16.29
N GLU A 456 29.98 44.88 17.54
CA GLU A 456 30.92 45.73 18.27
C GLU A 456 31.61 44.88 19.33
N ARG A 457 31.02 43.73 19.61
CA ARG A 457 31.55 42.81 20.59
C ARG A 457 32.70 42.02 19.98
N GLY A 458 33.91 42.58 20.05
CA GLY A 458 35.06 41.88 19.50
C GLY A 458 35.76 42.60 18.36
N THR A 459 37.07 42.37 18.25
CA THR A 459 37.86 43.00 17.21
C THR A 459 37.18 42.73 15.87
N THR A 460 37.33 43.65 14.94
CA THR A 460 36.73 43.52 13.61
C THR A 460 37.68 44.08 12.54
N TYR A 461 37.76 43.39 11.40
CA TYR A 461 38.64 43.83 10.32
C TYR A 461 37.83 44.28 9.11
N LYS A 462 38.35 45.30 8.43
CA LYS A 462 37.71 45.86 7.23
C LYS A 462 38.69 45.73 6.08
N LEU A 463 38.25 45.12 4.98
CA LEU A 463 39.12 44.94 3.83
C LEU A 463 38.58 45.65 2.60
N VAL A 464 39.49 46.30 1.86
CA VAL A 464 39.13 47.04 0.65
C VAL A 464 40.15 46.79 -0.47
N ARG A 465 39.73 46.10 -1.52
CA ARG A 465 40.60 45.80 -2.64
C ARG A 465 40.51 46.85 -3.74
N LYS A 466 41.67 47.30 -4.22
CA LYS A 466 41.74 48.29 -5.29
C LYS A 466 42.83 47.93 -6.29
N ILE A 467 42.64 48.36 -7.55
CA ILE A 467 43.59 48.07 -8.63
C ILE A 467 44.89 48.88 -8.47
N LEU A 468 46.03 48.20 -8.61
CA LEU A 468 47.33 48.86 -8.51
C LEU A 468 48.33 48.19 -9.44
N ALA A 469 48.66 48.88 -10.53
CA ALA A 469 49.58 48.37 -11.53
C ALA A 469 48.93 47.16 -12.18
N ASN A 470 47.60 47.12 -12.09
CA ASN A 470 46.82 46.02 -12.65
C ASN A 470 47.10 44.74 -11.87
N GLN A 471 47.65 44.90 -10.68
CA GLN A 471 47.97 43.78 -9.79
C GLN A 471 47.00 43.81 -8.60
N GLU A 472 46.25 42.72 -8.44
CA GLU A 472 45.26 42.59 -7.35
C GLU A 472 45.83 43.02 -6.00
N TYR A 473 45.27 44.07 -5.42
CA TYR A 473 45.75 44.55 -4.12
C TYR A 473 44.65 44.83 -3.12
N VAL A 474 44.86 44.38 -1.89
CA VAL A 474 43.88 44.57 -0.82
C VAL A 474 44.42 45.27 0.41
N HIS A 475 43.79 46.40 0.75
CA HIS A 475 44.15 47.24 1.90
C HIS A 475 43.44 46.69 3.15
N VAL A 476 44.21 46.26 4.15
CA VAL A 476 43.63 45.71 5.36
C VAL A 476 43.71 46.66 6.56
N VAL A 477 42.56 47.09 7.05
CA VAL A 477 42.47 48.00 8.18
C VAL A 477 41.40 47.50 9.16
N GLY A 478 41.50 47.87 10.43
CA GLY A 478 40.53 47.44 11.41
C GLY A 478 39.55 48.54 11.81
N LEU A 479 38.45 48.18 12.47
CA LEU A 479 37.46 49.16 12.89
C LEU A 479 36.84 48.78 14.24
N ILE B 4 6.31 54.97 -25.97
CA ILE B 4 5.90 53.54 -25.94
C ILE B 4 5.64 53.10 -24.48
N ALA B 5 4.37 52.90 -24.14
CA ALA B 5 3.98 52.51 -22.78
C ALA B 5 4.37 51.08 -22.39
N ARG B 6 4.77 50.88 -21.13
CA ARG B 6 5.17 49.56 -20.62
C ARG B 6 4.51 49.14 -19.31
N GLY B 7 3.78 48.03 -19.35
CA GLY B 7 3.07 47.54 -18.18
C GLY B 7 3.90 47.27 -16.93
N LYS B 8 3.26 47.39 -15.77
CA LYS B 8 3.92 47.18 -14.49
C LYS B 8 2.97 46.54 -13.47
N PHE B 9 3.51 45.70 -12.59
CA PHE B 9 2.68 45.07 -11.56
C PHE B 9 2.46 46.09 -10.47
N ARG B 10 1.30 46.04 -9.81
CA ARG B 10 1.00 47.00 -8.75
C ARG B 10 0.78 46.38 -7.38
N SER B 11 0.31 45.13 -7.32
CA SER B 11 0.05 44.51 -6.04
C SER B 11 -0.09 43.00 -6.04
N LEU B 12 0.69 42.36 -5.18
CA LEU B 12 0.64 40.92 -5.04
C LEU B 12 -0.02 40.67 -3.69
N THR B 13 -1.34 40.72 -3.65
CA THR B 13 -2.03 40.51 -2.40
C THR B 13 -2.26 39.04 -2.11
N LEU B 14 -1.75 38.60 -0.97
CA LEU B 14 -1.90 37.22 -0.55
C LEU B 14 -3.07 37.12 0.40
N ILE B 15 -3.81 36.02 0.33
CA ILE B 15 -4.96 35.85 1.20
C ILE B 15 -4.92 34.56 1.99
N ASN B 16 -5.21 34.70 3.28
CA ASN B 16 -5.22 33.61 4.23
C ASN B 16 -4.00 32.68 4.09
N TRP B 17 -2.83 33.30 3.99
CA TRP B 17 -1.55 32.59 3.89
C TRP B 17 -0.92 32.51 5.29
N ASN B 18 0.28 31.95 5.39
CA ASN B 18 0.97 31.82 6.67
C ASN B 18 1.36 33.17 7.24
N GLY B 19 0.66 33.60 8.29
CA GLY B 19 0.97 34.88 8.91
C GLY B 19 0.42 36.05 8.13
N PHE B 20 -0.19 35.77 6.98
CA PHE B 20 -0.76 36.82 6.14
C PHE B 20 -2.22 36.50 5.86
N PHE B 21 -3.10 37.34 6.39
CA PHE B 21 -4.54 37.17 6.24
C PHE B 21 -4.95 37.92 4.97
N ALA B 22 -5.04 39.23 5.10
CA ALA B 22 -5.40 40.08 3.98
C ALA B 22 -4.37 41.20 3.98
N ARG B 23 -3.21 40.92 3.39
CA ARG B 23 -2.15 41.90 3.31
C ARG B 23 -1.76 42.10 1.84
N THR B 24 -1.99 43.31 1.35
CA THR B 24 -1.69 43.69 -0.02
C THR B 24 -0.23 44.07 -0.10
N PHE B 25 0.36 44.00 -1.29
CA PHE B 25 1.76 44.38 -1.47
C PHE B 25 1.94 45.26 -2.70
N ASP B 26 2.01 46.57 -2.46
CA ASP B 26 2.17 47.56 -3.51
C ASP B 26 3.59 47.63 -4.04
N PHE B 27 3.75 47.37 -5.33
CA PHE B 27 5.05 47.38 -5.98
C PHE B 27 5.38 48.74 -6.56
N ASP B 28 6.61 49.16 -6.34
CA ASP B 28 7.08 50.45 -6.82
C ASP B 28 7.46 50.37 -8.30
N GLU B 29 7.52 51.52 -8.95
CA GLU B 29 7.86 51.58 -10.37
C GLU B 29 9.20 50.90 -10.66
N LEU B 30 10.05 50.84 -9.65
CA LEU B 30 11.36 50.21 -9.80
C LEU B 30 11.66 49.13 -8.76
N VAL B 31 12.11 49.54 -7.58
CA VAL B 31 12.45 48.60 -6.52
C VAL B 31 11.47 48.49 -5.38
N THR B 32 11.27 47.26 -4.92
CA THR B 32 10.37 46.94 -3.81
C THR B 32 11.17 46.09 -2.84
N THR B 33 11.64 46.73 -1.76
CA THR B 33 12.45 46.07 -0.75
C THR B 33 11.67 45.56 0.45
N LEU B 34 11.77 44.26 0.73
CA LEU B 34 11.09 43.66 1.87
C LEU B 34 12.04 43.65 3.06
N SER B 35 11.83 44.60 3.98
CA SER B 35 12.67 44.72 5.17
C SER B 35 12.12 43.85 6.29
N GLY B 36 12.98 43.35 7.16
CA GLY B 36 12.50 42.54 8.25
C GLY B 36 13.55 41.71 8.97
N GLY B 37 13.12 40.97 9.99
CA GLY B 37 14.01 40.12 10.75
C GLY B 37 13.94 38.68 10.26
N ASN B 38 14.78 37.80 10.82
CA ASN B 38 14.81 36.39 10.42
C ASN B 38 13.44 35.73 10.58
N GLY B 39 13.14 34.78 9.70
CA GLY B 39 11.86 34.08 9.77
C GLY B 39 10.64 34.99 9.84
N ALA B 40 10.69 36.07 9.06
CA ALA B 40 9.61 37.05 9.00
C ALA B 40 8.53 36.62 8.03
N GLY B 41 8.74 36.92 6.76
CA GLY B 41 7.75 36.56 5.76
C GLY B 41 8.17 37.09 4.41
N LYS B 42 9.39 37.61 4.34
CA LYS B 42 9.91 38.15 3.12
C LYS B 42 9.85 37.14 1.98
N SER B 43 10.70 36.12 2.06
CA SER B 43 10.74 35.08 1.04
C SER B 43 9.37 34.56 0.66
N THR B 44 8.61 34.07 1.64
CA THR B 44 7.28 33.52 1.39
C THR B 44 6.40 34.49 0.60
N THR B 45 6.49 35.76 0.92
CA THR B 45 5.70 36.76 0.21
C THR B 45 5.95 36.60 -1.28
N MET B 46 7.21 36.39 -1.65
CA MET B 46 7.58 36.19 -3.03
C MET B 46 7.09 34.82 -3.47
N ALA B 47 7.13 33.87 -2.55
CA ALA B 47 6.66 32.52 -2.83
C ALA B 47 5.29 32.65 -3.45
N GLY B 48 4.43 33.40 -2.78
CA GLY B 48 3.08 33.62 -3.27
C GLY B 48 3.09 34.20 -4.66
N PHE B 49 4.04 35.10 -4.90
CA PHE B 49 4.18 35.74 -6.20
C PHE B 49 4.51 34.64 -7.21
N VAL B 50 5.69 34.05 -7.06
CA VAL B 50 6.11 32.99 -7.96
C VAL B 50 4.91 32.13 -8.36
N THR B 51 4.17 31.66 -7.35
CA THR B 51 2.99 30.83 -7.55
C THR B 51 1.97 31.43 -8.50
N ALA B 52 1.61 32.69 -8.25
CA ALA B 52 0.64 33.40 -9.08
C ALA B 52 0.98 33.38 -10.57
N LEU B 53 2.24 33.15 -10.89
CA LEU B 53 2.67 33.09 -12.29
C LEU B 53 2.66 31.66 -12.77
N ILE B 54 3.52 30.85 -12.17
CA ILE B 54 3.65 29.43 -12.52
C ILE B 54 2.91 28.58 -11.48
N PRO B 55 1.59 28.40 -11.67
CA PRO B 55 0.81 27.60 -10.72
C PRO B 55 1.03 26.11 -10.98
N ASP B 56 2.02 25.81 -11.82
CA ASP B 56 2.35 24.43 -12.14
C ASP B 56 3.18 23.84 -11.01
N LEU B 57 2.58 22.93 -10.27
CA LEU B 57 3.23 22.27 -9.15
C LEU B 57 4.48 21.49 -9.54
N THR B 58 4.46 20.91 -10.73
CA THR B 58 5.60 20.13 -11.23
C THR B 58 6.93 20.85 -11.00
N LEU B 59 6.98 22.11 -11.41
CA LEU B 59 8.18 22.93 -11.29
C LEU B 59 8.30 23.66 -9.96
N LEU B 60 7.16 24.05 -9.40
CA LEU B 60 7.15 24.78 -8.12
C LEU B 60 7.82 24.00 -7.00
N ASN B 61 8.99 24.48 -6.59
CA ASN B 61 9.77 23.85 -5.53
C ASN B 61 10.56 24.92 -4.79
N PHE B 62 10.10 25.30 -3.61
CA PHE B 62 10.74 26.33 -2.82
C PHE B 62 11.75 25.77 -1.83
N ARG B 63 12.94 25.46 -2.32
CA ARG B 63 14.01 24.93 -1.47
C ARG B 63 14.37 26.01 -0.47
N ASN B 64 15.61 25.95 0.01
CA ASN B 64 16.10 26.93 0.95
C ASN B 64 17.33 27.60 0.37
N THR B 65 17.50 28.88 0.68
CA THR B 65 18.65 29.60 0.17
C THR B 65 19.97 29.00 0.65
N THR B 66 19.91 27.81 1.27
CA THR B 66 21.12 27.13 1.73
C THR B 66 21.34 25.91 0.84
N GLU B 67 20.56 25.84 -0.24
CA GLU B 67 20.65 24.75 -1.21
C GLU B 67 20.21 25.28 -2.58
N ALA B 68 21.16 25.54 -3.47
CA ALA B 68 20.82 26.08 -4.79
C ALA B 68 21.11 25.13 -5.95
N GLY B 69 22.04 24.20 -5.74
CA GLY B 69 22.36 23.25 -6.80
C GLY B 69 21.83 21.88 -6.42
N SER B 70 20.85 21.87 -5.52
CA SER B 70 20.26 20.63 -5.02
C SER B 70 19.39 19.84 -6.01
N THR B 71 20.02 18.98 -6.79
CA THR B 71 19.29 18.15 -7.74
C THR B 71 18.79 16.92 -7.00
N SER B 72 18.02 17.17 -5.94
CA SER B 72 17.45 16.13 -5.10
C SER B 72 15.98 16.44 -4.87
N SER B 73 15.20 16.40 -5.94
CA SER B 73 13.77 16.69 -5.87
C SER B 73 12.99 15.54 -5.26
N ASP B 76 8.85 16.24 0.24
CA ASP B 76 8.44 17.48 0.88
C ASP B 76 8.61 18.66 -0.10
N LYS B 77 7.94 19.77 0.15
CA LYS B 77 8.02 20.92 -0.73
C LYS B 77 8.09 22.23 0.05
N GLY B 78 7.72 23.34 -0.58
CA GLY B 78 7.76 24.62 0.11
C GLY B 78 6.43 25.33 0.08
N LEU B 79 5.63 25.03 -0.92
CA LEU B 79 4.34 25.68 -1.10
C LEU B 79 3.20 25.42 -0.11
N TYR B 80 3.11 24.23 0.46
CA TYR B 80 2.01 23.93 1.39
C TYR B 80 1.90 24.81 2.63
N GLY B 81 2.88 24.69 3.53
CA GLY B 81 2.86 25.44 4.77
C GLY B 81 2.44 26.90 4.70
N LYS B 82 3.12 27.67 3.88
CA LYS B 82 2.84 29.10 3.77
C LYS B 82 1.38 29.50 3.58
N LEU B 83 0.47 28.54 3.69
CA LEU B 83 -0.97 28.78 3.57
C LEU B 83 -1.65 28.16 4.78
N LYS B 84 -2.74 28.77 5.24
CA LYS B 84 -3.45 28.25 6.40
C LYS B 84 -4.68 27.45 5.96
N ALA B 85 -5.54 27.10 6.92
CA ALA B 85 -6.76 26.34 6.65
C ALA B 85 -7.88 27.21 6.07
N GLY B 86 -8.65 26.67 5.13
CA GLY B 86 -9.72 27.45 4.53
C GLY B 86 -9.35 27.83 3.11
N VAL B 87 -9.86 28.97 2.61
CA VAL B 87 -9.54 29.38 1.25
C VAL B 87 -8.51 30.51 1.20
N CYS B 88 -7.52 30.36 0.32
CA CYS B 88 -6.45 31.34 0.17
C CYS B 88 -6.28 31.80 -1.29
N TYR B 89 -5.40 32.78 -1.50
CA TYR B 89 -5.16 33.32 -2.82
C TYR B 89 -3.76 33.88 -3.00
N ALA B 90 -3.48 34.28 -4.23
CA ALA B 90 -2.22 34.89 -4.60
C ALA B 90 -2.58 35.55 -5.91
N VAL B 91 -2.68 36.88 -5.89
CA VAL B 91 -3.08 37.61 -7.09
C VAL B 91 -2.12 38.74 -7.49
N LEU B 92 -2.20 39.12 -8.76
CA LEU B 92 -1.35 40.17 -9.30
C LEU B 92 -2.12 41.32 -9.97
N GLU B 93 -1.70 42.54 -9.70
CA GLU B 93 -2.34 43.73 -10.27
C GLU B 93 -1.45 44.25 -11.41
N THR B 94 -1.99 44.34 -12.61
CA THR B 94 -1.18 44.81 -13.73
C THR B 94 -1.63 46.13 -14.34
N VAL B 95 -0.65 46.88 -14.82
CA VAL B 95 -0.92 48.15 -15.46
C VAL B 95 -0.51 47.98 -16.90
N ASN B 96 -1.40 47.37 -17.67
CA ASN B 96 -1.15 47.11 -19.08
C ASN B 96 -0.81 48.38 -19.81
N SER B 97 0.07 48.26 -20.80
CA SER B 97 0.50 49.41 -21.60
C SER B 97 -0.71 50.17 -22.16
N ARG B 98 -1.88 49.58 -21.96
CA ARG B 98 -3.13 50.18 -22.43
C ARG B 98 -3.89 50.71 -21.21
N ALA B 99 -3.16 50.93 -20.11
CA ALA B 99 -3.74 51.43 -18.87
C ALA B 99 -4.91 50.56 -18.44
N GLN B 100 -4.77 49.27 -18.68
CA GLN B 100 -5.81 48.32 -18.31
C GLN B 100 -5.44 47.57 -17.05
N ARG B 101 -6.27 47.74 -16.02
CA ARG B 101 -6.04 47.04 -14.76
C ARG B 101 -6.28 45.56 -15.05
N ILE B 102 -5.42 44.70 -14.51
CA ILE B 102 -5.55 43.25 -14.72
C ILE B 102 -5.37 42.51 -13.40
N ILE B 103 -6.29 41.59 -13.13
CA ILE B 103 -6.22 40.82 -11.90
C ILE B 103 -5.98 39.34 -12.21
N THR B 104 -4.71 38.99 -12.41
CA THR B 104 -4.31 37.61 -12.68
C THR B 104 -3.95 37.00 -11.34
N GLY B 105 -4.72 36.00 -10.92
CA GLY B 105 -4.44 35.37 -9.64
C GLY B 105 -4.64 33.87 -9.61
N VAL B 106 -4.16 33.28 -8.51
CA VAL B 106 -4.24 31.84 -8.27
C VAL B 106 -5.02 31.61 -6.98
N ARG B 107 -5.93 30.65 -6.98
CA ARG B 107 -6.70 30.35 -5.79
C ARG B 107 -6.10 29.09 -5.20
N LEU B 108 -5.96 29.04 -3.88
CA LEU B 108 -5.40 27.85 -3.23
C LEU B 108 -6.28 27.36 -2.09
N GLN B 109 -6.05 26.12 -1.67
CA GLN B 109 -6.80 25.50 -0.58
C GLN B 109 -6.12 24.19 -0.28
N GLN B 110 -5.76 23.98 0.98
CA GLN B 110 -5.09 22.76 1.38
C GLN B 110 -5.93 21.55 1.01
N ILE B 111 -5.42 20.37 1.32
CA ILE B 111 -6.13 19.14 1.01
C ILE B 111 -5.98 18.15 2.15
N ALA B 112 -6.94 17.24 2.25
CA ALA B 112 -6.96 16.21 3.29
C ALA B 112 -5.58 15.99 3.92
N GLY B 113 -5.51 16.24 5.23
CA GLY B 113 -4.27 16.08 5.96
C GLY B 113 -3.83 14.63 6.10
N ARG B 114 -3.03 14.19 5.13
CA ARG B 114 -2.51 12.83 5.09
C ARG B 114 -1.20 12.96 4.32
N ASP B 115 -1.21 13.89 3.37
CA ASP B 115 -0.06 14.18 2.54
C ASP B 115 -0.09 15.66 2.20
N LYS B 116 1.05 16.31 2.35
CA LYS B 116 1.12 17.73 2.07
C LYS B 116 0.89 17.99 0.59
N LYS B 117 -0.38 17.99 0.20
CA LYS B 117 -0.74 18.24 -1.19
C LYS B 117 -1.65 19.46 -1.22
N VAL B 118 -1.63 20.21 -2.32
CA VAL B 118 -2.47 21.40 -2.43
C VAL B 118 -3.07 21.57 -3.80
N ASP B 119 -4.12 22.39 -3.90
CA ASP B 119 -4.78 22.59 -5.18
C ASP B 119 -4.67 24.01 -5.73
N ILE B 120 -4.73 24.12 -7.06
CA ILE B 120 -4.59 25.41 -7.75
C ILE B 120 -5.58 25.61 -8.90
N ARG B 121 -6.21 26.79 -8.94
CA ARG B 121 -7.16 27.15 -9.99
C ARG B 121 -6.87 28.58 -10.42
N PRO B 122 -6.22 28.74 -11.58
CA PRO B 122 -5.90 30.08 -12.09
C PRO B 122 -7.16 30.82 -12.48
N PHE B 123 -7.18 32.12 -12.23
CA PHE B 123 -8.35 32.94 -12.55
C PHE B 123 -7.93 34.38 -12.77
N SER B 124 -8.76 35.13 -13.48
CA SER B 124 -8.48 36.54 -13.75
C SER B 124 -9.75 37.39 -13.64
N LEU B 125 -9.55 38.69 -13.43
CA LEU B 125 -10.66 39.63 -13.30
C LEU B 125 -10.38 40.85 -14.14
N GLN B 126 -11.27 41.13 -15.09
CA GLN B 126 -11.14 42.26 -16.00
C GLN B 126 -12.10 43.40 -15.64
N ASN B 127 -11.71 44.63 -15.99
CA ASN B 127 -12.49 45.82 -15.70
C ASN B 127 -12.93 45.88 -14.24
N VAL B 128 -11.97 46.20 -13.38
CA VAL B 128 -12.20 46.30 -11.95
C VAL B 128 -12.06 47.75 -11.52
N PRO B 129 -13.17 48.50 -11.46
CA PRO B 129 -13.16 49.90 -11.05
C PRO B 129 -12.05 50.23 -10.06
N MET B 130 -11.12 51.08 -10.50
CA MET B 130 -9.99 51.52 -9.69
C MET B 130 -10.42 52.08 -8.34
N THR B 131 -11.72 51.99 -8.06
CA THR B 131 -12.28 52.49 -6.80
C THR B 131 -12.19 51.43 -5.70
N ASP B 132 -12.38 50.18 -6.08
CA ASP B 132 -12.33 49.08 -5.13
C ASP B 132 -10.93 48.50 -5.00
N SER B 133 -10.53 48.21 -3.77
CA SER B 133 -9.22 47.65 -3.46
C SER B 133 -9.15 46.19 -3.87
N VAL B 134 -7.95 45.76 -4.27
CA VAL B 134 -7.76 44.38 -4.68
C VAL B 134 -8.25 43.41 -3.62
N ILE B 135 -8.07 43.80 -2.36
CA ILE B 135 -8.47 42.96 -1.24
C ILE B 135 -9.96 42.94 -0.97
N SER B 136 -10.67 43.94 -1.47
CA SER B 136 -12.12 44.03 -1.29
C SER B 136 -12.83 43.25 -2.37
N LEU B 137 -12.12 42.29 -2.96
CA LEU B 137 -12.68 41.46 -4.01
C LEU B 137 -12.94 40.06 -3.45
N PHE B 138 -12.17 39.70 -2.42
CA PHE B 138 -12.28 38.40 -1.78
C PHE B 138 -12.66 38.49 -0.30
N THR B 139 -13.51 39.44 0.06
CA THR B 139 -13.90 39.60 1.46
C THR B 139 -15.35 40.06 1.69
N GLU B 140 -15.89 39.70 2.85
CA GLU B 140 -17.25 40.05 3.27
C GLU B 140 -17.14 40.59 4.71
N GLN B 141 -18.27 40.88 5.34
CA GLN B 141 -18.27 41.40 6.71
C GLN B 141 -19.38 40.82 7.55
N VAL B 142 -19.14 39.64 8.14
CA VAL B 142 -20.14 38.99 8.97
C VAL B 142 -19.75 39.00 10.45
N ALA B 143 -20.65 39.49 11.28
CA ALA B 143 -20.42 39.56 12.73
C ALA B 143 -19.09 40.24 13.06
N ASN B 144 -18.62 41.08 12.15
CA ASN B 144 -17.37 41.81 12.31
C ASN B 144 -16.13 40.92 12.39
N LYS B 145 -15.96 40.08 11.37
CA LYS B 145 -14.83 39.18 11.25
C LYS B 145 -14.85 38.77 9.79
N ALA B 146 -13.75 39.00 9.10
CA ALA B 146 -13.63 38.68 7.69
C ALA B 146 -14.12 37.28 7.31
N ARG B 147 -14.39 37.10 6.02
CA ARG B 147 -14.84 35.84 5.47
C ARG B 147 -14.35 35.69 4.03
N VAL B 148 -13.28 34.92 3.85
CA VAL B 148 -12.73 34.71 2.52
C VAL B 148 -13.79 33.99 1.69
N LEU B 149 -13.99 34.37 0.44
CA LEU B 149 -14.98 33.70 -0.41
C LEU B 149 -14.39 32.89 -1.55
N SER B 150 -15.05 31.79 -1.89
CA SER B 150 -14.60 30.90 -2.95
C SER B 150 -14.81 31.49 -4.33
N LEU B 151 -14.22 30.86 -5.32
CA LEU B 151 -14.32 31.30 -6.69
C LEU B 151 -15.76 31.26 -7.17
N ASN B 152 -16.53 30.30 -6.66
CA ASN B 152 -17.92 30.22 -7.07
C ASN B 152 -18.67 31.36 -6.42
N ASP B 153 -18.06 31.94 -5.39
CA ASP B 153 -18.65 33.07 -4.68
C ASP B 153 -18.29 34.34 -5.46
N LEU B 154 -17.07 34.36 -6.00
CA LEU B 154 -16.61 35.49 -6.78
C LEU B 154 -17.51 35.63 -8.01
N LYS B 155 -17.71 34.50 -8.68
CA LYS B 155 -18.56 34.46 -9.86
C LYS B 155 -19.84 35.24 -9.63
N GLU B 156 -20.64 34.78 -8.66
CA GLU B 156 -21.92 35.44 -8.34
C GLU B 156 -21.83 36.94 -8.08
N LYS B 157 -20.90 37.35 -7.23
CA LYS B 157 -20.73 38.77 -6.91
C LYS B 157 -20.41 39.62 -8.14
N PHE B 158 -20.13 38.94 -9.26
CA PHE B 158 -19.79 39.63 -10.50
C PHE B 158 -20.61 39.15 -11.69
N GLU B 159 -21.15 37.93 -11.59
CA GLU B 159 -21.96 37.31 -12.65
C GLU B 159 -22.61 38.35 -13.55
N GLU B 160 -23.37 39.23 -12.91
CA GLU B 160 -24.02 40.31 -13.62
C GLU B 160 -23.38 41.66 -13.23
N THR B 161 -22.41 42.05 -14.03
CA THR B 161 -21.67 43.29 -13.78
C THR B 161 -20.81 43.62 -15.01
N ALA B 162 -20.30 44.84 -15.02
CA ALA B 162 -19.43 45.29 -16.10
C ALA B 162 -18.08 44.64 -15.93
N VAL B 163 -17.94 43.87 -14.85
CA VAL B 163 -16.70 43.16 -14.54
C VAL B 163 -16.77 41.73 -15.07
N THR B 164 -15.72 41.31 -15.78
CA THR B 164 -15.68 39.96 -16.34
C THR B 164 -14.76 39.06 -15.50
N PHE B 165 -15.16 37.81 -15.34
CA PHE B 165 -14.41 36.83 -14.56
C PHE B 165 -14.31 35.55 -15.38
N LYS B 166 -13.13 34.92 -15.33
CA LYS B 166 -12.91 33.71 -16.12
C LYS B 166 -12.02 32.66 -15.44
N PRO B 167 -12.63 31.62 -14.85
CA PRO B 167 -11.83 30.57 -14.20
C PRO B 167 -11.11 29.79 -15.29
N TYR B 168 -9.93 29.27 -15.00
CA TYR B 168 -9.19 28.51 -16.00
C TYR B 168 -9.04 27.05 -15.58
N HIS B 169 -8.67 26.20 -16.53
CA HIS B 169 -8.49 24.76 -16.27
C HIS B 169 -7.06 24.35 -16.51
N SER B 170 -6.59 24.62 -17.73
CA SER B 170 -5.22 24.31 -18.15
C SER B 170 -4.32 25.53 -17.98
N ILE B 171 -3.23 25.34 -17.25
CA ILE B 171 -2.27 26.41 -17.04
C ILE B 171 -2.14 27.27 -18.29
N THR B 172 -2.00 26.62 -19.44
CA THR B 172 -1.86 27.33 -20.72
C THR B 172 -2.88 28.45 -20.86
N ASP B 173 -4.13 28.16 -20.52
CA ASP B 173 -5.20 29.16 -20.61
C ASP B 173 -4.84 30.36 -19.75
N TYR B 174 -4.39 30.09 -18.53
CA TYR B 174 -3.97 31.13 -17.62
C TYR B 174 -2.83 31.84 -18.33
N HIS B 175 -1.66 31.20 -18.36
CA HIS B 175 -0.49 31.75 -19.00
C HIS B 175 -0.81 32.57 -20.24
N SER B 176 -1.19 31.90 -21.32
CA SER B 176 -1.51 32.56 -22.58
C SER B 176 -2.29 33.87 -22.40
N PHE B 177 -3.20 33.88 -21.43
CA PHE B 177 -4.00 35.08 -21.16
C PHE B 177 -3.09 36.24 -20.75
N MET B 178 -2.24 35.99 -19.76
CA MET B 178 -1.31 37.01 -19.27
C MET B 178 -0.46 37.54 -20.41
N PHE B 179 0.01 36.62 -21.26
CA PHE B 179 0.83 37.01 -22.39
C PHE B 179 0.07 37.90 -23.38
N ASP B 180 -1.18 37.53 -23.67
CA ASP B 180 -2.01 38.28 -24.60
C ASP B 180 -2.16 39.73 -24.15
N LEU B 181 -2.13 39.94 -22.84
CA LEU B 181 -2.27 41.28 -22.31
C LEU B 181 -0.92 41.82 -21.86
N GLY B 182 0.14 41.17 -22.33
CA GLY B 182 1.49 41.61 -22.02
C GLY B 182 2.02 41.46 -20.62
N ILE B 183 1.57 40.45 -19.88
CA ILE B 183 2.06 40.24 -18.53
C ILE B 183 3.25 39.30 -18.60
N LEU B 184 3.23 38.42 -19.60
CA LEU B 184 4.29 37.44 -19.80
C LEU B 184 5.08 37.74 -21.07
N PRO B 185 6.43 37.76 -20.98
CA PRO B 185 7.29 38.03 -22.13
C PRO B 185 7.39 36.89 -23.13
N LYS B 186 7.52 35.66 -22.62
CA LYS B 186 7.64 34.50 -23.50
C LYS B 186 6.31 33.81 -23.76
N ARG B 187 6.29 33.02 -24.82
CA ARG B 187 5.10 32.26 -25.22
C ARG B 187 5.09 30.96 -24.41
N LEU B 188 4.19 30.90 -23.43
CA LEU B 188 4.09 29.72 -22.59
C LEU B 188 3.08 28.73 -23.15
N ARG B 189 3.46 28.11 -24.26
CA ARG B 189 2.65 27.13 -24.97
C ARG B 189 2.87 25.73 -24.41
N SER B 190 3.90 25.07 -24.93
CA SER B 190 4.27 23.74 -24.51
C SER B 190 4.78 23.79 -23.07
N SER B 191 4.69 22.68 -22.36
CA SER B 191 5.13 22.62 -20.97
C SER B 191 6.64 22.74 -20.81
N SER B 192 7.40 22.25 -21.79
CA SER B 192 8.85 22.33 -21.72
C SER B 192 9.27 23.79 -21.63
N ASP B 193 8.45 24.67 -22.19
CA ASP B 193 8.72 26.11 -22.17
C ASP B 193 8.67 26.57 -20.72
N ARG B 194 7.62 26.16 -20.04
CA ARG B 194 7.43 26.51 -18.63
C ARG B 194 8.70 26.26 -17.83
N ASN B 195 9.41 25.18 -18.14
CA ASN B 195 10.64 24.87 -17.40
C ASN B 195 11.63 26.04 -17.52
N LYS B 196 11.97 26.39 -18.74
CA LYS B 196 12.90 27.49 -19.00
C LYS B 196 12.51 28.70 -18.15
N PHE B 197 11.28 29.18 -18.32
CA PHE B 197 10.80 30.34 -17.58
C PHE B 197 10.98 30.11 -16.08
N TYR B 198 10.20 29.21 -15.50
CA TYR B 198 10.29 28.94 -14.06
C TYR B 198 11.71 28.93 -13.54
N LYS B 199 12.61 28.25 -14.25
CA LYS B 199 13.99 28.17 -13.78
C LYS B 199 14.65 29.55 -13.74
N LEU B 200 14.24 30.45 -14.63
CA LEU B 200 14.80 31.80 -14.63
C LEU B 200 14.34 32.44 -13.32
N ILE B 201 13.03 32.41 -13.10
CA ILE B 201 12.45 32.99 -11.89
C ILE B 201 13.14 32.37 -10.67
N GLU B 202 13.30 31.06 -10.69
CA GLU B 202 13.97 30.36 -9.61
C GLU B 202 15.41 30.88 -9.51
N ALA B 203 16.04 31.04 -10.67
CA ALA B 203 17.42 31.52 -10.76
C ALA B 203 17.59 32.89 -10.13
N SER B 204 16.69 33.81 -10.46
CA SER B 204 16.76 35.16 -9.91
C SER B 204 16.78 35.11 -8.40
N LEU B 205 16.00 34.19 -7.83
CA LEU B 205 15.91 34.03 -6.39
C LEU B 205 17.23 33.74 -5.71
N TYR B 206 17.54 32.45 -5.60
CA TYR B 206 18.76 31.97 -4.96
C TYR B 206 20.01 32.74 -5.39
N GLY B 207 19.85 33.57 -6.41
CA GLY B 207 20.93 34.39 -6.90
C GLY B 207 22.17 33.67 -7.40
N GLY B 208 22.87 34.32 -8.33
CA GLY B 208 24.07 33.77 -8.87
C GLY B 208 24.02 33.33 -10.32
N ILE B 209 25.07 32.61 -10.72
CA ILE B 209 25.24 32.10 -12.06
C ILE B 209 24.44 30.81 -12.27
N SER B 210 23.13 30.95 -12.45
CA SER B 210 22.27 29.78 -12.64
C SER B 210 22.93 28.78 -13.57
N SER B 211 23.44 27.71 -12.96
CA SER B 211 24.11 26.66 -13.71
C SER B 211 23.25 26.12 -14.83
N VAL B 212 22.03 25.72 -14.50
CA VAL B 212 21.12 25.16 -15.49
C VAL B 212 20.92 26.02 -16.72
N ILE B 213 21.11 27.32 -16.60
CA ILE B 213 20.93 28.20 -17.74
C ILE B 213 22.27 28.56 -18.36
N THR B 214 23.26 27.69 -18.17
CA THR B 214 24.58 27.92 -18.73
C THR B 214 24.94 26.81 -19.70
N LYS B 215 24.41 25.61 -19.44
CA LYS B 215 24.67 24.43 -20.27
C LYS B 215 23.85 24.49 -21.56
N SER B 216 22.61 24.94 -21.44
CA SER B 216 21.71 25.09 -22.57
C SER B 216 21.63 26.58 -22.89
N LEU B 217 22.72 27.28 -22.59
CA LEU B 217 22.83 28.73 -22.79
C LEU B 217 22.26 29.25 -24.10
N ARG B 218 22.28 28.42 -25.13
CA ARG B 218 21.76 28.85 -26.42
C ARG B 218 20.29 28.49 -26.61
N ASP B 219 19.74 27.75 -25.64
CA ASP B 219 18.34 27.35 -25.68
C ASP B 219 17.46 28.51 -25.20
N TYR B 220 18.08 29.51 -24.60
CA TYR B 220 17.34 30.65 -24.07
C TYR B 220 17.50 31.96 -24.83
N LEU B 221 18.69 32.18 -25.40
CA LEU B 221 18.96 33.42 -26.11
C LEU B 221 18.72 33.34 -27.61
N LEU B 222 18.39 32.15 -28.11
CA LEU B 222 18.21 31.98 -29.53
C LEU B 222 16.86 31.55 -30.08
N PRO B 223 16.31 32.35 -30.97
CA PRO B 223 15.04 32.00 -31.61
C PRO B 223 15.32 30.95 -32.69
N GLU B 224 14.77 29.76 -32.52
CA GLU B 224 14.90 28.76 -33.55
C GLU B 224 13.73 29.04 -34.50
N ASN B 225 14.03 29.69 -35.63
CA ASN B 225 12.99 30.08 -36.59
C ASN B 225 12.10 28.96 -37.09
N SER B 226 10.83 29.04 -36.75
CA SER B 226 9.87 28.07 -37.25
C SER B 226 9.62 28.40 -38.73
N GLY B 227 10.24 29.49 -39.18
CA GLY B 227 10.13 29.91 -40.57
C GLY B 227 11.13 29.17 -41.42
N VAL B 228 12.36 29.05 -40.89
CA VAL B 228 13.43 28.38 -41.60
C VAL B 228 13.02 26.99 -42.04
N ARG B 229 13.05 26.03 -41.11
CA ARG B 229 12.68 24.65 -41.42
C ARG B 229 11.51 24.58 -42.38
N GLN B 230 10.44 25.29 -42.04
CA GLN B 230 9.24 25.30 -42.87
C GLN B 230 9.46 25.77 -44.31
N ALA B 231 9.77 27.05 -44.49
CA ALA B 231 9.99 27.61 -45.82
C ALA B 231 11.08 26.88 -46.59
N PHE B 232 12.17 26.57 -45.91
CA PHE B 232 13.28 25.87 -46.55
C PHE B 232 12.83 24.55 -47.13
N GLN B 233 12.36 23.64 -46.28
CA GLN B 233 11.90 22.34 -46.74
C GLN B 233 11.11 22.49 -48.02
N ASP B 234 9.99 23.20 -47.94
CA ASP B 234 9.11 23.41 -49.08
C ASP B 234 9.86 23.63 -50.40
N MET B 235 10.84 24.52 -50.41
CA MET B 235 11.60 24.77 -51.62
C MET B 235 11.96 23.45 -52.29
N GLU B 236 12.20 22.41 -51.49
CA GLU B 236 12.55 21.11 -52.02
C GLU B 236 11.33 20.45 -52.67
N ALA B 237 10.16 20.59 -52.04
CA ALA B 237 8.94 20.01 -52.57
C ALA B 237 8.72 20.50 -53.99
N ALA B 238 9.29 21.65 -54.30
CA ALA B 238 9.17 22.25 -55.63
C ALA B 238 10.32 21.79 -56.52
N LEU B 239 11.53 21.76 -55.95
CA LEU B 239 12.72 21.36 -56.69
C LEU B 239 12.56 20.02 -57.41
N ARG B 240 12.09 19.00 -56.68
CA ARG B 240 11.91 17.66 -57.22
C ARG B 240 11.17 17.61 -58.56
N GLU B 241 9.94 18.12 -58.57
CA GLU B 241 9.11 18.14 -59.78
C GLU B 241 9.65 19.05 -60.86
N SER B 251 18.96 26.51 -55.48
CA SER B 251 18.83 25.67 -54.30
C SER B 251 20.19 25.38 -53.68
N ALA B 252 21.16 25.11 -54.55
CA ALA B 252 22.52 24.79 -54.12
C ALA B 252 22.98 25.44 -52.82
N GLU B 253 23.76 26.50 -52.91
CA GLU B 253 24.26 27.18 -51.72
C GLU B 253 23.45 28.38 -51.29
N SER B 254 22.19 28.44 -51.69
CA SER B 254 21.36 29.57 -51.29
C SER B 254 21.08 29.44 -49.79
N VAL B 255 21.38 28.26 -49.24
CA VAL B 255 21.18 27.98 -47.83
C VAL B 255 22.38 28.58 -47.09
N ALA B 256 23.57 28.27 -47.60
CA ALA B 256 24.80 28.76 -47.01
C ALA B 256 24.71 30.26 -46.77
N ASN B 257 24.08 30.96 -47.70
CA ASN B 257 23.91 32.40 -47.58
C ASN B 257 22.95 32.70 -46.43
N ILE B 258 21.84 31.98 -46.39
CA ILE B 258 20.83 32.15 -45.35
C ILE B 258 21.43 32.09 -43.94
N LEU B 259 22.19 31.04 -43.68
CA LEU B 259 22.82 30.83 -42.38
C LEU B 259 23.69 31.99 -41.89
N ARG B 260 24.84 32.20 -42.54
CA ARG B 260 25.74 33.27 -42.13
C ARG B 260 25.15 34.68 -42.13
N LYS B 261 23.92 34.81 -42.62
CA LYS B 261 23.25 36.10 -42.61
C LYS B 261 22.28 36.05 -41.45
N THR B 262 21.72 34.87 -41.22
CA THR B 262 20.79 34.68 -40.11
C THR B 262 21.63 34.76 -38.83
N ILE B 263 22.85 34.23 -38.89
CA ILE B 263 23.75 34.27 -37.76
C ILE B 263 24.34 35.66 -37.60
N GLN B 264 24.62 36.30 -38.73
CA GLN B 264 25.16 37.66 -38.70
C GLN B 264 24.08 38.49 -38.00
N ARG B 265 22.83 38.28 -38.40
CA ARG B 265 21.69 38.99 -37.82
C ARG B 265 21.71 38.90 -36.29
N GLU B 266 21.45 37.71 -35.78
CA GLU B 266 21.42 37.51 -34.34
C GLU B 266 22.71 37.92 -33.67
N GLN B 267 23.83 37.83 -34.37
CA GLN B 267 25.09 38.23 -33.78
C GLN B 267 25.09 39.74 -33.58
N ASN B 268 24.27 40.44 -34.37
CA ASN B 268 24.13 41.90 -34.27
C ASN B 268 23.15 42.15 -33.12
N ARG B 269 22.25 41.20 -32.91
CA ARG B 269 21.26 41.27 -31.84
C ARG B 269 22.06 41.26 -30.54
N ILE B 270 22.83 40.19 -30.37
CA ILE B 270 23.66 40.04 -29.18
C ILE B 270 24.68 41.17 -29.12
N LEU B 271 25.18 41.59 -30.28
CA LEU B 271 26.16 42.67 -30.33
C LEU B 271 25.75 43.86 -29.47
N GLN B 272 24.48 44.21 -29.52
CA GLN B 272 23.96 45.36 -28.78
C GLN B 272 23.58 45.13 -27.31
N LEU B 273 22.80 44.09 -27.04
CA LEU B 273 22.40 43.81 -25.67
C LEU B 273 23.60 43.94 -24.73
N ASN B 274 24.79 43.57 -25.22
CA ASN B 274 26.00 43.67 -24.40
C ASN B 274 26.26 45.11 -24.04
N GLN B 275 26.23 45.97 -25.04
CA GLN B 275 26.46 47.40 -24.85
C GLN B 275 25.54 47.86 -23.72
N GLY B 276 24.40 47.19 -23.57
CA GLY B 276 23.45 47.53 -22.53
C GLY B 276 23.97 47.15 -21.15
N LEU B 277 25.19 46.64 -21.11
CA LEU B 277 25.83 46.25 -19.87
C LEU B 277 27.32 46.55 -19.90
N GLN B 278 27.68 47.81 -19.66
CA GLN B 278 29.08 48.23 -19.64
C GLN B 278 29.50 48.92 -18.34
N ASN B 279 28.69 49.86 -17.87
CA ASN B 279 29.00 50.56 -16.62
C ASN B 279 28.49 49.80 -15.40
N ILE B 280 28.50 48.48 -15.48
CA ILE B 280 28.06 47.64 -14.39
C ILE B 280 29.26 47.35 -13.50
N ALA B 281 29.10 47.61 -12.20
CA ALA B 281 30.19 47.38 -11.26
C ALA B 281 29.77 46.63 -9.99
N PHE B 282 30.11 45.35 -9.94
CA PHE B 282 29.82 44.52 -8.77
C PHE B 282 31.14 43.97 -8.26
N GLY B 283 31.65 44.56 -7.18
CA GLY B 283 32.89 44.11 -6.61
C GLY B 283 34.06 44.37 -7.55
N GLN B 284 34.40 43.38 -8.38
CA GLN B 284 35.48 43.50 -9.34
C GLN B 284 34.95 43.38 -10.75
N VAL B 285 33.79 42.74 -10.86
CA VAL B 285 33.15 42.51 -12.14
C VAL B 285 32.78 43.82 -12.81
N LYS B 286 33.53 44.18 -13.84
CA LYS B 286 33.26 45.40 -14.58
C LYS B 286 32.77 45.09 -15.98
N GLY B 287 31.99 44.02 -16.13
CA GLY B 287 31.48 43.67 -17.44
C GLY B 287 31.07 42.22 -17.68
N VAL B 288 29.96 42.06 -18.41
CA VAL B 288 29.43 40.75 -18.75
C VAL B 288 29.01 40.77 -20.22
N ARG B 289 29.56 39.85 -21.01
CA ARG B 289 29.26 39.78 -22.44
C ARG B 289 28.77 38.40 -22.89
N LEU B 290 28.24 38.34 -24.11
CA LEU B 290 27.73 37.10 -24.69
C LEU B 290 28.51 36.67 -25.92
N VAL B 291 29.82 36.52 -25.75
CA VAL B 291 30.70 36.11 -26.83
C VAL B 291 30.07 34.98 -27.66
N VAL B 292 29.87 35.23 -28.94
CA VAL B 292 29.26 34.26 -29.84
C VAL B 292 30.29 33.61 -30.77
N ASN B 293 30.60 32.33 -30.52
CA ASN B 293 31.56 31.59 -31.32
C ASN B 293 30.87 30.58 -32.24
N ILE B 294 31.48 30.30 -33.39
CA ILE B 294 30.93 29.35 -34.34
C ILE B 294 31.78 28.08 -34.39
N ARG B 295 31.16 26.93 -34.21
CA ARG B 295 31.89 25.66 -34.23
C ARG B 295 32.77 25.57 -35.50
N ASP B 296 34.03 25.17 -35.33
CA ASP B 296 34.91 25.03 -36.47
C ASP B 296 34.25 24.03 -37.39
N THR B 297 33.76 22.97 -36.75
CA THR B 297 33.06 21.89 -37.43
C THR B 297 32.07 22.44 -38.46
N HIS B 298 31.31 23.45 -38.05
CA HIS B 298 30.32 24.06 -38.91
C HIS B 298 30.92 25.26 -39.65
N SER B 299 31.89 25.92 -39.03
CA SER B 299 32.54 27.08 -39.62
C SER B 299 33.13 26.78 -40.99
N ILE B 300 33.82 25.66 -41.11
CA ILE B 300 34.43 25.28 -42.38
C ILE B 300 33.35 24.73 -43.30
N LEU B 301 32.21 24.34 -42.72
CA LEU B 301 31.11 23.82 -43.52
C LEU B 301 30.50 25.03 -44.20
N LEU B 302 30.27 26.09 -43.42
CA LEU B 302 29.71 27.33 -43.95
C LEU B 302 30.72 27.88 -44.94
N ASN B 303 31.99 27.64 -44.64
CA ASN B 303 33.09 28.08 -45.49
C ASN B 303 33.13 27.13 -46.69
N ALA B 304 32.72 25.90 -46.47
CA ALA B 304 32.70 24.87 -47.51
C ALA B 304 31.61 25.18 -48.52
N LEU B 305 30.37 25.25 -48.06
CA LEU B 305 29.24 25.55 -48.94
C LEU B 305 29.26 26.98 -49.45
N SER B 306 30.45 27.52 -49.66
CA SER B 306 30.59 28.88 -50.16
C SER B 306 31.60 28.96 -51.31
N ASP B 307 32.88 29.07 -50.97
CA ASP B 307 33.95 29.17 -51.98
C ASP B 307 34.13 27.91 -52.83
N GLN B 308 34.29 26.76 -52.18
CA GLN B 308 34.47 25.50 -52.90
C GLN B 308 33.18 25.07 -53.57
N HIS B 309 33.24 24.01 -54.36
CA HIS B 309 32.05 23.52 -55.03
C HIS B 309 32.22 22.14 -55.67
N GLU B 310 31.94 21.11 -54.88
CA GLU B 310 31.99 19.71 -55.30
C GLU B 310 30.53 19.25 -55.27
N GLN B 311 29.85 19.45 -56.40
CA GLN B 311 28.44 19.13 -56.54
C GLN B 311 28.04 17.66 -56.63
N HIS B 312 26.99 17.30 -55.90
CA HIS B 312 26.43 15.95 -55.89
C HIS B 312 24.91 16.09 -55.82
N LYS B 313 24.30 16.36 -56.97
CA LYS B 313 22.85 16.56 -57.08
C LYS B 313 22.09 15.27 -57.41
N ASP B 314 21.91 14.40 -56.42
CA ASP B 314 21.21 13.12 -56.62
C ASP B 314 19.72 13.21 -56.29
N SER B 322 16.81 14.63 -51.50
CA SER B 322 16.63 15.12 -50.14
C SER B 322 17.76 16.09 -49.76
N PHE B 323 17.49 17.39 -49.84
CA PHE B 323 18.51 18.38 -49.50
C PHE B 323 19.02 18.06 -48.10
N SER B 324 18.12 17.61 -47.25
CA SER B 324 18.47 17.23 -45.89
C SER B 324 19.59 16.21 -46.03
N GLU B 325 19.19 15.04 -46.53
CA GLU B 325 20.09 13.92 -46.78
C GLU B 325 21.38 14.44 -47.42
N ALA B 326 21.24 15.19 -48.50
CA ALA B 326 22.39 15.73 -49.21
C ALA B 326 23.35 16.39 -48.24
N LEU B 327 22.92 17.49 -47.65
CA LEU B 327 23.74 18.21 -46.68
C LEU B 327 24.50 17.24 -45.79
N ALA B 328 23.79 16.23 -45.29
CA ALA B 328 24.38 15.23 -44.40
C ALA B 328 25.73 14.76 -44.92
N MET B 329 25.71 14.19 -46.12
CA MET B 329 26.91 13.68 -46.77
C MET B 329 28.03 14.72 -46.71
N LEU B 330 27.65 15.99 -46.76
CA LEU B 330 28.62 17.08 -46.73
C LEU B 330 29.36 17.15 -45.42
N TYR B 331 28.72 16.71 -44.35
CA TYR B 331 29.34 16.73 -43.03
C TYR B 331 30.45 15.69 -43.01
N LYS B 332 30.33 14.71 -43.90
CA LYS B 332 31.33 13.65 -43.99
C LYS B 332 32.59 14.26 -44.59
N ARG B 333 32.42 15.34 -45.36
CA ARG B 333 33.52 16.02 -46.02
C ARG B 333 34.48 16.69 -45.05
N ILE B 334 33.93 17.53 -44.19
CA ILE B 334 34.73 18.26 -43.22
C ILE B 334 35.01 17.45 -41.96
N ASN B 335 34.07 16.58 -41.62
CA ASN B 335 34.20 15.78 -40.40
C ASN B 335 34.64 14.32 -40.48
N PRO B 336 35.90 14.05 -40.09
CA PRO B 336 36.40 12.69 -40.11
C PRO B 336 36.26 12.17 -38.68
N HIS B 337 35.10 12.46 -38.07
CA HIS B 337 34.82 12.05 -36.69
C HIS B 337 33.30 11.91 -36.43
N ILE B 338 32.92 11.02 -35.51
CA ILE B 338 31.52 10.76 -35.16
C ILE B 338 30.66 10.40 -36.37
N GLN B 346 21.46 11.91 -42.61
CA GLN B 346 20.11 11.77 -42.07
C GLN B 346 19.85 12.81 -40.98
N THR B 347 20.05 12.40 -39.72
CA THR B 347 19.85 13.29 -38.58
C THR B 347 20.90 14.40 -38.62
N ILE B 348 22.05 14.07 -39.18
CA ILE B 348 23.12 15.05 -39.31
C ILE B 348 22.62 16.08 -40.32
N GLY B 349 22.07 15.56 -41.41
CA GLY B 349 21.55 16.40 -42.48
C GLY B 349 20.58 17.47 -42.02
N GLU B 350 19.47 17.06 -41.43
CA GLU B 350 18.46 18.02 -40.98
C GLU B 350 18.96 18.95 -39.88
N GLU B 351 19.39 18.39 -38.77
CA GLU B 351 19.89 19.22 -37.68
C GLU B 351 20.72 20.34 -38.24
N LEU B 352 21.60 20.01 -39.19
CA LEU B 352 22.50 20.99 -39.79
C LEU B 352 21.81 22.05 -40.66
N LEU B 353 20.69 22.55 -40.15
CA LEU B 353 19.92 23.58 -40.84
C LEU B 353 19.70 24.72 -39.86
N ASP B 354 19.26 24.37 -38.65
CA ASP B 354 18.98 25.35 -37.61
C ASP B 354 20.15 26.24 -37.25
N TYR B 355 19.86 27.55 -37.22
CA TYR B 355 20.80 28.58 -36.89
C TYR B 355 21.75 28.18 -35.75
N ARG B 356 21.14 27.85 -34.62
CA ARG B 356 21.85 27.47 -33.41
C ARG B 356 23.06 26.54 -33.60
N ASN B 357 22.78 25.32 -34.05
CA ASN B 357 23.79 24.29 -34.27
C ASN B 357 25.11 24.78 -34.86
N TYR B 358 25.09 25.96 -35.48
CA TYR B 358 26.29 26.52 -36.07
C TYR B 358 27.00 27.47 -35.12
N LEU B 359 26.71 27.34 -33.83
CA LEU B 359 27.34 28.21 -32.84
C LEU B 359 27.90 27.54 -31.60
N ASP B 360 28.34 28.38 -30.66
CA ASP B 360 28.94 27.96 -29.40
C ASP B 360 28.95 29.22 -28.51
N LEU B 361 27.85 29.46 -27.78
CA LEU B 361 27.74 30.63 -26.90
C LEU B 361 28.47 30.48 -25.58
N GLU B 362 28.70 31.61 -24.90
CA GLU B 362 29.41 31.60 -23.62
C GLU B 362 29.25 32.96 -22.93
N VAL B 363 29.69 33.05 -21.68
CA VAL B 363 29.60 34.30 -20.93
C VAL B 363 30.93 34.65 -20.29
N GLU B 364 31.24 35.94 -20.21
CA GLU B 364 32.51 36.37 -19.61
C GLU B 364 32.34 37.54 -18.66
N THR B 365 33.18 37.56 -17.62
CA THR B 365 33.15 38.60 -16.61
C THR B 365 34.38 39.51 -16.64
N LEU B 366 34.15 40.77 -16.95
CA LEU B 366 35.24 41.75 -17.04
C LEU B 366 35.81 42.13 -15.67
N ARG B 367 37.15 42.13 -15.59
CA ARG B 367 37.84 42.47 -14.35
C ARG B 367 38.98 43.46 -14.59
N GLY B 368 39.91 43.51 -13.64
CA GLY B 368 41.08 44.37 -13.75
C GLY B 368 42.28 43.47 -13.97
N ALA B 369 42.05 42.16 -13.79
CA ALA B 369 43.08 41.15 -13.97
C ALA B 369 43.17 40.82 -15.45
N TYR B 370 43.10 39.53 -15.77
CA TYR B 370 43.17 39.09 -17.16
C TYR B 370 41.91 39.56 -17.91
N GLY B 371 41.97 40.77 -18.47
CA GLY B 371 40.84 41.32 -19.20
C GLY B 371 39.52 40.63 -18.93
N TRP B 372 39.01 39.91 -19.92
CA TRP B 372 37.74 39.18 -19.77
C TRP B 372 38.03 37.71 -19.46
N MET B 373 37.21 37.11 -18.62
CA MET B 373 37.36 35.71 -18.23
C MET B 373 36.03 34.98 -18.27
N ARG B 374 36.00 33.81 -18.91
CA ARG B 374 34.77 33.04 -18.97
C ARG B 374 34.16 33.09 -17.57
N ALA B 375 32.84 33.23 -17.50
CA ALA B 375 32.18 33.26 -16.20
C ALA B 375 32.41 31.96 -15.47
N GLU B 376 32.87 32.05 -14.23
CA GLU B 376 33.13 30.85 -13.45
C GLU B 376 32.92 31.04 -11.94
N SER B 377 31.88 30.42 -11.41
CA SER B 377 31.53 30.51 -9.99
C SER B 377 32.74 30.27 -9.10
N SER B 378 33.42 29.16 -9.32
CA SER B 378 34.59 28.81 -8.52
C SER B 378 35.63 29.94 -8.51
N ALA B 379 35.61 30.77 -9.55
CA ALA B 379 36.57 31.87 -9.68
C ALA B 379 36.01 33.23 -9.25
N LEU B 380 34.75 33.26 -8.84
CA LEU B 380 34.13 34.50 -8.41
C LEU B 380 33.67 34.42 -6.95
N SER B 381 33.32 35.57 -6.38
CA SER B 381 32.86 35.61 -4.99
C SER B 381 31.34 35.68 -5.00
N THR B 382 30.72 35.50 -3.83
CA THR B 382 29.27 35.54 -3.71
C THR B 382 28.67 36.67 -4.53
N GLY B 383 29.04 37.91 -4.21
CA GLY B 383 28.51 39.04 -4.93
C GLY B 383 28.75 39.01 -6.42
N GLU B 384 30.02 38.97 -6.80
CA GLU B 384 30.41 38.96 -8.20
C GLU B 384 29.58 38.00 -9.04
N ALA B 385 29.28 36.84 -8.48
CA ALA B 385 28.51 35.83 -9.18
C ALA B 385 27.03 36.19 -9.38
N ILE B 386 26.42 36.77 -8.34
CA ILE B 386 25.02 37.16 -8.39
C ILE B 386 24.78 38.20 -9.49
N GLY B 387 25.61 39.23 -9.48
CA GLY B 387 25.50 40.28 -10.48
C GLY B 387 25.56 39.66 -11.85
N THR B 388 26.62 38.92 -12.13
CA THR B 388 26.78 38.26 -13.42
C THR B 388 25.51 37.49 -13.70
N GLY B 389 25.07 36.72 -12.71
CA GLY B 389 23.86 35.94 -12.85
C GLY B 389 22.70 36.83 -13.23
N MET B 390 22.50 37.88 -12.44
CA MET B 390 21.43 38.82 -12.72
C MET B 390 21.50 39.18 -14.20
N SER B 391 22.68 39.58 -14.64
CA SER B 391 22.93 39.97 -16.02
C SER B 391 22.34 38.96 -16.97
N ILE B 392 22.86 37.74 -16.91
CA ILE B 392 22.44 36.65 -17.76
C ILE B 392 20.92 36.58 -17.83
N LEU B 393 20.29 36.81 -16.69
CA LEU B 393 18.84 36.80 -16.61
C LEU B 393 18.29 37.99 -17.35
N LEU B 394 18.91 39.16 -17.14
CA LEU B 394 18.47 40.37 -17.82
C LEU B 394 18.43 40.07 -19.31
N MET B 395 19.49 39.42 -19.77
CA MET B 395 19.62 39.06 -21.16
C MET B 395 18.53 38.09 -21.58
N VAL B 396 18.26 37.09 -20.75
CA VAL B 396 17.23 36.11 -21.07
C VAL B 396 15.95 36.82 -21.50
N VAL B 397 15.48 37.72 -20.65
CA VAL B 397 14.25 38.46 -20.94
C VAL B 397 14.42 39.38 -22.14
N GLN B 398 15.54 40.10 -22.18
CA GLN B 398 15.81 41.00 -23.30
C GLN B 398 16.16 40.18 -24.54
N SER B 399 15.35 39.16 -24.77
CA SER B 399 15.53 38.30 -25.90
C SER B 399 14.14 37.75 -26.16
N TRP B 400 13.51 37.23 -25.11
CA TRP B 400 12.18 36.66 -25.23
C TRP B 400 11.15 37.71 -25.67
N GLU B 401 11.24 38.91 -25.10
CA GLU B 401 10.31 39.98 -25.43
C GLU B 401 10.35 40.34 -26.91
N GLU B 402 11.51 40.78 -27.38
CA GLU B 402 11.68 41.17 -28.78
C GLU B 402 11.43 39.99 -29.71
N GLU B 403 11.89 38.81 -29.33
CA GLU B 403 11.69 37.63 -30.15
C GLU B 403 10.19 37.37 -30.28
N SER B 404 9.39 38.17 -29.59
CA SER B 404 7.94 38.00 -29.63
C SER B 404 7.19 39.19 -30.22
N ARG B 405 7.92 40.23 -30.65
CA ARG B 405 7.29 41.42 -31.23
C ARG B 405 6.28 41.06 -32.34
N ARG B 406 6.57 40.00 -33.09
CA ARG B 406 5.70 39.56 -34.18
C ARG B 406 4.34 39.09 -33.67
N MET B 407 4.35 38.06 -32.83
CA MET B 407 3.12 37.51 -32.29
C MET B 407 2.38 38.46 -31.38
N ARG B 408 2.92 39.68 -31.22
CA ARG B 408 2.30 40.68 -30.36
C ARG B 408 1.82 41.86 -31.22
N ALA B 409 1.20 42.84 -30.57
CA ALA B 409 0.70 44.03 -31.27
C ALA B 409 1.76 45.11 -31.19
N LYS B 410 1.58 46.18 -31.95
CA LYS B 410 2.54 47.28 -31.94
C LYS B 410 2.32 48.16 -30.71
N ASP B 411 1.24 47.90 -29.97
CA ASP B 411 0.89 48.71 -28.79
C ASP B 411 0.84 47.98 -27.44
N ILE B 412 1.54 46.86 -27.31
CA ILE B 412 1.57 46.11 -26.06
C ILE B 412 3.02 45.76 -25.68
N LEU B 413 3.34 45.94 -24.41
CA LEU B 413 4.68 45.63 -23.92
C LEU B 413 4.64 44.87 -22.61
N PRO B 414 5.42 43.77 -22.54
CA PRO B 414 5.48 42.93 -21.35
C PRO B 414 6.15 43.62 -20.17
N CYS B 415 6.05 43.00 -19.01
CA CYS B 415 6.67 43.54 -17.81
C CYS B 415 7.96 42.80 -17.50
N ARG B 416 8.96 43.53 -17.03
CA ARG B 416 10.24 42.93 -16.69
C ARG B 416 10.47 43.03 -15.20
N LEU B 417 10.62 41.87 -14.58
CA LEU B 417 10.81 41.78 -13.14
C LEU B 417 11.64 40.55 -12.74
N LEU B 418 12.52 40.75 -11.75
CA LEU B 418 13.38 39.69 -11.25
C LEU B 418 13.45 39.73 -9.74
N PHE B 419 14.12 38.73 -9.16
CA PHE B 419 14.23 38.63 -7.72
C PHE B 419 15.67 38.49 -7.26
N LEU B 420 15.84 38.66 -5.96
CA LEU B 420 17.16 38.55 -5.35
C LEU B 420 17.01 38.33 -3.85
N ASP B 421 16.39 37.21 -3.49
CA ASP B 421 16.20 36.90 -2.08
C ASP B 421 17.57 37.04 -1.42
N GLN B 422 17.59 37.36 -0.13
CA GLN B 422 18.84 37.54 0.59
C GLN B 422 19.73 38.43 -0.26
N ALA B 423 19.29 39.68 -0.40
CA ALA B 423 20.01 40.66 -1.20
C ALA B 423 21.08 41.35 -0.36
N ALA B 424 21.24 40.88 0.87
CA ALA B 424 22.23 41.45 1.77
C ALA B 424 23.65 41.04 1.36
N ARG B 425 23.73 40.00 0.54
CA ARG B 425 25.02 39.51 0.06
C ARG B 425 25.69 40.58 -0.76
N LEU B 426 24.89 41.52 -1.24
CA LEU B 426 25.40 42.63 -2.03
C LEU B 426 25.67 43.81 -1.09
N ASP B 427 26.85 44.42 -1.21
CA ASP B 427 27.22 45.56 -0.37
C ASP B 427 26.38 46.78 -0.73
N ALA B 428 27.03 47.92 -0.85
CA ALA B 428 26.33 49.14 -1.23
C ALA B 428 26.60 49.38 -2.71
N MET B 429 27.86 49.22 -3.10
CA MET B 429 28.30 49.40 -4.48
C MET B 429 27.52 48.47 -5.42
N SER B 430 27.53 47.19 -5.10
CA SER B 430 26.85 46.18 -5.91
C SER B 430 25.35 46.44 -6.02
N ILE B 431 24.69 46.52 -4.87
CA ILE B 431 23.25 46.74 -4.81
C ILE B 431 22.81 47.97 -5.61
N ASN B 432 23.54 49.06 -5.42
CA ASN B 432 23.26 50.31 -6.12
C ASN B 432 23.30 50.11 -7.63
N THR B 433 24.33 49.39 -8.07
CA THR B 433 24.52 49.10 -9.49
C THR B 433 23.29 48.39 -10.03
N LEU B 434 22.69 47.51 -9.23
CA LEU B 434 21.51 46.78 -9.66
C LEU B 434 20.40 47.78 -10.00
N PHE B 435 20.30 48.84 -9.22
CA PHE B 435 19.29 49.87 -9.44
C PHE B 435 19.45 50.54 -10.80
N GLU B 436 20.54 51.29 -10.93
CA GLU B 436 20.85 52.00 -12.16
C GLU B 436 20.54 51.15 -13.38
N LEU B 437 20.60 49.83 -13.20
CA LEU B 437 20.31 48.89 -14.28
C LEU B 437 18.83 48.86 -14.62
N CYS B 438 18.01 48.45 -13.66
CA CYS B 438 16.57 48.40 -13.90
C CYS B 438 16.10 49.72 -14.48
N GLU B 439 16.67 50.82 -14.00
CA GLU B 439 16.38 52.14 -14.53
C GLU B 439 16.92 52.21 -15.95
N ARG B 440 18.10 51.62 -16.14
CA ARG B 440 18.78 51.59 -17.43
C ARG B 440 17.92 51.02 -18.53
N LEU B 441 17.20 49.93 -18.23
CA LEU B 441 16.41 49.24 -19.25
C LEU B 441 14.91 49.21 -19.03
N ASP B 442 14.46 49.65 -17.85
CA ASP B 442 13.03 49.67 -17.54
C ASP B 442 12.66 48.31 -16.96
N MET B 443 12.70 48.19 -15.64
CA MET B 443 12.40 46.93 -14.96
C MET B 443 12.02 47.16 -13.50
N GLN B 444 11.65 46.08 -12.81
CA GLN B 444 11.28 46.14 -11.40
C GLN B 444 11.98 45.02 -10.65
N LEU B 445 12.30 45.24 -9.39
CA LEU B 445 12.99 44.23 -8.58
C LEU B 445 12.43 44.10 -7.17
N LEU B 446 11.92 42.91 -6.85
CA LEU B 446 11.35 42.65 -5.53
C LEU B 446 12.42 42.11 -4.60
N ILE B 447 13.45 42.92 -4.35
CA ILE B 447 14.54 42.49 -3.49
C ILE B 447 14.07 42.27 -2.07
N ALA B 448 14.91 41.66 -1.26
CA ALA B 448 14.60 41.36 0.14
C ALA B 448 15.86 41.46 1.01
N ALA B 449 15.85 42.40 1.96
CA ALA B 449 16.98 42.59 2.86
C ALA B 449 16.72 41.96 4.23
N PRO B 450 17.33 40.78 4.49
CA PRO B 450 17.14 40.11 5.77
C PRO B 450 17.51 41.08 6.89
N GLU B 451 18.29 42.08 6.54
CA GLU B 451 18.70 43.09 7.48
C GLU B 451 17.80 44.30 7.22
N ASN B 452 17.75 45.21 8.19
CA ASN B 452 16.89 46.38 8.10
C ASN B 452 17.40 47.53 7.22
N ILE B 453 18.72 47.76 7.22
CA ILE B 453 19.28 48.83 6.37
C ILE B 453 18.99 48.39 4.93
N SER B 454 19.05 49.33 3.98
CA SER B 454 18.79 49.04 2.58
C SER B 454 18.64 50.34 1.79
N PRO B 455 18.37 50.25 0.47
CA PRO B 455 18.21 51.43 -0.40
C PRO B 455 17.06 52.39 -0.06
N GLU B 456 17.35 53.69 -0.13
CA GLU B 456 16.36 54.72 0.15
C GLU B 456 15.46 54.98 -1.03
N ARG B 457 15.94 54.60 -2.22
CA ARG B 457 15.18 54.79 -3.44
C ARG B 457 14.17 53.67 -3.64
N GLY B 458 12.89 54.02 -3.68
CA GLY B 458 11.86 53.01 -3.89
C GLY B 458 10.99 52.73 -2.68
N THR B 459 10.21 51.65 -2.79
CA THR B 459 9.29 51.24 -1.73
C THR B 459 9.94 50.31 -0.71
N THR B 460 9.47 50.38 0.53
CA THR B 460 9.98 49.55 1.61
C THR B 460 8.84 49.02 2.46
N TYR B 461 8.80 47.69 2.62
CA TYR B 461 7.76 47.02 3.42
C TYR B 461 8.39 46.31 4.61
N LYS B 462 8.30 46.91 5.80
CA LYS B 462 8.89 46.29 6.98
C LYS B 462 7.92 45.29 7.60
N LEU B 463 8.42 44.06 7.77
CA LEU B 463 7.62 42.99 8.34
C LEU B 463 7.99 42.61 9.77
N VAL B 464 7.00 42.24 10.55
CA VAL B 464 7.17 41.83 11.93
C VAL B 464 6.20 40.72 12.29
N ARG B 465 6.71 39.51 12.41
CA ARG B 465 5.89 38.36 12.74
C ARG B 465 5.47 38.38 14.20
N LYS B 466 4.18 38.57 14.44
CA LYS B 466 3.65 38.64 15.80
C LYS B 466 2.90 37.37 16.21
N ILE B 467 2.65 37.22 17.51
CA ILE B 467 1.93 36.05 18.01
C ILE B 467 0.66 36.45 18.77
N LEU B 468 -0.50 36.11 18.20
CA LEU B 468 -1.79 36.41 18.82
C LEU B 468 -2.58 35.10 18.94
N ALA B 469 -2.70 34.59 20.16
CA ALA B 469 -3.41 33.33 20.41
C ALA B 469 -2.66 32.20 19.71
N ASN B 470 -1.34 32.20 19.86
CA ASN B 470 -0.48 31.19 19.25
C ASN B 470 -0.79 31.02 17.76
N GLN B 471 -0.92 32.15 17.08
CA GLN B 471 -1.20 32.17 15.65
C GLN B 471 -0.27 33.14 14.96
N GLU B 472 0.30 32.73 13.83
CA GLU B 472 1.21 33.60 13.10
C GLU B 472 0.44 34.88 12.78
N TYR B 473 1.18 35.96 12.56
CA TYR B 473 0.57 37.24 12.27
C TYR B 473 1.63 38.27 11.91
N VAL B 474 1.92 38.38 10.62
CA VAL B 474 2.94 39.31 10.14
C VAL B 474 2.43 40.75 10.25
N HIS B 475 3.33 41.69 10.50
CA HIS B 475 2.98 43.10 10.64
C HIS B 475 3.70 43.95 9.59
N VAL B 476 2.93 44.47 8.63
CA VAL B 476 3.45 45.28 7.53
C VAL B 476 3.34 46.78 7.74
N VAL B 477 4.26 47.52 7.14
CA VAL B 477 4.27 48.98 7.21
C VAL B 477 4.83 49.52 5.90
N GLY B 478 4.18 50.52 5.30
CA GLY B 478 4.62 51.06 4.02
C GLY B 478 5.40 52.37 3.99
N LEU B 479 6.30 52.47 3.01
CA LEU B 479 7.12 53.66 2.83
C LEU B 479 7.54 53.80 1.38
N LYS B 480 7.15 54.90 0.74
CA LYS B 480 7.52 55.15 -0.66
C LYS B 480 7.50 56.65 -0.93
N GLY B 481 8.25 57.11 -1.93
CA GLY B 481 8.28 58.53 -2.25
C GLY B 481 9.58 59.21 -1.85
N PHE B 482 10.27 58.64 -0.87
CA PHE B 482 11.55 59.18 -0.42
C PHE B 482 12.45 59.23 -1.63
N GLY B 483 12.94 60.41 -1.98
CA GLY B 483 13.81 60.52 -3.12
C GLY B 483 13.81 61.91 -3.71
N LEU C 52 56.89 45.07 1.01
CA LEU C 52 55.79 44.63 1.92
C LEU C 52 55.70 45.41 3.24
N PRO C 53 54.92 46.50 3.25
CA PRO C 53 54.78 47.29 4.48
C PRO C 53 53.61 46.78 5.30
N MET C 54 53.56 47.18 6.57
CA MET C 54 52.47 46.76 7.45
C MET C 54 52.44 47.46 8.80
N ALA C 55 51.37 48.20 9.02
CA ALA C 55 51.13 48.92 10.26
C ALA C 55 49.80 48.34 10.71
N LEU C 56 48.95 49.18 11.30
CA LEU C 56 47.63 48.72 11.73
C LEU C 56 46.93 49.90 12.40
N GLU C 57 45.82 50.32 11.79
CA GLU C 57 45.07 51.47 12.28
C GLU C 57 43.58 51.23 12.46
N TYR C 58 43.07 51.56 13.64
CA TYR C 58 41.64 51.38 13.93
C TYR C 58 40.82 52.67 13.87
N GLU C 59 39.64 52.58 13.25
CA GLU C 59 38.72 53.71 13.12
C GLU C 59 37.44 53.55 13.94
N SER C 60 37.01 54.64 14.56
CA SER C 60 35.81 54.61 15.38
C SER C 60 34.60 55.10 14.61
N LEU C 61 33.46 54.45 14.83
CA LEU C 61 32.22 54.82 14.16
C LEU C 61 31.25 55.36 15.21
N THR C 62 30.98 56.67 15.13
CA THR C 62 30.08 57.32 16.07
C THR C 62 28.72 57.61 15.45
N ASP C 63 27.70 56.88 15.90
CA ASP C 63 26.35 57.06 15.38
C ASP C 63 25.38 57.52 16.46
N VAL C 64 25.22 58.85 16.59
CA VAL C 64 24.32 59.44 17.57
C VAL C 64 22.89 58.98 17.26
N GLN C 65 22.79 58.00 16.36
CA GLN C 65 21.51 57.45 15.99
C GLN C 65 20.84 56.85 17.20
N THR C 66 21.63 56.64 18.25
CA THR C 66 21.10 56.06 19.48
C THR C 66 20.22 57.05 20.23
N GLN C 67 20.59 58.33 20.21
CA GLN C 67 19.81 59.36 20.89
C GLN C 67 18.46 59.56 20.20
N ILE C 68 18.52 59.66 18.88
CA ILE C 68 17.33 59.84 18.07
C ILE C 68 16.36 58.72 18.43
N VAL C 69 16.89 57.53 18.65
CA VAL C 69 16.09 56.37 19.01
C VAL C 69 15.45 56.53 20.38
N THR C 70 16.26 56.87 21.38
CA THR C 70 15.79 57.06 22.74
C THR C 70 14.73 58.17 22.83
N ALA C 71 14.98 59.29 22.14
CA ALA C 71 14.03 60.40 22.13
C ALA C 71 12.75 59.96 21.42
N ILE C 72 12.92 59.12 20.40
CA ILE C 72 11.80 58.61 19.64
C ILE C 72 11.10 57.51 20.45
N GLN C 73 11.87 56.80 21.26
CA GLN C 73 11.31 55.74 22.12
C GLN C 73 10.28 56.38 23.03
N ALA C 74 10.74 57.34 23.83
CA ALA C 74 9.86 58.04 24.76
C ALA C 74 8.77 58.77 24.00
N GLU C 75 9.11 59.37 22.86
CA GLU C 75 8.14 60.11 22.06
C GLU C 75 6.96 59.19 21.71
N LEU C 76 7.25 57.94 21.37
CA LEU C 76 6.20 56.99 21.03
C LEU C 76 5.70 56.31 22.28
N ALA C 77 6.61 55.98 23.19
CA ALA C 77 6.24 55.33 24.45
C ALA C 77 5.13 56.18 25.06
N HIS C 78 5.22 57.48 24.79
CA HIS C 78 4.25 58.46 25.27
C HIS C 78 2.83 58.01 24.93
N PHE C 79 2.69 57.34 23.79
CA PHE C 79 1.40 56.85 23.33
C PHE C 79 0.92 55.64 24.09
N ARG C 80 1.85 54.84 24.62
CA ARG C 80 1.47 53.65 25.37
C ARG C 80 0.58 54.08 26.54
N ASN C 81 1.15 54.85 27.46
CA ASN C 81 0.44 55.33 28.64
C ASN C 81 -1.02 55.65 28.36
N THR C 82 -1.24 56.49 27.37
CA THR C 82 -2.59 56.88 27.00
C THR C 82 -3.15 55.98 25.90
N ALA C 83 -4.42 55.61 26.03
CA ALA C 83 -5.08 54.75 25.05
C ALA C 83 -5.05 55.35 23.65
N GLN C 84 -4.58 56.59 23.54
CA GLN C 84 -4.49 57.27 22.26
C GLN C 84 -3.50 56.54 21.36
N PRO C 85 -4.02 55.82 20.35
CA PRO C 85 -3.29 55.03 19.36
C PRO C 85 -2.12 55.73 18.74
N ILE C 86 -1.42 55.03 17.85
CA ILE C 86 -0.27 55.62 17.19
C ILE C 86 -0.46 55.67 15.68
N ASN C 87 -1.16 56.69 15.21
CA ASN C 87 -1.40 56.87 13.77
C ASN C 87 -0.10 57.38 13.14
N LEU C 88 0.67 56.50 12.53
CA LEU C 88 1.93 56.92 11.90
C LEU C 88 1.72 57.91 10.76
N GLY C 89 0.47 58.11 10.37
CA GLY C 89 0.18 59.07 9.31
C GLY C 89 0.29 60.47 9.88
N ALA C 90 0.25 60.56 11.21
CA ALA C 90 0.35 61.82 11.91
C ALA C 90 1.70 61.84 12.63
N VAL C 91 2.06 60.73 13.27
CA VAL C 91 3.32 60.67 13.97
C VAL C 91 4.44 61.02 13.02
N LEU C 92 4.32 60.57 11.77
CA LEU C 92 5.35 60.84 10.78
C LEU C 92 5.28 62.25 10.18
N GLN C 93 4.12 62.62 9.64
CA GLN C 93 3.94 63.93 9.03
C GLN C 93 4.37 65.08 9.94
N GLU C 94 4.43 64.81 11.23
CA GLU C 94 4.80 65.81 12.22
C GLU C 94 6.29 65.73 12.57
N GLN C 95 6.76 64.52 12.87
CA GLN C 95 8.16 64.30 13.24
C GLN C 95 9.17 64.73 12.18
N LEU C 96 8.80 64.61 10.92
CA LEU C 96 9.71 65.02 9.84
C LEU C 96 10.00 66.51 9.90
N ALA C 97 9.00 67.27 10.31
CA ALA C 97 9.14 68.73 10.42
C ALA C 97 10.27 69.14 11.36
N ARG C 98 10.78 68.22 12.16
CA ARG C 98 11.86 68.54 13.10
C ARG C 98 13.26 68.39 12.52
N TYR C 99 13.60 67.17 12.10
CA TYR C 99 14.91 66.89 11.54
C TYR C 99 14.91 67.22 10.04
N PRO C 100 16.01 67.82 9.53
CA PRO C 100 16.13 68.18 8.11
C PRO C 100 15.97 66.97 7.18
N GLN C 101 15.57 67.20 5.93
CA GLN C 101 15.36 66.10 4.96
C GLN C 101 16.64 65.33 4.59
N SER C 102 17.74 65.66 5.25
CA SER C 102 19.01 65.00 4.98
C SER C 102 18.94 63.56 5.47
N ARG C 103 18.47 63.40 6.71
CA ARG C 103 18.36 62.08 7.31
C ARG C 103 16.89 61.68 7.45
N HIS C 104 16.10 62.07 6.46
CA HIS C 104 14.68 61.80 6.43
C HIS C 104 14.34 60.31 6.55
N PHE C 105 14.80 59.52 5.58
CA PHE C 105 14.53 58.09 5.56
C PHE C 105 14.76 57.45 6.93
N ASP C 106 16.02 57.42 7.35
CA ASP C 106 16.40 56.81 8.63
C ASP C 106 15.44 57.08 9.77
N VAL C 107 14.95 58.31 9.87
CA VAL C 107 14.01 58.66 10.92
C VAL C 107 12.74 57.83 10.77
N ALA C 108 12.29 57.70 9.53
CA ALA C 108 11.09 56.93 9.24
C ALA C 108 11.21 55.53 9.82
N ARG C 109 12.06 54.72 9.22
CA ARG C 109 12.30 53.35 9.65
C ARG C 109 12.18 53.16 11.16
N ILE C 110 12.94 53.96 11.89
CA ILE C 110 12.97 53.89 13.35
C ILE C 110 11.64 54.20 14.04
N ILE C 111 10.87 55.13 13.48
CA ILE C 111 9.58 55.47 14.06
C ILE C 111 8.66 54.29 13.79
N VAL C 112 8.85 53.69 12.62
CA VAL C 112 8.07 52.52 12.23
C VAL C 112 8.53 51.31 13.04
N ASP C 113 9.82 51.02 12.98
CA ASP C 113 10.42 49.92 13.72
C ASP C 113 9.97 49.96 15.17
N GLN C 114 9.96 51.16 15.74
CA GLN C 114 9.55 51.37 17.13
C GLN C 114 8.04 51.34 17.30
N ALA C 115 7.32 51.93 16.35
CA ALA C 115 5.86 51.97 16.42
C ALA C 115 5.25 50.57 16.45
N VAL C 116 5.97 49.59 15.93
CA VAL C 116 5.46 48.22 15.91
C VAL C 116 5.83 47.41 17.15
N LYS C 117 7.07 47.53 17.62
CA LYS C 117 7.51 46.79 18.80
C LYS C 117 6.67 47.15 20.01
N LEU C 118 5.70 48.04 19.80
CA LEU C 118 4.81 48.50 20.85
C LEU C 118 3.37 47.98 20.76
N GLY C 119 2.99 47.47 19.60
CA GLY C 119 1.63 46.96 19.43
C GLY C 119 1.30 46.45 18.03
N MET C 120 0.02 46.49 17.69
CA MET C 120 -0.44 46.03 16.38
C MET C 120 -1.83 46.55 16.03
N ALA C 121 -1.99 46.96 14.78
CA ALA C 121 -3.26 47.49 14.30
C ALA C 121 -4.40 46.58 14.70
N SER C 122 -5.58 47.16 14.94
CA SER C 122 -6.76 46.40 15.32
C SER C 122 -7.54 45.98 14.08
N GLN C 123 -7.87 46.95 13.23
CA GLN C 123 -8.60 46.64 12.01
C GLN C 123 -7.59 46.18 10.97
N ASP C 124 -6.79 45.19 11.38
CA ASP C 124 -5.77 44.60 10.54
C ASP C 124 -6.23 43.17 10.26
N HIS C 125 -7.32 42.80 10.91
CA HIS C 125 -7.91 41.48 10.76
C HIS C 125 -9.29 41.66 10.15
N GLN C 126 -9.55 42.86 9.63
CA GLN C 126 -10.83 43.14 9.01
C GLN C 126 -10.63 43.19 7.50
N ALA C 127 -9.48 42.67 7.07
CA ALA C 127 -9.11 42.57 5.66
C ALA C 127 -9.53 43.79 4.84
N VAL C 128 -8.77 44.88 4.95
CA VAL C 128 -9.06 46.08 4.20
C VAL C 128 -7.77 46.77 3.77
N TYR C 129 -7.65 46.98 2.46
CA TYR C 129 -6.49 47.61 1.86
C TYR C 129 -6.18 48.94 2.52
N PRO C 130 -5.01 49.04 3.16
CA PRO C 130 -4.61 50.28 3.83
C PRO C 130 -4.30 51.29 2.75
N VAL C 131 -4.87 52.49 2.87
CA VAL C 131 -4.65 53.52 1.88
C VAL C 131 -3.28 54.19 2.05
N TRP C 132 -2.67 54.61 0.96
CA TRP C 132 -1.35 55.27 1.01
C TRP C 132 -1.44 56.66 1.58
N GLN C 133 -1.41 56.76 2.92
CA GLN C 133 -1.48 58.04 3.60
C GLN C 133 -0.19 58.80 3.28
N PRO C 134 -0.29 59.88 2.48
CA PRO C 134 0.88 60.68 2.10
C PRO C 134 1.39 61.58 3.24
N ILE C 135 2.63 62.06 3.09
CA ILE C 135 3.23 63.03 4.03
C ILE C 135 4.00 64.04 3.15
N ASP C 136 4.95 64.75 3.74
CA ASP C 136 5.76 65.68 2.99
C ASP C 136 4.93 66.61 2.11
N ASP C 137 5.60 67.48 1.38
CA ASP C 137 4.92 68.34 0.44
C ASP C 137 5.18 67.68 -0.91
N PHE C 138 6.16 66.79 -0.92
CA PHE C 138 6.61 66.12 -2.14
C PHE C 138 5.99 64.76 -2.44
N SER C 139 6.73 63.69 -2.19
CA SER C 139 6.26 62.36 -2.52
C SER C 139 6.06 61.36 -1.41
N ALA C 140 7.15 61.01 -0.74
CA ALA C 140 7.12 60.03 0.34
C ALA C 140 5.77 59.90 1.03
N ALA C 141 5.41 58.67 1.38
CA ALA C 141 4.15 58.39 2.06
C ALA C 141 4.33 57.22 3.01
N VAL C 142 3.25 56.80 3.64
CA VAL C 142 3.29 55.68 4.56
C VAL C 142 2.02 54.87 4.47
N GLN C 143 2.15 53.57 4.64
CA GLN C 143 1.01 52.66 4.57
C GLN C 143 0.91 51.85 5.85
N ALA C 144 -0.13 52.11 6.63
CA ALA C 144 -0.33 51.38 7.88
C ALA C 144 -1.57 51.89 8.58
N HIS C 145 -2.36 50.96 9.09
CA HIS C 145 -3.57 51.33 9.80
C HIS C 145 -3.10 51.83 11.15
N LEU C 146 -4.02 52.44 11.88
CA LEU C 146 -3.71 52.96 13.20
C LEU C 146 -3.23 51.79 14.03
N ILE C 147 -2.47 52.06 15.09
CA ILE C 147 -2.00 50.98 15.94
C ILE C 147 -2.82 51.03 17.22
N ASP C 148 -3.61 49.98 17.46
CA ASP C 148 -4.49 49.89 18.63
C ASP C 148 -4.01 49.06 19.81
N GLN C 149 -4.85 48.14 20.25
CA GLN C 149 -4.56 47.26 21.38
C GLN C 149 -3.07 46.98 21.53
N TYR C 150 -2.63 46.78 22.77
CA TYR C 150 -1.23 46.54 23.05
C TYR C 150 -0.79 45.11 23.32
N ASP C 151 0.51 44.93 23.52
CA ASP C 151 1.11 43.61 23.75
C ASP C 151 1.91 43.56 25.08
N LYS C 152 1.21 43.17 26.16
CA LYS C 152 1.75 43.06 27.51
C LYS C 152 1.71 44.35 28.34
N ILE D 4 -42.24 -16.99 34.73
CA ILE D 4 -41.11 -17.93 34.43
C ILE D 4 -39.84 -17.15 34.12
N ALA D 5 -38.76 -17.86 33.79
CA ALA D 5 -37.49 -17.24 33.45
C ALA D 5 -36.72 -18.12 32.47
N ARG D 6 -36.31 -17.53 31.35
CA ARG D 6 -35.60 -18.27 30.31
C ARG D 6 -34.07 -18.29 30.47
N GLY D 7 -33.52 -19.42 30.89
CA GLY D 7 -32.09 -19.54 31.09
C GLY D 7 -31.29 -18.88 29.98
N LYS D 8 -30.14 -18.30 30.34
CA LYS D 8 -29.31 -17.61 29.35
C LYS D 8 -27.82 -17.93 29.45
N PHE D 9 -27.10 -17.62 28.39
CA PHE D 9 -25.65 -17.83 28.35
C PHE D 9 -25.05 -16.59 29.01
N ARG D 10 -23.92 -16.77 29.70
CA ARG D 10 -23.29 -15.64 30.36
C ARG D 10 -21.95 -15.25 29.79
N SER D 11 -21.09 -16.23 29.53
CA SER D 11 -19.77 -15.90 29.02
C SER D 11 -19.01 -17.04 28.36
N LEU D 12 -18.26 -16.68 27.34
CA LEU D 12 -17.43 -17.65 26.63
C LEU D 12 -16.09 -17.49 27.33
N THR D 13 -15.31 -18.56 27.39
CA THR D 13 -14.03 -18.48 28.05
C THR D 13 -12.96 -19.21 27.28
N LEU D 14 -12.04 -18.47 26.69
CA LEU D 14 -10.96 -19.06 25.91
C LEU D 14 -9.73 -19.25 26.75
N ILE D 15 -9.00 -20.34 26.51
CA ILE D 15 -7.80 -20.61 27.27
C ILE D 15 -6.63 -21.05 26.41
N ASN D 16 -5.55 -20.29 26.48
CA ASN D 16 -4.36 -20.57 25.70
C ASN D 16 -4.61 -20.44 24.21
N TRP D 17 -5.89 -20.31 23.83
CA TRP D 17 -6.26 -20.15 22.43
C TRP D 17 -5.35 -19.15 21.76
N ASN D 18 -4.74 -19.54 20.64
CA ASN D 18 -3.85 -18.65 19.91
C ASN D 18 -4.15 -17.17 20.08
N GLY D 19 -3.20 -16.43 20.65
CA GLY D 19 -3.39 -15.00 20.85
C GLY D 19 -4.27 -14.65 22.04
N PHE D 20 -4.94 -15.66 22.59
CA PHE D 20 -5.81 -15.48 23.74
C PHE D 20 -5.28 -16.32 24.91
N PHE D 21 -4.20 -15.89 25.56
CA PHE D 21 -3.65 -16.66 26.68
C PHE D 21 -4.75 -17.18 27.58
N ALA D 22 -5.79 -16.38 27.72
CA ALA D 22 -6.93 -16.74 28.55
C ALA D 22 -7.79 -15.49 28.68
N ARG D 23 -8.99 -15.52 28.11
CA ARG D 23 -9.87 -14.38 28.19
C ARG D 23 -11.34 -14.79 28.17
N THR D 24 -12.18 -13.94 28.74
CA THR D 24 -13.61 -14.20 28.83
C THR D 24 -14.41 -12.96 28.46
N PHE D 25 -15.43 -13.17 27.63
CA PHE D 25 -16.31 -12.11 27.17
C PHE D 25 -17.72 -12.31 27.74
N ASP D 26 -18.27 -11.26 28.36
CA ASP D 26 -19.61 -11.33 28.93
C ASP D 26 -20.65 -11.08 27.84
N PHE D 27 -21.48 -12.09 27.59
CA PHE D 27 -22.53 -12.03 26.57
C PHE D 27 -23.72 -11.18 27.03
N ASP D 28 -23.98 -10.11 26.30
CA ASP D 28 -25.10 -9.25 26.65
C ASP D 28 -26.37 -10.08 26.58
N GLU D 29 -27.38 -9.64 27.29
CA GLU D 29 -28.66 -10.33 27.33
C GLU D 29 -29.45 -10.10 26.04
N LEU D 30 -29.12 -9.02 25.32
CA LEU D 30 -29.80 -8.70 24.07
C LEU D 30 -28.99 -9.13 22.86
N VAL D 31 -27.99 -8.34 22.48
CA VAL D 31 -27.14 -8.67 21.33
C VAL D 31 -25.66 -8.40 21.55
N THR D 32 -24.88 -9.46 21.41
CA THR D 32 -23.44 -9.43 21.58
C THR D 32 -22.78 -9.19 20.22
N THR D 33 -21.94 -8.16 20.11
CA THR D 33 -21.28 -7.84 18.85
C THR D 33 -19.75 -7.73 18.96
N LEU D 34 -19.05 -8.56 18.19
CA LEU D 34 -17.58 -8.58 18.19
C LEU D 34 -17.03 -7.59 17.15
N SER D 35 -16.35 -6.56 17.64
CA SER D 35 -15.76 -5.51 16.79
C SER D 35 -14.26 -5.65 16.55
N GLY D 36 -13.85 -5.37 15.31
CA GLY D 36 -12.44 -5.47 14.95
C GLY D 36 -12.17 -5.31 13.48
N GLY D 37 -10.89 -5.45 13.13
CA GLY D 37 -10.48 -5.32 11.74
C GLY D 37 -9.85 -6.60 11.24
N ASN D 38 -10.06 -6.89 9.95
CA ASN D 38 -9.54 -8.09 9.29
C ASN D 38 -8.41 -8.77 10.07
N GLY D 39 -8.57 -10.08 10.28
CA GLY D 39 -7.55 -10.81 11.02
C GLY D 39 -7.75 -10.74 12.51
N ALA D 40 -8.08 -9.54 12.99
CA ALA D 40 -8.31 -9.28 14.41
C ALA D 40 -8.33 -10.51 15.30
N GLY D 41 -9.37 -11.34 15.15
CA GLY D 41 -9.51 -12.55 15.95
C GLY D 41 -10.95 -12.84 16.36
N LYS D 42 -11.88 -12.19 15.69
CA LYS D 42 -13.29 -12.35 15.97
C LYS D 42 -13.82 -13.76 15.77
N SER D 43 -13.77 -14.23 14.52
CA SER D 43 -14.25 -15.57 14.16
C SER D 43 -13.82 -16.71 15.08
N THR D 44 -12.51 -16.85 15.30
CA THR D 44 -12.02 -17.91 16.18
C THR D 44 -12.85 -17.96 17.47
N THR D 45 -13.21 -16.77 17.97
CA THR D 45 -14.01 -16.66 19.19
C THR D 45 -15.32 -17.43 19.07
N MET D 46 -16.07 -17.17 18.00
CA MET D 46 -17.32 -17.87 17.80
C MET D 46 -17.00 -19.34 17.67
N ALA D 47 -15.92 -19.64 16.95
CA ALA D 47 -15.51 -21.02 16.74
C ALA D 47 -15.41 -21.71 18.08
N GLY D 48 -14.64 -21.12 18.98
CA GLY D 48 -14.49 -21.71 20.30
C GLY D 48 -15.84 -21.96 20.93
N PHE D 49 -16.77 -21.03 20.71
CA PHE D 49 -18.12 -21.14 21.25
C PHE D 49 -18.76 -22.40 20.66
N VAL D 50 -18.58 -22.59 19.36
CA VAL D 50 -19.12 -23.75 18.68
C VAL D 50 -18.37 -24.99 19.12
N THR D 51 -17.04 -24.88 19.08
CA THR D 51 -16.16 -25.98 19.48
C THR D 51 -16.57 -26.53 20.83
N ALA D 52 -16.77 -25.63 21.79
CA ALA D 52 -17.17 -26.03 23.13
C ALA D 52 -18.66 -26.34 23.20
N LEU D 53 -19.39 -26.00 22.15
CA LEU D 53 -20.83 -26.25 22.14
C LEU D 53 -21.20 -27.58 21.46
N ILE D 54 -20.38 -28.03 20.52
CA ILE D 54 -20.63 -29.28 19.82
C ILE D 54 -19.29 -29.92 19.46
N PRO D 55 -18.51 -30.30 20.47
CA PRO D 55 -17.19 -30.93 20.27
C PRO D 55 -17.17 -32.29 19.56
N ASP D 56 -16.81 -32.26 18.28
CA ASP D 56 -16.73 -33.46 17.45
C ASP D 56 -16.00 -33.20 16.13
N LEU D 57 -14.96 -34.00 15.86
CA LEU D 57 -14.22 -33.83 14.62
C LEU D 57 -14.86 -34.61 13.48
N THR D 58 -16.19 -34.61 13.47
CA THR D 58 -16.97 -35.28 12.45
C THR D 58 -17.91 -34.24 11.87
N LEU D 59 -17.92 -33.07 12.49
CA LEU D 59 -18.77 -31.98 12.03
C LEU D 59 -18.07 -30.64 12.11
N LEU D 60 -17.13 -30.51 13.04
CA LEU D 60 -16.37 -29.27 13.21
C LEU D 60 -15.43 -29.02 12.03
N ASN D 61 -15.89 -28.19 11.11
CA ASN D 61 -15.13 -27.83 9.93
C ASN D 61 -15.36 -26.34 9.83
N PHE D 62 -14.27 -25.57 9.81
CA PHE D 62 -14.40 -24.12 9.76
C PHE D 62 -13.90 -23.47 8.48
N ARG D 63 -14.57 -23.74 7.37
CA ARG D 63 -14.17 -23.17 6.09
C ARG D 63 -14.17 -21.66 6.26
N ASN D 64 -13.44 -20.97 5.40
CA ASN D 64 -13.38 -19.52 5.46
C ASN D 64 -14.72 -19.01 4.93
N THR D 65 -15.23 -17.90 5.48
CA THR D 65 -16.51 -17.37 5.04
C THR D 65 -16.55 -17.01 3.55
N THR D 66 -15.55 -17.49 2.82
CA THR D 66 -15.49 -17.27 1.38
C THR D 66 -15.95 -18.54 0.70
N GLU D 67 -15.92 -19.65 1.45
CA GLU D 67 -16.35 -20.93 0.93
C GLU D 67 -17.58 -21.36 1.72
N ALA D 68 -18.65 -20.56 1.62
CA ALA D 68 -19.89 -20.86 2.32
C ALA D 68 -20.32 -22.31 2.10
N GLY D 69 -20.80 -22.60 0.89
CA GLY D 69 -21.23 -23.94 0.54
C GLY D 69 -20.24 -24.60 -0.37
N SER D 70 -19.51 -25.57 0.16
CA SER D 70 -18.51 -26.29 -0.61
C SER D 70 -18.57 -27.75 -0.24
N THR D 71 -19.18 -28.55 -1.12
CA THR D 71 -19.32 -29.99 -0.91
C THR D 71 -18.02 -30.58 -0.38
N SER D 72 -16.89 -29.96 -0.73
CA SER D 72 -15.59 -30.41 -0.27
C SER D 72 -15.55 -30.40 1.26
N SER D 73 -14.80 -31.33 1.85
CA SER D 73 -14.65 -31.42 3.30
C SER D 73 -13.46 -32.32 3.61
N SER D 74 -12.58 -32.40 2.63
CA SER D 74 -11.36 -33.19 2.72
C SER D 74 -10.25 -32.28 3.25
N ARG D 75 -10.27 -31.03 2.80
CA ARG D 75 -9.28 -30.05 3.21
C ARG D 75 -9.19 -30.01 4.73
N ASP D 76 -8.21 -29.29 5.26
CA ASP D 76 -8.02 -29.19 6.70
C ASP D 76 -9.34 -28.82 7.39
N LYS D 77 -9.40 -29.06 8.68
CA LYS D 77 -10.62 -28.77 9.43
C LYS D 77 -10.64 -27.34 9.92
N GLY D 78 -9.48 -26.68 9.85
CA GLY D 78 -9.38 -25.29 10.28
C GLY D 78 -9.63 -25.09 11.75
N LEU D 79 -8.70 -25.55 12.58
CA LEU D 79 -8.83 -25.41 14.01
C LEU D 79 -7.50 -25.59 14.73
N TYR D 80 -6.84 -26.72 14.46
CA TYR D 80 -5.54 -27.04 15.07
C TYR D 80 -4.66 -25.81 15.26
N GLY D 81 -4.59 -24.97 14.23
CA GLY D 81 -3.77 -23.78 14.32
C GLY D 81 -4.37 -22.65 15.15
N LYS D 82 -5.67 -22.69 15.36
CA LYS D 82 -6.35 -21.65 16.13
C LYS D 82 -6.28 -21.86 17.64
N LEU D 83 -5.26 -22.59 18.07
CA LEU D 83 -5.04 -22.87 19.48
C LEU D 83 -3.55 -23.09 19.75
N LYS D 84 -2.92 -22.20 20.50
CA LYS D 84 -1.49 -22.32 20.82
C LYS D 84 -1.19 -23.72 21.31
N ALA D 85 0.09 -24.03 21.49
CA ALA D 85 0.50 -25.36 21.94
C ALA D 85 0.35 -25.58 23.45
N GLY D 86 0.22 -26.84 23.83
CA GLY D 86 0.08 -27.19 25.25
C GLY D 86 -1.32 -27.62 25.65
N VAL D 87 -1.95 -26.83 26.51
CA VAL D 87 -3.29 -27.13 26.99
C VAL D 87 -4.25 -25.97 26.76
N CYS D 88 -5.43 -26.30 26.26
CA CYS D 88 -6.44 -25.28 26.00
C CYS D 88 -7.78 -25.68 26.55
N TYR D 89 -8.64 -24.68 26.73
CA TYR D 89 -9.98 -24.88 27.25
C TYR D 89 -10.96 -23.99 26.49
N ALA D 90 -12.20 -24.46 26.38
CA ALA D 90 -13.28 -23.74 25.70
C ALA D 90 -14.46 -23.86 26.65
N VAL D 91 -14.84 -22.75 27.28
CA VAL D 91 -15.92 -22.78 28.26
C VAL D 91 -17.17 -21.95 27.99
N LEU D 92 -18.30 -22.45 28.52
CA LEU D 92 -19.60 -21.79 28.40
C LEU D 92 -20.28 -21.61 29.76
N GLU D 93 -20.44 -20.36 30.15
CA GLU D 93 -21.08 -20.02 31.41
C GLU D 93 -22.57 -19.77 31.14
N THR D 94 -23.40 -20.70 31.60
CA THR D 94 -24.85 -20.62 31.39
C THR D 94 -25.58 -20.66 32.73
N VAL D 95 -26.59 -19.80 32.90
CA VAL D 95 -27.33 -19.76 34.15
C VAL D 95 -28.75 -20.31 34.02
N ASN D 96 -28.96 -21.49 34.58
CA ASN D 96 -30.26 -22.17 34.55
C ASN D 96 -31.47 -21.30 34.85
N SER D 97 -32.65 -21.80 34.48
CA SER D 97 -33.88 -21.09 34.74
C SER D 97 -34.08 -21.07 36.26
N ARG D 98 -33.41 -22.00 36.92
CA ARG D 98 -33.48 -22.12 38.37
C ARG D 98 -32.41 -21.23 38.98
N ALA D 99 -31.74 -20.48 38.11
CA ALA D 99 -30.66 -19.56 38.51
C ALA D 99 -29.39 -20.31 38.85
N GLN D 100 -29.30 -21.57 38.42
CA GLN D 100 -28.14 -22.42 38.66
C GLN D 100 -26.99 -22.09 37.71
N ARG D 101 -25.87 -21.63 38.29
CA ARG D 101 -24.70 -21.30 37.49
C ARG D 101 -24.08 -22.58 36.96
N ILE D 102 -24.20 -22.80 35.66
CA ILE D 102 -23.68 -23.99 35.04
C ILE D 102 -22.51 -23.72 34.10
N ILE D 103 -21.49 -24.55 34.20
CA ILE D 103 -20.30 -24.41 33.39
C ILE D 103 -20.06 -25.65 32.53
N THR D 104 -20.33 -25.52 31.23
CA THR D 104 -20.12 -26.62 30.27
C THR D 104 -18.84 -26.29 29.52
N GLY D 105 -17.87 -27.21 29.54
CA GLY D 105 -16.61 -26.93 28.88
C GLY D 105 -15.99 -28.02 28.05
N VAL D 106 -14.78 -27.75 27.55
CA VAL D 106 -14.04 -28.68 26.72
C VAL D 106 -12.55 -28.38 26.78
N ARG D 107 -11.72 -29.42 26.84
CA ARG D 107 -10.28 -29.24 26.85
C ARG D 107 -9.77 -29.48 25.44
N LEU D 108 -9.04 -28.52 24.90
CA LEU D 108 -8.52 -28.63 23.54
C LEU D 108 -7.00 -28.70 23.56
N GLN D 109 -6.45 -29.68 22.83
CA GLN D 109 -5.00 -29.87 22.79
C GLN D 109 -4.47 -30.43 21.48
N GLN D 110 -3.26 -30.01 21.11
CA GLN D 110 -2.63 -30.44 19.85
C GLN D 110 -1.92 -31.79 19.90
N ILE D 111 -2.41 -32.71 19.09
CA ILE D 111 -1.88 -34.07 18.97
C ILE D 111 -0.41 -34.09 18.61
N ALA D 112 0.12 -35.29 18.35
CA ALA D 112 1.52 -35.45 17.95
C ALA D 112 1.70 -34.67 16.67
N GLY D 113 1.85 -33.35 16.83
CA GLY D 113 2.00 -32.44 15.71
C GLY D 113 2.63 -32.92 14.42
N ARG D 114 1.93 -33.81 13.71
CA ARG D 114 2.41 -34.33 12.44
C ARG D 114 1.27 -34.10 11.44
N ASP D 115 0.06 -34.42 11.90
CA ASP D 115 -1.16 -34.26 11.13
C ASP D 115 -1.60 -32.83 11.41
N LYS D 116 -2.83 -32.67 11.86
CA LYS D 116 -3.37 -31.36 12.20
C LYS D 116 -4.63 -31.60 13.01
N LYS D 117 -4.74 -32.80 13.56
CA LYS D 117 -5.89 -33.15 14.37
C LYS D 117 -5.72 -32.57 15.76
N VAL D 118 -6.78 -32.60 16.57
CA VAL D 118 -6.73 -32.05 17.92
C VAL D 118 -7.54 -32.89 18.87
N ASP D 119 -7.09 -33.01 20.12
CA ASP D 119 -7.80 -33.81 21.12
C ASP D 119 -8.79 -32.99 21.94
N ILE D 120 -10.01 -33.51 22.04
CA ILE D 120 -11.06 -32.85 22.78
C ILE D 120 -11.77 -33.83 23.70
N ARG D 121 -12.14 -33.33 24.88
CA ARG D 121 -12.85 -34.11 25.89
C ARG D 121 -13.69 -33.14 26.72
N PRO D 122 -15.00 -33.11 26.47
CA PRO D 122 -15.99 -32.26 27.14
C PRO D 122 -16.01 -32.49 28.65
N PHE D 123 -16.06 -31.39 29.39
CA PHE D 123 -16.07 -31.48 30.84
C PHE D 123 -16.97 -30.38 31.40
N SER D 124 -17.44 -30.57 32.62
CA SER D 124 -18.31 -29.59 33.26
C SER D 124 -18.05 -29.46 34.75
N LEU D 125 -18.18 -28.22 35.23
CA LEU D 125 -18.00 -27.90 36.63
C LEU D 125 -19.30 -27.25 37.12
N GLN D 126 -20.03 -27.96 37.97
CA GLN D 126 -21.30 -27.48 38.47
C GLN D 126 -21.26 -27.01 39.91
N ASN D 127 -22.25 -26.20 40.30
CA ASN D 127 -22.37 -25.68 41.67
C ASN D 127 -21.26 -24.68 42.03
N VAL D 128 -20.41 -24.38 41.06
CA VAL D 128 -19.30 -23.44 41.26
C VAL D 128 -19.76 -22.14 41.89
N PRO D 129 -18.98 -21.59 42.84
CA PRO D 129 -19.34 -20.33 43.51
C PRO D 129 -19.72 -19.24 42.51
N MET D 130 -20.54 -18.29 42.96
CA MET D 130 -21.00 -17.21 42.11
C MET D 130 -20.03 -16.02 42.01
N THR D 131 -18.83 -16.13 42.57
CA THR D 131 -17.89 -15.01 42.51
C THR D 131 -16.43 -15.42 42.36
N ASP D 132 -16.20 -16.50 41.62
CA ASP D 132 -14.84 -16.95 41.39
C ASP D 132 -14.53 -16.88 39.90
N SER D 133 -13.47 -16.17 39.54
CA SER D 133 -13.05 -16.00 38.15
C SER D 133 -13.19 -17.31 37.38
N VAL D 134 -14.18 -17.35 36.48
CA VAL D 134 -14.43 -18.53 35.65
C VAL D 134 -13.10 -18.97 35.05
N ILE D 135 -12.23 -17.99 34.89
CA ILE D 135 -10.90 -18.19 34.34
C ILE D 135 -10.02 -18.85 35.39
N SER D 136 -10.05 -18.29 36.59
CA SER D 136 -9.26 -18.81 37.69
C SER D 136 -9.68 -20.27 37.94
N LEU D 137 -10.94 -20.58 37.68
CA LEU D 137 -11.44 -21.94 37.89
C LEU D 137 -10.63 -22.98 37.10
N PHE D 138 -9.76 -22.50 36.23
CA PHE D 138 -8.92 -23.38 35.41
C PHE D 138 -7.48 -22.93 35.40
N THR D 139 -7.14 -22.00 36.28
CA THR D 139 -5.78 -21.50 36.33
C THR D 139 -5.17 -21.41 37.72
N GLU D 140 -3.84 -21.46 37.74
CA GLU D 140 -3.05 -21.35 38.97
C GLU D 140 -1.99 -20.32 38.60
N GLN D 141 -2.00 -19.17 39.27
CA GLN D 141 -1.06 -18.10 38.96
C GLN D 141 0.32 -18.20 39.59
N VAL D 142 1.26 -17.45 39.00
CA VAL D 142 2.66 -17.41 39.45
C VAL D 142 3.18 -15.94 39.52
N ALA D 143 2.85 -15.13 38.52
CA ALA D 143 3.26 -13.72 38.48
C ALA D 143 2.66 -12.97 37.29
N ARG D 147 -0.49 -20.16 35.12
CA ARG D 147 -0.29 -21.36 34.31
C ARG D 147 -1.58 -22.19 34.38
N VAL D 148 -1.92 -22.87 33.28
CA VAL D 148 -3.12 -23.69 33.25
C VAL D 148 -2.82 -25.05 33.84
N LEU D 149 -3.84 -25.75 34.32
CA LEU D 149 -3.66 -27.06 34.92
C LEU D 149 -4.42 -28.16 34.20
N SER D 150 -3.81 -29.34 34.13
CA SER D 150 -4.42 -30.50 33.48
C SER D 150 -5.76 -30.82 34.10
N LEU D 151 -6.52 -31.65 33.39
CA LEU D 151 -7.84 -32.08 33.86
C LEU D 151 -7.64 -32.78 35.20
N ASN D 152 -6.69 -33.71 35.23
CA ASN D 152 -6.38 -34.44 36.44
C ASN D 152 -6.27 -33.45 37.58
N ASP D 153 -5.55 -32.35 37.33
CA ASP D 153 -5.37 -31.30 38.33
C ASP D 153 -6.72 -30.79 38.81
N LEU D 154 -7.61 -30.47 37.88
CA LEU D 154 -8.94 -29.97 38.23
C LEU D 154 -9.66 -30.97 39.12
N LYS D 155 -9.55 -32.25 38.76
CA LYS D 155 -10.17 -33.32 39.52
C LYS D 155 -9.71 -33.23 40.97
N GLU D 156 -8.39 -33.24 41.16
CA GLU D 156 -7.81 -33.19 42.50
C GLU D 156 -7.98 -31.83 43.19
N LYS D 157 -8.12 -30.76 42.42
CA LYS D 157 -8.29 -29.45 43.03
C LYS D 157 -9.72 -29.25 43.54
N PHE D 158 -10.66 -30.05 43.05
CA PHE D 158 -12.05 -29.94 43.48
C PHE D 158 -12.62 -31.26 43.96
N GLU D 159 -11.75 -32.26 44.08
CA GLU D 159 -12.16 -33.58 44.57
C GLU D 159 -13.02 -33.37 45.82
N GLU D 160 -12.37 -32.99 46.90
CA GLU D 160 -13.07 -32.69 48.14
C GLU D 160 -13.44 -31.21 48.20
N THR D 161 -14.54 -30.88 47.57
CA THR D 161 -15.01 -29.50 47.51
C THR D 161 -16.49 -29.45 47.19
N ALA D 162 -17.01 -28.23 47.12
CA ALA D 162 -18.42 -27.98 46.85
C ALA D 162 -18.75 -27.94 45.36
N VAL D 163 -17.80 -28.30 44.52
CA VAL D 163 -18.04 -28.32 43.08
C VAL D 163 -17.73 -29.71 42.57
N THR D 164 -18.23 -30.04 41.38
CA THR D 164 -17.99 -31.36 40.82
C THR D 164 -17.49 -31.36 39.37
N PHE D 165 -16.23 -31.75 39.22
CA PHE D 165 -15.55 -31.82 37.92
C PHE D 165 -15.82 -33.19 37.35
N LYS D 166 -16.81 -33.29 36.45
CA LYS D 166 -17.14 -34.59 35.90
C LYS D 166 -16.85 -34.74 34.41
N PRO D 167 -15.88 -35.59 34.07
CA PRO D 167 -15.49 -35.86 32.69
C PRO D 167 -16.54 -36.77 32.04
N TYR D 168 -16.50 -36.91 30.71
CA TYR D 168 -17.47 -37.75 30.03
C TYR D 168 -16.84 -38.71 29.04
N HIS D 169 -17.26 -39.97 29.11
CA HIS D 169 -16.73 -40.99 28.22
C HIS D 169 -17.14 -40.72 26.78
N SER D 170 -18.35 -40.19 26.59
CA SER D 170 -18.84 -39.90 25.25
C SER D 170 -19.55 -38.56 25.13
N ILE D 171 -19.53 -38.03 23.90
CA ILE D 171 -20.16 -36.77 23.58
C ILE D 171 -21.64 -36.88 23.90
N THR D 172 -22.20 -38.05 23.64
CA THR D 172 -23.60 -38.32 23.88
C THR D 172 -23.96 -37.99 25.33
N ASP D 173 -23.00 -38.17 26.22
CA ASP D 173 -23.21 -37.90 27.64
C ASP D 173 -23.12 -36.42 27.96
N TYR D 174 -22.27 -35.71 27.22
CA TYR D 174 -22.08 -34.28 27.40
C TYR D 174 -23.42 -33.55 27.27
N HIS D 175 -23.97 -33.54 26.06
CA HIS D 175 -25.24 -32.88 25.78
C HIS D 175 -26.35 -33.28 26.75
N SER D 176 -26.46 -34.57 27.03
CA SER D 176 -27.46 -35.06 27.97
C SER D 176 -27.39 -34.15 29.19
N PHE D 177 -26.17 -33.97 29.71
CA PHE D 177 -25.95 -33.13 30.89
C PHE D 177 -26.37 -31.68 30.65
N MET D 178 -26.40 -31.28 29.38
CA MET D 178 -26.79 -29.93 29.02
C MET D 178 -28.31 -29.82 28.84
N PHE D 179 -28.86 -30.66 27.96
CA PHE D 179 -30.30 -30.65 27.74
C PHE D 179 -31.03 -30.71 29.07
N ASP D 180 -30.64 -31.67 29.91
CA ASP D 180 -31.25 -31.84 31.22
C ASP D 180 -31.28 -30.52 31.98
N LEU D 181 -30.10 -30.04 32.36
CA LEU D 181 -29.98 -28.79 33.10
C LEU D 181 -30.71 -27.64 32.44
N GLY D 182 -30.76 -27.64 31.11
CA GLY D 182 -31.47 -26.57 30.42
C GLY D 182 -30.65 -25.70 29.48
N ILE D 183 -29.82 -26.32 28.67
CA ILE D 183 -29.00 -25.56 27.73
C ILE D 183 -29.43 -25.89 26.30
N LEU D 184 -29.33 -27.16 25.93
CA LEU D 184 -29.69 -27.59 24.58
C LEU D 184 -31.19 -27.52 24.29
N PRO D 185 -31.57 -26.91 23.13
CA PRO D 185 -32.97 -26.78 22.74
C PRO D 185 -33.58 -28.06 22.16
N LYS D 186 -32.73 -29.04 21.87
CA LYS D 186 -33.18 -30.33 21.33
C LYS D 186 -32.52 -31.52 22.02
N ARG D 187 -33.22 -32.65 22.01
CA ARG D 187 -32.73 -33.88 22.63
C ARG D 187 -31.61 -34.50 21.80
N LEU D 188 -30.38 -34.08 22.04
CA LEU D 188 -29.28 -34.66 21.28
C LEU D 188 -28.98 -36.04 21.85
N ARG D 189 -29.33 -37.08 21.09
CA ARG D 189 -29.11 -38.46 21.51
C ARG D 189 -28.32 -39.26 20.49
N SER D 190 -28.63 -39.06 19.21
CA SER D 190 -27.98 -39.77 18.11
C SER D 190 -27.06 -38.90 17.24
N SER D 191 -26.35 -39.54 16.32
CA SER D 191 -25.45 -38.83 15.41
C SER D 191 -26.34 -37.93 14.57
N SER D 192 -27.36 -38.55 13.99
CA SER D 192 -28.34 -37.88 13.14
C SER D 192 -28.74 -36.56 13.80
N ASP D 193 -29.04 -36.63 15.08
CA ASP D 193 -29.46 -35.46 15.85
C ASP D 193 -28.39 -34.38 15.91
N ARG D 194 -27.13 -34.78 16.11
CA ARG D 194 -26.03 -33.81 16.19
C ARG D 194 -25.73 -33.11 14.86
N ASN D 195 -25.70 -33.89 13.78
CA ASN D 195 -25.44 -33.35 12.44
C ASN D 195 -26.32 -32.12 12.21
N LYS D 196 -27.64 -32.35 12.28
CA LYS D 196 -28.62 -31.29 12.07
C LYS D 196 -28.30 -30.08 12.94
N PHE D 197 -28.16 -30.32 14.25
CA PHE D 197 -27.87 -29.23 15.19
C PHE D 197 -26.64 -28.42 14.77
N TYR D 198 -25.54 -29.10 14.43
CA TYR D 198 -24.35 -28.38 14.01
C TYR D 198 -24.69 -27.65 12.72
N LYS D 199 -25.29 -28.38 11.78
CA LYS D 199 -25.67 -27.83 10.50
C LYS D 199 -26.43 -26.51 10.62
N LEU D 200 -27.22 -26.37 11.68
CA LEU D 200 -27.99 -25.14 11.90
C LEU D 200 -27.08 -24.10 12.53
N ILE D 201 -26.21 -24.58 13.41
CA ILE D 201 -25.28 -23.70 14.07
C ILE D 201 -24.33 -23.18 13.02
N GLU D 202 -24.17 -23.96 11.95
CA GLU D 202 -23.31 -23.58 10.85
C GLU D 202 -24.09 -22.60 9.98
N ALA D 203 -25.38 -22.88 9.80
CA ALA D 203 -26.25 -22.04 8.98
C ALA D 203 -26.36 -20.61 9.47
N SER D 204 -26.24 -20.41 10.77
CA SER D 204 -26.32 -19.06 11.31
C SER D 204 -24.98 -18.34 11.21
N LEU D 205 -23.89 -19.06 11.43
CA LEU D 205 -22.55 -18.47 11.38
C LEU D 205 -22.14 -17.95 10.00
N TYR D 206 -22.27 -18.79 8.97
CA TYR D 206 -21.88 -18.37 7.63
C TYR D 206 -22.93 -17.53 6.94
N GLY D 207 -24.12 -17.47 7.53
CA GLY D 207 -25.21 -16.67 6.97
C GLY D 207 -25.77 -17.16 5.65
N GLY D 208 -27.09 -17.11 5.52
CA GLY D 208 -27.72 -17.53 4.29
C GLY D 208 -28.75 -18.65 4.42
N ILE D 209 -29.62 -18.73 3.43
CA ILE D 209 -30.66 -19.74 3.40
C ILE D 209 -29.96 -21.08 3.17
N SER D 210 -29.92 -21.92 4.20
CA SER D 210 -29.29 -23.24 4.10
C SER D 210 -29.96 -24.14 3.08
N SER D 211 -29.23 -24.43 2.01
CA SER D 211 -29.73 -25.29 0.94
C SER D 211 -30.05 -26.70 1.47
N VAL D 212 -29.61 -26.99 2.69
CA VAL D 212 -29.84 -28.30 3.31
C VAL D 212 -31.19 -28.33 4.04
N ILE D 213 -31.49 -27.25 4.76
CA ILE D 213 -32.75 -27.14 5.50
C ILE D 213 -33.85 -26.74 4.52
N THR D 214 -33.46 -26.32 3.33
CA THR D 214 -34.42 -25.92 2.30
C THR D 214 -34.92 -27.18 1.59
N LYS D 215 -34.11 -28.24 1.65
CA LYS D 215 -34.45 -29.52 1.03
C LYS D 215 -35.35 -30.39 1.93
N SER D 216 -34.78 -30.89 3.02
CA SER D 216 -35.54 -31.69 3.98
C SER D 216 -36.09 -30.73 5.04
N LEU D 217 -36.68 -29.66 4.55
CA LEU D 217 -37.26 -28.61 5.40
C LEU D 217 -38.23 -29.20 6.41
N ARG D 218 -39.02 -30.17 5.96
CA ARG D 218 -40.02 -30.82 6.79
C ARG D 218 -39.42 -31.80 7.80
N ASP D 219 -38.09 -31.78 7.90
CA ASP D 219 -37.38 -32.67 8.81
C ASP D 219 -36.95 -31.95 10.09
N TYR D 220 -36.97 -30.61 10.07
CA TYR D 220 -36.57 -29.84 11.23
C TYR D 220 -37.73 -29.14 11.91
N LEU D 221 -38.87 -29.03 11.22
CA LEU D 221 -40.03 -28.35 11.78
C LEU D 221 -41.11 -29.29 12.28
N LEU D 222 -41.40 -30.32 11.50
CA LEU D 222 -42.44 -31.28 11.85
C LEU D 222 -41.90 -32.37 12.76
N PRO D 223 -42.27 -32.33 14.05
CA PRO D 223 -41.83 -33.31 15.05
C PRO D 223 -42.07 -34.75 14.62
N GLU D 224 -41.16 -35.64 14.99
CA GLU D 224 -41.28 -37.06 14.66
C GLU D 224 -41.97 -37.75 15.83
N ASN D 225 -43.31 -37.77 15.81
CA ASN D 225 -44.08 -38.38 16.88
C ASN D 225 -43.94 -39.88 16.98
N SER D 226 -43.10 -40.33 17.92
CA SER D 226 -42.91 -41.75 18.17
C SER D 226 -44.18 -42.17 18.90
N GLY D 227 -44.84 -41.18 19.50
CA GLY D 227 -46.06 -41.42 20.22
C GLY D 227 -47.00 -42.20 19.34
N VAL D 228 -47.54 -41.53 18.33
CA VAL D 228 -48.48 -42.15 17.40
C VAL D 228 -48.03 -43.49 16.82
N ARG D 229 -47.03 -43.47 15.94
CA ARG D 229 -46.57 -44.70 15.32
C ARG D 229 -46.34 -45.87 16.28
N GLN D 230 -45.37 -45.78 17.19
CA GLN D 230 -45.12 -46.89 18.11
C GLN D 230 -46.42 -47.33 18.75
N ALA D 231 -47.16 -46.36 19.28
CA ALA D 231 -48.42 -46.64 19.93
C ALA D 231 -49.36 -47.36 18.98
N PHE D 232 -49.99 -46.61 18.08
CA PHE D 232 -50.93 -47.19 17.14
C PHE D 232 -50.40 -48.49 16.53
N GLN D 233 -49.09 -48.64 16.51
CA GLN D 233 -48.47 -49.83 15.95
C GLN D 233 -48.91 -51.07 16.70
N ASP D 234 -49.13 -50.91 18.00
CA ASP D 234 -49.57 -52.02 18.84
C ASP D 234 -50.98 -52.47 18.50
N MET D 235 -51.77 -51.57 17.92
CA MET D 235 -53.14 -51.88 17.53
C MET D 235 -53.17 -52.94 16.43
N GLU D 236 -52.03 -53.11 15.75
CA GLU D 236 -51.91 -54.11 14.69
C GLU D 236 -51.80 -55.47 15.36
N ALA D 237 -51.48 -55.45 16.66
CA ALA D 237 -51.33 -56.67 17.45
C ALA D 237 -52.71 -57.12 17.95
N ALA D 238 -53.35 -56.24 18.73
CA ALA D 238 -54.67 -56.53 19.28
C ALA D 238 -55.75 -55.93 18.40
N ILE D 250 -59.65 -56.88 12.44
CA ILE D 250 -60.13 -55.79 13.29
C ILE D 250 -59.91 -54.44 12.59
N SER D 251 -60.87 -53.52 12.71
CA SER D 251 -60.75 -52.21 12.08
C SER D 251 -60.55 -51.08 13.08
N ALA D 252 -60.07 -49.95 12.57
CA ALA D 252 -59.82 -48.77 13.39
C ALA D 252 -59.93 -47.51 12.53
N GLU D 253 -60.93 -46.68 12.83
CA GLU D 253 -61.15 -45.45 12.10
C GLU D 253 -60.53 -44.30 12.91
N SER D 254 -59.60 -44.64 13.78
CA SER D 254 -58.93 -43.67 14.64
C SER D 254 -57.71 -43.08 13.94
N VAL D 255 -57.00 -43.92 13.21
CA VAL D 255 -55.81 -43.50 12.48
C VAL D 255 -56.05 -42.16 11.79
N ALA D 256 -57.14 -42.09 11.05
CA ALA D 256 -57.50 -40.87 10.33
C ALA D 256 -57.93 -39.75 11.29
N ASN D 257 -58.88 -40.04 12.17
CA ASN D 257 -59.32 -39.05 13.13
C ASN D 257 -58.07 -38.45 13.78
N ILE D 258 -57.18 -39.32 14.26
CA ILE D 258 -55.94 -38.90 14.89
C ILE D 258 -55.09 -38.08 13.92
N LEU D 259 -54.61 -38.73 12.86
CA LEU D 259 -53.80 -38.05 11.86
C LEU D 259 -54.33 -36.64 11.65
N ARG D 260 -55.52 -36.59 11.04
CA ARG D 260 -56.19 -35.33 10.74
C ARG D 260 -56.10 -34.30 11.86
N LYS D 261 -56.03 -34.73 13.11
CA LYS D 261 -55.94 -33.77 14.18
C LYS D 261 -54.51 -33.46 14.58
N THR D 262 -53.57 -34.33 14.18
CA THR D 262 -52.16 -34.09 14.47
C THR D 262 -51.71 -33.09 13.42
N ILE D 263 -52.19 -33.28 12.21
CA ILE D 263 -51.87 -32.41 11.09
C ILE D 263 -52.32 -31.00 11.46
N GLN D 264 -53.63 -30.85 11.58
CA GLN D 264 -54.23 -29.56 11.93
C GLN D 264 -53.57 -28.96 13.16
N ARG D 265 -53.26 -29.78 14.17
CA ARG D 265 -52.62 -29.26 15.37
C ARG D 265 -51.30 -28.59 15.00
N GLU D 266 -50.36 -29.40 14.57
CA GLU D 266 -49.03 -28.93 14.20
C GLU D 266 -49.12 -27.85 13.12
N GLN D 267 -50.22 -27.87 12.38
CA GLN D 267 -50.44 -26.90 11.30
C GLN D 267 -50.69 -25.50 11.88
N ASN D 268 -51.24 -25.44 13.09
CA ASN D 268 -51.50 -24.17 13.76
C ASN D 268 -50.25 -23.61 14.40
N ARG D 269 -49.54 -24.45 15.16
CA ARG D 269 -48.31 -24.04 15.81
C ARG D 269 -47.54 -23.21 14.80
N ILE D 270 -47.60 -23.66 13.55
CA ILE D 270 -46.94 -23.00 12.43
C ILE D 270 -47.55 -21.64 12.12
N LEU D 271 -48.86 -21.61 11.84
CA LEU D 271 -49.52 -20.34 11.52
C LEU D 271 -49.22 -19.32 12.61
N GLN D 272 -48.88 -19.80 13.80
CA GLN D 272 -48.54 -18.91 14.91
C GLN D 272 -47.11 -18.40 14.71
N LEU D 273 -46.15 -19.32 14.58
CA LEU D 273 -44.76 -18.90 14.39
C LEU D 273 -44.69 -17.85 13.30
N ASN D 274 -45.45 -18.04 12.24
CA ASN D 274 -45.45 -17.09 11.15
C ASN D 274 -45.77 -15.68 11.63
N GLN D 275 -46.80 -15.56 12.46
CA GLN D 275 -47.19 -14.25 12.99
C GLN D 275 -46.02 -13.57 13.65
N GLY D 276 -45.05 -14.36 14.09
CA GLY D 276 -43.86 -13.81 14.73
C GLY D 276 -42.82 -13.35 13.73
N LEU D 277 -43.29 -12.88 12.57
CA LEU D 277 -42.41 -12.39 11.51
C LEU D 277 -43.19 -11.56 10.50
N GLN D 278 -43.61 -10.37 10.89
CA GLN D 278 -44.38 -9.50 9.98
C GLN D 278 -43.78 -8.12 9.76
N ASN D 279 -43.19 -7.55 10.81
CA ASN D 279 -42.58 -6.23 10.68
C ASN D 279 -41.11 -6.38 10.32
N ILE D 280 -40.75 -7.54 9.81
CA ILE D 280 -39.37 -7.81 9.41
C ILE D 280 -38.95 -6.78 8.36
N ALA D 281 -37.71 -6.31 8.47
CA ALA D 281 -37.20 -5.33 7.52
C ALA D 281 -35.84 -5.77 7.00
N PHE D 282 -35.86 -6.59 5.96
CA PHE D 282 -34.63 -7.09 5.35
C PHE D 282 -34.67 -6.83 3.86
N GLY D 283 -33.97 -5.78 3.45
CA GLY D 283 -33.94 -5.41 2.05
C GLY D 283 -35.34 -5.06 1.57
N GLN D 284 -35.97 -6.01 0.89
CA GLN D 284 -37.32 -5.81 0.38
C GLN D 284 -38.25 -6.86 0.99
N VAL D 285 -37.79 -7.49 2.05
CA VAL D 285 -38.57 -8.52 2.70
C VAL D 285 -39.28 -7.97 3.92
N LYS D 286 -40.60 -8.11 3.95
CA LYS D 286 -41.41 -7.66 5.08
C LYS D 286 -41.98 -8.87 5.82
N GLY D 287 -41.32 -10.01 5.67
CA GLY D 287 -41.77 -11.23 6.33
C GLY D 287 -41.42 -12.51 5.62
N VAL D 288 -41.40 -13.60 6.39
CA VAL D 288 -41.08 -14.91 5.86
C VAL D 288 -42.06 -15.91 6.44
N ARG D 289 -42.96 -16.43 5.60
CA ARG D 289 -43.95 -17.39 6.05
C ARG D 289 -43.44 -18.82 6.00
N LEU D 290 -44.39 -19.75 5.91
CA LEU D 290 -44.10 -21.17 5.84
C LEU D 290 -45.39 -21.91 5.47
N VAL D 291 -45.64 -22.02 4.17
CA VAL D 291 -46.84 -22.66 3.63
C VAL D 291 -46.89 -24.17 3.91
N VAL D 292 -47.84 -24.57 4.75
CA VAL D 292 -48.01 -25.98 5.13
C VAL D 292 -48.81 -26.76 4.09
N ASN D 293 -48.22 -26.95 2.92
CA ASN D 293 -48.89 -27.67 1.83
C ASN D 293 -49.30 -29.09 2.24
N ILE D 294 -50.23 -29.66 1.47
CA ILE D 294 -50.64 -31.05 1.65
C ILE D 294 -50.38 -31.74 0.32
N ARG D 295 -49.71 -32.89 0.35
CA ARG D 295 -49.38 -33.60 -0.88
C ARG D 295 -50.64 -33.98 -1.66
N ASP D 296 -50.69 -33.55 -2.92
CA ASP D 296 -51.81 -33.82 -3.81
C ASP D 296 -52.28 -35.28 -3.68
N THR D 297 -51.32 -36.19 -3.50
CA THR D 297 -51.61 -37.62 -3.37
C THR D 297 -52.20 -37.95 -2.00
N HIS D 298 -51.35 -37.91 -0.98
CA HIS D 298 -51.75 -38.20 0.39
C HIS D 298 -52.95 -37.37 0.84
N SER D 299 -53.16 -36.21 0.23
CA SER D 299 -54.29 -35.35 0.60
C SER D 299 -55.58 -36.07 0.22
N ILE D 300 -55.46 -36.92 -0.80
CA ILE D 300 -56.57 -37.72 -1.30
C ILE D 300 -56.88 -38.82 -0.30
N LEU D 301 -55.84 -39.53 0.10
CA LEU D 301 -55.96 -40.63 1.05
C LEU D 301 -56.65 -40.26 2.35
N LEU D 302 -56.40 -39.06 2.86
CA LEU D 302 -57.04 -38.63 4.09
C LEU D 302 -58.53 -38.36 3.93
N ASN D 303 -58.96 -38.06 2.71
CA ASN D 303 -60.38 -37.80 2.47
C ASN D 303 -61.10 -39.11 2.19
N ALA D 304 -60.34 -40.13 1.77
CA ALA D 304 -60.89 -41.45 1.47
C ALA D 304 -61.13 -42.25 2.75
N LEU D 305 -60.31 -42.00 3.76
CA LEU D 305 -60.45 -42.68 5.04
C LEU D 305 -61.56 -42.02 5.84
N SER D 306 -61.69 -40.70 5.68
CA SER D 306 -62.73 -39.92 6.37
C SER D 306 -64.06 -40.56 6.05
N ASP D 307 -64.36 -40.62 4.75
CA ASP D 307 -65.60 -41.25 4.28
C ASP D 307 -65.39 -42.74 4.28
N GLN D 308 -66.04 -43.41 5.22
CA GLN D 308 -65.92 -44.85 5.31
C GLN D 308 -67.24 -45.45 4.85
N HIS D 309 -67.16 -46.29 3.81
CA HIS D 309 -68.32 -46.94 3.22
C HIS D 309 -67.90 -47.72 1.97
N SER D 322 -52.70 -56.47 10.36
CA SER D 322 -51.81 -55.99 9.33
C SER D 322 -52.31 -54.70 8.71
N PHE D 323 -52.09 -53.58 9.40
CA PHE D 323 -52.53 -52.29 8.88
C PHE D 323 -51.44 -51.70 8.01
N SER D 324 -50.22 -52.23 8.18
CA SER D 324 -49.06 -51.80 7.39
C SER D 324 -49.37 -52.25 5.98
N GLU D 325 -50.09 -53.36 5.92
CA GLU D 325 -50.50 -53.99 4.69
C GLU D 325 -51.76 -53.25 4.18
N ALA D 326 -52.61 -52.84 5.12
CA ALA D 326 -53.88 -52.15 4.82
C ALA D 326 -53.76 -50.98 3.86
N LEU D 327 -53.62 -49.77 4.41
CA LEU D 327 -53.51 -48.58 3.60
C LEU D 327 -52.60 -48.86 2.41
N ALA D 328 -51.58 -49.67 2.64
CA ALA D 328 -50.64 -50.03 1.59
C ALA D 328 -51.37 -50.33 0.29
N MET D 329 -52.52 -50.98 0.38
CA MET D 329 -53.31 -51.33 -0.80
C MET D 329 -54.35 -50.25 -1.09
N LEU D 330 -54.81 -49.59 -0.04
CA LEU D 330 -55.82 -48.53 -0.16
C LEU D 330 -55.29 -47.42 -1.05
N TYR D 331 -53.99 -47.19 -0.94
CA TYR D 331 -53.27 -46.18 -1.70
C TYR D 331 -53.11 -46.66 -3.15
N LYS D 332 -52.55 -47.87 -3.33
CA LYS D 332 -52.34 -48.45 -4.66
C LYS D 332 -53.57 -48.36 -5.56
N ARG D 333 -54.75 -48.26 -4.94
CA ARG D 333 -56.00 -48.16 -5.67
C ARG D 333 -56.30 -46.76 -6.21
N ILE D 334 -55.58 -45.76 -5.71
CA ILE D 334 -55.82 -44.39 -6.14
C ILE D 334 -55.11 -43.96 -7.45
N ASN D 335 -53.87 -43.48 -7.45
CA ASN D 335 -53.30 -43.04 -8.71
C ASN D 335 -51.94 -43.46 -9.28
N PRO D 336 -50.85 -42.68 -8.99
CA PRO D 336 -49.51 -42.99 -9.50
C PRO D 336 -49.05 -44.45 -9.44
N HIS D 337 -48.63 -44.99 -10.57
CA HIS D 337 -48.19 -46.35 -10.62
C HIS D 337 -46.81 -46.29 -10.06
N ILE D 338 -46.57 -47.11 -9.04
CA ILE D 338 -45.27 -47.12 -8.38
C ILE D 338 -44.71 -48.55 -8.10
N GLU D 339 -43.38 -48.67 -7.99
CA GLU D 339 -42.72 -49.95 -7.67
C GLU D 339 -42.85 -50.43 -6.19
N PRO D 345 -44.49 -53.70 0.47
CA PRO D 345 -45.85 -53.49 0.95
C PRO D 345 -45.88 -52.91 2.36
N GLN D 346 -45.27 -53.61 3.30
CA GLN D 346 -45.23 -53.18 4.69
C GLN D 346 -44.42 -51.89 4.85
N THR D 347 -43.59 -51.59 3.86
CA THR D 347 -42.77 -50.38 3.89
C THR D 347 -43.55 -49.15 3.49
N ILE D 348 -44.50 -49.33 2.58
CA ILE D 348 -45.32 -48.23 2.10
C ILE D 348 -46.45 -47.89 3.08
N GLY D 349 -46.89 -48.89 3.84
CA GLY D 349 -47.94 -48.66 4.81
C GLY D 349 -47.45 -47.83 5.98
N GLU D 350 -46.28 -48.20 6.50
CA GLU D 350 -45.66 -47.50 7.62
C GLU D 350 -45.57 -46.02 7.33
N GLU D 351 -44.88 -45.70 6.24
CA GLU D 351 -44.71 -44.33 5.82
C GLU D 351 -46.07 -43.63 5.74
N LEU D 352 -47.13 -44.41 5.56
CA LEU D 352 -48.47 -43.85 5.47
C LEU D 352 -49.08 -43.54 6.83
N LEU D 353 -48.37 -43.88 7.89
CA LEU D 353 -48.84 -43.59 9.24
C LEU D 353 -48.15 -42.36 9.79
N ASP D 354 -46.90 -42.16 9.39
CA ASP D 354 -46.11 -41.01 9.83
C ASP D 354 -46.78 -39.74 9.29
N TYR D 355 -47.52 -39.06 10.15
CA TYR D 355 -48.25 -37.86 9.77
C TYR D 355 -47.47 -36.87 8.92
N ARG D 356 -46.25 -36.55 9.33
CA ARG D 356 -45.46 -35.60 8.58
C ARG D 356 -45.30 -35.99 7.11
N ASN D 357 -45.38 -37.28 6.82
CA ASN D 357 -45.24 -37.76 5.44
C ASN D 357 -46.45 -37.38 4.61
N TYR D 358 -47.49 -36.88 5.28
CA TYR D 358 -48.70 -36.46 4.60
C TYR D 358 -48.56 -35.03 4.10
N LEU D 359 -47.51 -34.35 4.55
CA LEU D 359 -47.31 -32.97 4.16
C LEU D 359 -46.09 -32.66 3.31
N ASP D 360 -46.05 -31.40 2.88
CA ASP D 360 -44.99 -30.88 2.02
C ASP D 360 -44.86 -29.39 2.36
N LEU D 361 -43.78 -29.02 3.06
CA LEU D 361 -43.60 -27.63 3.45
C LEU D 361 -42.82 -26.79 2.46
N GLU D 362 -43.00 -25.47 2.56
CA GLU D 362 -42.36 -24.51 1.68
C GLU D 362 -42.10 -23.24 2.49
N VAL D 363 -41.28 -22.32 1.96
CA VAL D 363 -40.98 -21.07 2.64
C VAL D 363 -40.93 -19.90 1.66
N GLU D 364 -41.91 -19.01 1.75
CA GLU D 364 -41.97 -17.85 0.85
C GLU D 364 -41.71 -16.55 1.59
N THR D 365 -40.93 -15.66 0.97
CA THR D 365 -40.61 -14.37 1.55
C THR D 365 -41.61 -13.35 1.04
N LEU D 366 -41.60 -12.17 1.65
CA LEU D 366 -42.53 -11.12 1.25
C LEU D 366 -41.85 -9.82 0.80
N ARG D 367 -42.33 -9.28 -0.32
CA ARG D 367 -41.79 -8.02 -0.85
C ARG D 367 -42.97 -7.13 -1.22
N GLY D 368 -42.68 -6.04 -1.93
CA GLY D 368 -43.73 -5.16 -2.38
C GLY D 368 -43.95 -5.51 -3.83
N ALA D 369 -42.99 -6.25 -4.38
CA ALA D 369 -43.03 -6.68 -5.78
C ALA D 369 -44.20 -7.61 -5.98
N TYR D 370 -43.90 -8.89 -6.14
CA TYR D 370 -44.94 -9.88 -6.32
C TYR D 370 -45.53 -10.33 -4.99
N GLY D 371 -45.44 -9.46 -3.98
CA GLY D 371 -45.96 -9.79 -2.66
C GLY D 371 -45.30 -11.02 -2.05
N TRP D 372 -45.90 -12.18 -2.27
CA TRP D 372 -45.36 -13.43 -1.74
C TRP D 372 -44.63 -14.17 -2.86
N MET D 373 -43.53 -14.81 -2.51
CA MET D 373 -42.74 -15.54 -3.50
C MET D 373 -41.78 -16.47 -2.79
N ARG D 374 -41.49 -17.63 -3.40
CA ARG D 374 -40.57 -18.60 -2.82
C ARG D 374 -39.18 -18.05 -2.61
N ALA D 375 -38.59 -18.38 -1.47
CA ALA D 375 -37.25 -17.92 -1.17
C ALA D 375 -36.32 -18.58 -2.18
N GLU D 376 -35.53 -17.76 -2.86
CA GLU D 376 -34.60 -18.26 -3.86
C GLU D 376 -33.26 -17.55 -3.69
N SER D 377 -32.22 -18.34 -3.41
CA SER D 377 -30.89 -17.79 -3.23
C SER D 377 -30.42 -17.15 -4.53
N SER D 378 -31.33 -17.07 -5.50
CA SER D 378 -31.03 -16.48 -6.80
C SER D 378 -31.86 -15.23 -7.04
N ALA D 379 -33.06 -15.19 -6.48
CA ALA D 379 -33.96 -14.06 -6.66
C ALA D 379 -33.92 -13.07 -5.49
N LEU D 380 -33.10 -13.35 -4.49
CA LEU D 380 -32.98 -12.46 -3.34
C LEU D 380 -31.53 -12.04 -3.11
N SER D 381 -31.33 -10.76 -2.79
CA SER D 381 -30.00 -10.23 -2.53
C SER D 381 -29.34 -10.93 -1.36
N THR D 382 -28.07 -10.59 -1.13
CA THR D 382 -27.32 -11.18 -0.03
C THR D 382 -28.11 -11.14 1.28
N GLY D 383 -28.02 -10.01 1.98
CA GLY D 383 -28.70 -9.86 3.25
C GLY D 383 -30.10 -10.43 3.24
N GLU D 384 -30.86 -10.10 2.21
CA GLU D 384 -32.23 -10.56 2.08
C GLU D 384 -32.30 -12.05 2.38
N ALA D 385 -31.35 -12.81 1.86
CA ALA D 385 -31.32 -14.25 2.10
C ALA D 385 -30.68 -14.53 3.45
N ILE D 386 -29.81 -13.62 3.88
CA ILE D 386 -29.12 -13.75 5.16
C ILE D 386 -30.15 -13.76 6.26
N GLY D 387 -31.06 -12.79 6.19
CA GLY D 387 -32.11 -12.71 7.17
C GLY D 387 -33.16 -13.78 6.94
N THR D 388 -33.34 -14.17 5.68
CA THR D 388 -34.32 -15.20 5.36
C THR D 388 -33.97 -16.49 6.08
N GLY D 389 -32.71 -16.89 6.00
CA GLY D 389 -32.28 -18.10 6.67
C GLY D 389 -32.37 -17.95 8.18
N MET D 390 -32.00 -16.76 8.68
CA MET D 390 -32.04 -16.47 10.11
C MET D 390 -33.43 -16.77 10.66
N SER D 391 -34.46 -16.42 9.89
CA SER D 391 -35.85 -16.67 10.28
C SER D 391 -36.02 -18.17 10.36
N ILE D 392 -35.94 -18.82 9.21
CA ILE D 392 -36.07 -20.26 9.11
C ILE D 392 -35.37 -20.94 10.29
N LEU D 393 -34.16 -20.48 10.61
CA LEU D 393 -33.42 -21.04 11.73
C LEU D 393 -34.24 -20.85 13.00
N LEU D 394 -34.73 -19.65 13.22
CA LEU D 394 -35.53 -19.39 14.39
C LEU D 394 -36.67 -20.39 14.46
N MET D 395 -37.46 -20.47 13.40
CA MET D 395 -38.58 -21.40 13.37
C MET D 395 -38.16 -22.77 13.83
N VAL D 396 -37.03 -23.23 13.31
CA VAL D 396 -36.51 -24.52 13.68
C VAL D 396 -36.14 -24.54 15.18
N VAL D 397 -35.42 -23.52 15.61
CA VAL D 397 -35.01 -23.42 17.02
C VAL D 397 -36.23 -23.44 17.94
N GLN D 398 -37.31 -22.76 17.54
CA GLN D 398 -38.53 -22.72 18.33
C GLN D 398 -39.21 -24.08 18.21
N SER D 399 -39.43 -24.50 16.97
CA SER D 399 -40.10 -25.77 16.73
C SER D 399 -39.45 -26.87 17.57
N TRP D 400 -38.13 -26.86 17.68
CA TRP D 400 -37.44 -27.87 18.47
C TRP D 400 -37.85 -27.74 19.92
N GLU D 401 -37.65 -26.55 20.48
CA GLU D 401 -37.97 -26.27 21.87
C GLU D 401 -39.29 -26.91 22.25
N GLU D 402 -40.25 -26.87 21.34
CA GLU D 402 -41.56 -27.44 21.57
C GLU D 402 -41.56 -28.97 21.62
N GLU D 403 -40.88 -29.62 20.69
CA GLU D 403 -40.81 -31.08 20.68
C GLU D 403 -39.98 -31.54 21.88
N SER D 404 -39.44 -30.56 22.61
CA SER D 404 -38.62 -30.86 23.77
C SER D 404 -39.46 -30.83 25.04
N ARG D 405 -39.66 -29.63 25.58
CA ARG D 405 -40.42 -29.39 26.81
C ARG D 405 -40.95 -30.61 27.55
N ARG D 406 -41.94 -31.27 26.95
CA ARG D 406 -42.54 -32.46 27.55
C ARG D 406 -41.50 -33.39 28.17
N MET D 407 -40.39 -33.59 27.48
CA MET D 407 -39.32 -34.46 27.96
C MET D 407 -38.31 -33.68 28.80
N ARG D 408 -38.68 -32.46 29.20
CA ARG D 408 -37.81 -31.60 29.99
C ARG D 408 -38.48 -31.33 31.34
N ALA D 409 -37.91 -30.40 32.11
CA ALA D 409 -38.45 -30.04 33.42
C ALA D 409 -39.45 -28.90 33.27
N LYS D 410 -40.63 -29.06 33.87
CA LYS D 410 -41.70 -28.07 33.81
C LYS D 410 -41.24 -26.64 34.12
N ASP D 411 -40.14 -26.51 34.85
CA ASP D 411 -39.64 -25.20 35.23
C ASP D 411 -38.32 -24.86 34.54
N ILE D 412 -38.15 -25.32 33.31
CA ILE D 412 -36.92 -25.05 32.57
C ILE D 412 -37.14 -24.50 31.15
N LEU D 413 -36.46 -23.38 30.86
CA LEU D 413 -36.55 -22.73 29.56
C LEU D 413 -35.14 -22.66 28.95
N PRO D 414 -34.81 -23.59 28.03
CA PRO D 414 -33.52 -23.68 27.35
C PRO D 414 -33.11 -22.43 26.57
N CYS D 415 -31.90 -21.97 26.87
CA CYS D 415 -31.32 -20.79 26.25
C CYS D 415 -31.13 -20.90 24.73
N ARG D 416 -31.53 -19.85 24.02
CA ARG D 416 -31.43 -19.80 22.56
C ARG D 416 -30.46 -18.74 22.11
N LEU D 417 -29.56 -19.14 21.21
CA LEU D 417 -28.56 -18.21 20.69
C LEU D 417 -28.16 -18.63 19.27
N LEU D 418 -27.93 -17.63 18.41
CA LEU D 418 -27.53 -17.87 17.03
C LEU D 418 -26.37 -16.95 16.68
N PHE D 419 -25.78 -17.16 15.50
CA PHE D 419 -24.66 -16.34 15.08
C PHE D 419 -24.89 -15.62 13.75
N LEU D 420 -23.84 -14.94 13.28
CA LEU D 420 -23.85 -14.21 12.02
C LEU D 420 -22.49 -13.53 11.79
N ASP D 421 -21.59 -14.22 11.12
CA ASP D 421 -20.25 -13.71 10.84
C ASP D 421 -20.29 -12.70 9.68
N GLN D 422 -19.59 -11.59 9.85
CA GLN D 422 -19.53 -10.55 8.84
C GLN D 422 -20.88 -9.90 8.61
N ALA D 423 -21.46 -9.39 9.71
CA ALA D 423 -22.78 -8.73 9.68
C ALA D 423 -22.77 -7.41 8.92
N ALA D 424 -21.60 -7.02 8.43
CA ALA D 424 -21.46 -5.79 7.68
C ALA D 424 -22.28 -5.97 6.41
N ARG D 425 -22.66 -7.22 6.16
CA ARG D 425 -23.47 -7.54 5.01
C ARG D 425 -24.88 -7.00 5.23
N LEU D 426 -25.40 -7.15 6.45
CA LEU D 426 -26.73 -6.64 6.78
C LEU D 426 -26.55 -5.20 7.23
N ASP D 427 -27.34 -4.30 6.65
CA ASP D 427 -27.25 -2.87 6.98
C ASP D 427 -27.92 -2.54 8.30
N ALA D 428 -27.75 -1.29 8.72
CA ALA D 428 -28.35 -0.82 9.97
C ALA D 428 -29.78 -1.33 10.07
N MET D 429 -30.62 -0.95 9.10
CA MET D 429 -32.03 -1.36 9.06
C MET D 429 -32.19 -2.85 9.32
N SER D 430 -31.44 -3.67 8.59
CA SER D 430 -31.50 -5.11 8.75
C SER D 430 -31.26 -5.41 10.22
N ILE D 431 -30.09 -5.00 10.70
CA ILE D 431 -29.69 -5.18 12.09
C ILE D 431 -30.85 -4.82 13.00
N ASN D 432 -31.47 -3.69 12.68
CA ASN D 432 -32.61 -3.19 13.44
C ASN D 432 -33.62 -4.32 13.66
N THR D 433 -34.28 -4.71 12.58
CA THR D 433 -35.27 -5.77 12.65
C THR D 433 -34.62 -7.04 13.16
N LEU D 434 -33.31 -7.14 12.97
CA LEU D 434 -32.60 -8.32 13.45
C LEU D 434 -32.59 -8.27 14.97
N PHE D 435 -32.48 -7.06 15.52
CA PHE D 435 -32.47 -6.89 16.96
C PHE D 435 -33.84 -7.17 17.56
N GLU D 436 -34.81 -6.34 17.23
CA GLU D 436 -36.17 -6.47 17.75
C GLU D 436 -36.71 -7.90 17.67
N LEU D 437 -36.48 -8.54 16.53
CA LEU D 437 -36.92 -9.91 16.33
C LEU D 437 -36.41 -10.80 17.46
N CYS D 438 -35.46 -10.25 18.21
CA CYS D 438 -34.76 -10.99 19.25
C CYS D 438 -35.05 -10.58 20.68
N GLU D 439 -35.92 -9.60 20.90
CA GLU D 439 -36.23 -9.21 22.27
C GLU D 439 -37.67 -9.59 22.56
N ARG D 440 -38.49 -9.51 21.52
CA ARG D 440 -39.87 -9.93 21.62
C ARG D 440 -39.77 -11.46 21.71
N LEU D 441 -38.85 -12.02 20.94
CA LEU D 441 -38.57 -13.47 20.97
C LEU D 441 -37.20 -13.67 21.60
N ASP D 442 -37.22 -14.09 22.86
CA ASP D 442 -36.00 -14.28 23.63
C ASP D 442 -34.90 -15.04 22.92
N MET D 443 -33.83 -14.32 22.58
CA MET D 443 -32.68 -14.92 21.94
C MET D 443 -31.49 -13.98 21.98
N GLN D 444 -30.32 -14.54 22.25
CA GLN D 444 -29.09 -13.78 22.27
C GLN D 444 -28.32 -14.07 20.98
N LEU D 445 -27.85 -13.02 20.33
CA LEU D 445 -27.12 -13.18 19.08
C LEU D 445 -25.68 -12.70 19.19
N LEU D 446 -24.76 -13.55 18.77
CA LEU D 446 -23.34 -13.23 18.78
C LEU D 446 -22.97 -13.02 17.33
N ILE D 447 -22.73 -11.77 16.96
CA ILE D 447 -22.35 -11.47 15.60
C ILE D 447 -21.01 -10.76 15.58
N ALA D 448 -20.23 -11.01 14.53
CA ALA D 448 -18.93 -10.38 14.38
C ALA D 448 -19.01 -9.35 13.27
N ALA D 449 -18.56 -8.13 13.57
CA ALA D 449 -18.60 -7.08 12.58
C ALA D 449 -17.27 -6.38 12.41
N PRO D 450 -16.62 -6.56 11.27
CA PRO D 450 -15.34 -5.89 11.06
C PRO D 450 -15.69 -4.41 11.07
N GLU D 451 -16.95 -4.13 10.71
CA GLU D 451 -17.48 -2.78 10.68
C GLU D 451 -17.27 -2.20 12.08
N ASN D 452 -17.21 -0.87 12.16
CA ASN D 452 -17.01 -0.21 13.43
C ASN D 452 -18.35 0.15 14.09
N ILE D 453 -18.94 1.25 13.64
CA ILE D 453 -20.22 1.71 14.19
C ILE D 453 -21.22 0.58 14.38
N SER D 454 -21.51 0.31 15.65
CA SER D 454 -22.46 -0.72 16.00
C SER D 454 -23.67 -0.02 16.60
N PRO D 455 -24.85 -0.66 16.54
CA PRO D 455 -26.03 0.00 17.12
C PRO D 455 -25.71 0.37 18.56
N GLU D 456 -25.86 1.65 18.91
CA GLU D 456 -25.57 2.14 20.26
C GLU D 456 -26.08 1.16 21.32
N ARG D 457 -27.00 0.29 20.92
CA ARG D 457 -27.61 -0.72 21.80
C ARG D 457 -26.75 -1.97 21.96
N GLY D 458 -27.14 -2.80 22.93
CA GLY D 458 -26.42 -4.04 23.19
C GLY D 458 -24.97 -3.84 23.58
N THR D 459 -24.35 -4.91 24.09
CA THR D 459 -22.95 -4.87 24.50
C THR D 459 -22.06 -5.05 23.27
N THR D 460 -20.94 -4.35 23.23
CA THR D 460 -20.02 -4.46 22.10
C THR D 460 -18.57 -4.58 22.56
N TYR D 461 -17.85 -5.49 21.94
CA TYR D 461 -16.44 -5.74 22.25
C TYR D 461 -15.55 -5.46 21.03
N LYS D 462 -14.46 -4.73 21.24
CA LYS D 462 -13.51 -4.41 20.17
C LYS D 462 -12.22 -5.18 20.44
N LEU D 463 -11.67 -5.80 19.41
CA LEU D 463 -10.46 -6.59 19.58
C LEU D 463 -9.35 -6.18 18.63
N VAL D 464 -8.15 -5.96 19.18
CA VAL D 464 -7.00 -5.60 18.37
C VAL D 464 -5.94 -6.69 18.62
N ARG D 465 -5.01 -6.85 17.69
CA ARG D 465 -3.98 -7.87 17.78
C ARG D 465 -2.56 -7.26 17.71
N LYS D 466 -1.66 -7.73 18.58
CA LYS D 466 -0.28 -7.22 18.61
C LYS D 466 0.78 -8.30 18.34
N ILE D 467 2.02 -7.87 18.10
CA ILE D 467 3.12 -8.78 17.80
C ILE D 467 4.28 -8.75 18.79
N LEU D 468 4.10 -9.37 19.95
CA LEU D 468 5.17 -9.42 20.95
C LEU D 468 5.91 -10.75 20.82
N ALA D 469 7.24 -10.69 20.84
CA ALA D 469 8.10 -11.87 20.75
C ALA D 469 7.59 -12.88 19.72
N ASN D 470 7.73 -12.55 18.45
CA ASN D 470 7.31 -13.40 17.34
C ASN D 470 6.18 -14.37 17.66
N GLN D 471 5.14 -13.85 18.33
CA GLN D 471 3.96 -14.61 18.69
C GLN D 471 2.78 -13.68 18.95
N GLU D 472 1.61 -14.06 18.44
CA GLU D 472 0.39 -13.29 18.58
C GLU D 472 0.13 -12.82 20.01
N TYR D 473 -0.90 -11.99 20.15
CA TYR D 473 -1.31 -11.43 21.43
C TYR D 473 -2.47 -10.51 21.09
N VAL D 474 -3.67 -10.91 21.48
CA VAL D 474 -4.86 -10.12 21.19
C VAL D 474 -5.29 -9.30 22.39
N HIS D 475 -5.08 -7.99 22.28
CA HIS D 475 -5.45 -7.06 23.35
C HIS D 475 -6.96 -6.87 23.29
N VAL D 476 -7.61 -6.95 24.45
CA VAL D 476 -9.04 -6.79 24.53
C VAL D 476 -9.39 -5.46 25.19
N VAL D 477 -10.26 -4.69 24.54
CA VAL D 477 -10.71 -3.40 25.05
C VAL D 477 -12.18 -3.22 24.65
N GLY D 478 -12.95 -2.52 25.47
CA GLY D 478 -14.36 -2.32 25.16
C GLY D 478 -14.65 -0.94 24.58
N LEU D 479 -15.79 -0.78 23.92
CA LEU D 479 -16.14 0.50 23.31
C LEU D 479 -17.64 0.82 23.31
N LYS D 480 -18.01 1.98 23.88
CA LYS D 480 -19.41 2.42 23.96
C LYS D 480 -19.53 3.94 24.04
N GLY D 481 -20.73 4.42 24.35
CA GLY D 481 -20.94 5.87 24.46
C GLY D 481 -22.39 6.33 24.57
N MET E 3 5.21 7.05 -21.89
CA MET E 3 5.02 7.55 -23.28
C MET E 3 3.96 6.74 -24.00
N ILE E 4 2.84 6.51 -23.33
CA ILE E 4 1.74 5.74 -23.90
C ILE E 4 0.43 6.12 -23.23
N ALA E 5 -0.67 6.06 -23.98
CA ALA E 5 -1.99 6.39 -23.46
C ALA E 5 -2.74 5.09 -23.11
N ARG E 6 -3.03 4.89 -21.83
CA ARG E 6 -3.72 3.69 -21.34
C ARG E 6 -5.25 3.77 -21.36
N GLY E 7 -5.88 2.86 -22.12
CA GLY E 7 -7.33 2.84 -22.22
C GLY E 7 -8.04 2.81 -20.88
N LYS E 8 -9.37 2.97 -20.91
CA LYS E 8 -10.16 2.97 -19.69
C LYS E 8 -11.63 2.63 -19.93
N PHE E 9 -12.32 2.26 -18.86
CA PHE E 9 -13.74 1.93 -18.93
C PHE E 9 -14.55 3.06 -18.31
N ARG E 10 -15.04 3.94 -19.17
CA ARG E 10 -15.83 5.08 -18.74
C ARG E 10 -17.05 4.81 -17.88
N SER E 11 -18.07 4.22 -18.50
CA SER E 11 -19.30 3.96 -17.74
C SER E 11 -20.21 2.88 -18.30
N LEU E 12 -20.89 2.21 -17.39
CA LEU E 12 -21.83 1.16 -17.72
C LEU E 12 -23.23 1.78 -17.74
N THR E 13 -23.94 1.61 -18.85
CA THR E 13 -25.28 2.15 -19.00
C THR E 13 -26.30 1.02 -19.14
N LEU E 14 -27.22 0.93 -18.17
CA LEU E 14 -28.25 -0.11 -18.19
C LEU E 14 -29.58 0.41 -18.70
N ILE E 15 -30.19 -0.32 -19.62
CA ILE E 15 -31.47 0.07 -20.16
C ILE E 15 -32.49 -0.98 -19.79
N ASN E 16 -33.41 -0.61 -18.92
CA ASN E 16 -34.46 -1.51 -18.50
C ASN E 16 -33.96 -2.79 -17.84
N TRP E 17 -33.90 -2.77 -16.51
CA TRP E 17 -33.50 -3.91 -15.69
C TRP E 17 -34.43 -3.86 -14.48
N ASN E 18 -34.13 -4.59 -13.40
CA ASN E 18 -35.04 -4.52 -12.25
C ASN E 18 -34.84 -3.22 -11.49
N GLY E 19 -35.79 -2.31 -11.64
CA GLY E 19 -35.72 -1.03 -10.96
C GLY E 19 -35.01 0.03 -11.77
N PHE E 20 -34.10 -0.40 -12.62
CA PHE E 20 -33.33 0.50 -13.46
C PHE E 20 -33.90 0.58 -14.87
N PHE E 21 -34.79 1.55 -15.07
CA PHE E 21 -35.42 1.76 -16.36
C PHE E 21 -34.33 2.25 -17.31
N ALA E 22 -33.66 3.32 -16.88
CA ALA E 22 -32.58 3.92 -17.64
C ALA E 22 -31.68 4.68 -16.68
N ARG E 23 -30.42 4.27 -16.65
CA ARG E 23 -29.44 4.89 -15.77
C ARG E 23 -28.04 4.60 -16.29
N THR E 24 -27.08 5.40 -15.85
CA THR E 24 -25.69 5.21 -16.27
C THR E 24 -24.77 5.52 -15.10
N PHE E 25 -23.69 4.76 -15.00
CA PHE E 25 -22.74 4.92 -13.92
C PHE E 25 -21.35 5.21 -14.48
N ASP E 26 -20.82 6.41 -14.21
CA ASP E 26 -19.51 6.80 -14.69
C ASP E 26 -18.41 6.28 -13.77
N PHE E 27 -17.61 5.35 -14.28
CA PHE E 27 -16.54 4.76 -13.51
C PHE E 27 -15.40 5.74 -13.31
N ASP E 28 -14.62 5.47 -12.28
CA ASP E 28 -13.50 6.33 -11.95
C ASP E 28 -12.26 5.88 -12.68
N GLU E 29 -11.20 6.66 -12.52
CA GLU E 29 -9.93 6.37 -13.12
C GLU E 29 -9.62 5.19 -12.24
N LEU E 30 -9.70 5.44 -10.94
CA LEU E 30 -9.44 4.40 -9.95
C LEU E 30 -10.73 3.73 -9.46
N VAL E 31 -10.89 3.68 -8.14
CA VAL E 31 -12.04 3.07 -7.50
C VAL E 31 -13.39 3.78 -7.67
N THR E 32 -14.43 2.98 -7.86
CA THR E 32 -15.80 3.48 -8.04
C THR E 32 -16.71 2.58 -7.23
N THR E 33 -17.04 3.00 -6.02
CA THR E 33 -17.89 2.19 -5.15
C THR E 33 -19.38 2.31 -5.39
N LEU E 34 -20.14 1.36 -4.84
CA LEU E 34 -21.59 1.32 -4.95
C LEU E 34 -22.20 1.27 -3.54
N SER E 35 -22.69 2.42 -3.07
CA SER E 35 -23.27 2.51 -1.73
C SER E 35 -24.79 2.45 -1.78
N GLY E 36 -25.39 1.81 -0.77
CA GLY E 36 -26.84 1.70 -0.73
C GLY E 36 -27.36 0.62 0.22
N GLY E 37 -28.67 0.64 0.47
CA GLY E 37 -29.29 -0.32 1.36
C GLY E 37 -29.06 -1.77 1.02
N ASN E 38 -29.68 -2.68 1.79
CA ASN E 38 -29.53 -4.11 1.51
C ASN E 38 -30.47 -4.55 0.42
N GLY E 39 -29.89 -5.08 -0.65
CA GLY E 39 -30.68 -5.53 -1.77
C GLY E 39 -31.27 -4.39 -2.59
N ALA E 40 -30.82 -3.17 -2.32
CA ALA E 40 -31.33 -2.00 -3.03
C ALA E 40 -31.05 -2.04 -4.53
N GLY E 41 -30.06 -2.83 -4.93
CA GLY E 41 -29.76 -2.92 -6.34
C GLY E 41 -28.35 -2.49 -6.69
N LYS E 42 -27.37 -3.26 -6.22
CA LYS E 42 -25.97 -2.96 -6.51
C LYS E 42 -25.34 -4.08 -7.32
N SER E 43 -25.28 -5.27 -6.73
CA SER E 43 -24.70 -6.44 -7.38
C SER E 43 -25.25 -6.67 -8.78
N THR E 44 -26.47 -6.21 -9.04
CA THR E 44 -27.11 -6.35 -10.36
C THR E 44 -26.36 -5.48 -11.35
N THR E 45 -26.15 -4.23 -10.95
CA THR E 45 -25.44 -3.27 -11.79
C THR E 45 -24.12 -3.94 -12.18
N MET E 46 -23.43 -4.48 -11.17
CA MET E 46 -22.18 -5.17 -11.44
C MET E 46 -22.50 -6.30 -12.36
N ALA E 47 -23.48 -7.09 -11.94
CA ALA E 47 -23.93 -8.23 -12.72
C ALA E 47 -23.98 -7.80 -14.18
N GLY E 48 -24.75 -6.76 -14.44
CA GLY E 48 -24.87 -6.27 -15.81
C GLY E 48 -23.51 -6.13 -16.48
N PHE E 49 -22.64 -5.33 -15.87
CA PHE E 49 -21.31 -5.11 -16.41
C PHE E 49 -20.69 -6.46 -16.79
N VAL E 50 -20.67 -7.38 -15.83
CA VAL E 50 -20.11 -8.71 -16.05
C VAL E 50 -20.77 -9.37 -17.26
N THR E 51 -22.08 -9.22 -17.37
CA THR E 51 -22.83 -9.80 -18.47
C THR E 51 -22.22 -9.33 -19.77
N ALA E 52 -22.44 -8.05 -20.08
CA ALA E 52 -21.94 -7.44 -21.31
C ALA E 52 -20.54 -7.94 -21.66
N LEU E 53 -19.69 -8.05 -20.65
CA LEU E 53 -18.34 -8.53 -20.84
C LEU E 53 -18.33 -9.89 -21.49
N ILE E 54 -18.91 -10.86 -20.81
CA ILE E 54 -18.99 -12.22 -21.31
C ILE E 54 -20.45 -12.58 -21.61
N PRO E 55 -20.93 -12.25 -22.82
CA PRO E 55 -22.31 -12.53 -23.21
C PRO E 55 -22.56 -14.00 -23.56
N ASP E 56 -22.17 -14.90 -22.66
CA ASP E 56 -22.35 -16.35 -22.86
C ASP E 56 -23.23 -16.95 -21.77
N LEU E 57 -24.41 -17.44 -22.13
CA LEU E 57 -25.30 -18.03 -21.14
C LEU E 57 -24.72 -19.32 -20.57
N THR E 58 -23.65 -19.80 -21.20
CA THR E 58 -22.99 -21.04 -20.77
C THR E 58 -22.30 -20.89 -19.42
N LEU E 59 -21.49 -19.85 -19.27
CA LEU E 59 -20.74 -19.63 -18.04
C LEU E 59 -21.47 -18.82 -16.97
N LEU E 60 -22.05 -17.69 -17.36
CA LEU E 60 -22.76 -16.85 -16.41
C LEU E 60 -23.61 -17.63 -15.41
N ASN E 61 -23.31 -17.44 -14.12
CA ASN E 61 -24.04 -18.07 -13.03
C ASN E 61 -23.87 -17.13 -11.83
N PHE E 62 -24.90 -16.32 -11.59
CA PHE E 62 -24.86 -15.34 -10.52
C PHE E 62 -25.31 -15.82 -9.16
N ARG E 63 -24.64 -16.86 -8.67
CA ARG E 63 -24.94 -17.45 -7.36
C ARG E 63 -25.09 -16.34 -6.32
N ASN E 64 -25.58 -16.68 -5.14
CA ASN E 64 -25.76 -15.69 -4.08
C ASN E 64 -24.59 -15.57 -3.11
N THR E 65 -23.86 -14.46 -3.22
CA THR E 65 -22.71 -14.18 -2.37
C THR E 65 -22.41 -15.20 -1.28
N THR E 66 -23.39 -15.48 -0.42
CA THR E 66 -23.19 -16.45 0.65
C THR E 66 -23.26 -17.88 0.14
N GLU E 67 -22.74 -18.08 -1.07
CA GLU E 67 -22.72 -19.39 -1.71
C GLU E 67 -21.63 -19.36 -2.80
N ALA E 68 -20.56 -18.63 -2.53
CA ALA E 68 -19.44 -18.45 -3.46
C ALA E 68 -18.74 -19.68 -4.02
N GLY E 69 -19.01 -20.86 -3.46
CA GLY E 69 -18.34 -22.05 -3.94
C GLY E 69 -19.23 -23.26 -4.20
N SER E 70 -20.53 -23.03 -4.32
CA SER E 70 -21.47 -24.11 -4.58
C SER E 70 -21.33 -24.69 -5.98
N THR E 71 -21.49 -26.00 -6.09
CA THR E 71 -21.38 -26.69 -7.37
C THR E 71 -22.75 -26.83 -8.04
N SER E 72 -23.77 -26.22 -7.44
CA SER E 72 -25.13 -26.29 -7.98
C SER E 72 -25.18 -25.65 -9.38
N SER E 73 -25.14 -26.50 -10.40
CA SER E 73 -25.17 -26.04 -11.79
C SER E 73 -26.62 -25.88 -12.22
N SER E 74 -27.44 -26.84 -11.79
CA SER E 74 -28.86 -26.90 -12.09
C SER E 74 -29.59 -25.59 -11.79
N ARG E 75 -29.61 -25.23 -10.50
CA ARG E 75 -30.27 -24.02 -10.02
C ARG E 75 -30.26 -22.94 -11.10
N ASP E 76 -31.34 -22.15 -11.17
CA ASP E 76 -31.44 -21.08 -12.16
C ASP E 76 -30.22 -20.15 -12.19
N LYS E 77 -29.74 -19.86 -13.39
CA LYS E 77 -28.59 -18.99 -13.57
C LYS E 77 -28.78 -17.68 -12.81
N GLY E 78 -30.03 -17.29 -12.63
CA GLY E 78 -30.32 -16.07 -11.89
C GLY E 78 -29.99 -14.77 -12.59
N LEU E 79 -30.52 -14.59 -13.80
CA LEU E 79 -30.30 -13.36 -14.55
C LEU E 79 -31.63 -12.92 -15.12
N TYR E 80 -32.54 -13.87 -15.33
CA TYR E 80 -33.85 -13.57 -15.87
C TYR E 80 -34.43 -12.37 -15.12
N GLY E 81 -34.81 -12.61 -13.88
CA GLY E 81 -35.39 -11.57 -13.05
C GLY E 81 -34.67 -10.24 -12.96
N LYS E 82 -33.34 -10.27 -12.94
CA LYS E 82 -32.56 -9.04 -12.84
C LYS E 82 -32.80 -8.06 -14.00
N LEU E 83 -33.71 -8.44 -14.90
CA LEU E 83 -34.06 -7.64 -16.06
C LEU E 83 -35.54 -7.25 -15.98
N LYS E 84 -36.17 -7.04 -17.14
CA LYS E 84 -37.58 -6.67 -17.18
C LYS E 84 -38.31 -7.11 -18.46
N ALA E 85 -39.54 -6.62 -18.61
CA ALA E 85 -40.36 -6.94 -19.77
C ALA E 85 -40.07 -6.02 -20.95
N GLY E 86 -39.56 -6.60 -22.03
CA GLY E 86 -39.25 -5.82 -23.21
C GLY E 86 -37.76 -5.85 -23.51
N VAL E 87 -37.32 -4.93 -24.36
CA VAL E 87 -35.90 -4.84 -24.72
C VAL E 87 -35.06 -4.33 -23.56
N CYS E 88 -33.87 -4.90 -23.41
CA CYS E 88 -32.98 -4.52 -22.32
C CYS E 88 -31.55 -4.30 -22.81
N TYR E 89 -30.88 -3.34 -22.18
CA TYR E 89 -29.51 -3.00 -22.57
C TYR E 89 -28.52 -2.97 -21.42
N ALA E 90 -27.29 -3.32 -21.75
CA ALA E 90 -26.19 -3.33 -20.80
C ALA E 90 -24.98 -2.98 -21.64
N VAL E 91 -24.79 -1.70 -21.87
CA VAL E 91 -23.69 -1.22 -22.69
C VAL E 91 -22.49 -0.74 -21.88
N LEU E 92 -21.33 -0.69 -22.53
CA LEU E 92 -20.10 -0.25 -21.88
C LEU E 92 -19.38 0.86 -22.64
N GLU E 93 -19.20 2.00 -21.97
CA GLU E 93 -18.52 3.15 -22.56
C GLU E 93 -17.03 3.02 -22.30
N THR E 94 -16.30 2.53 -23.28
CA THR E 94 -14.86 2.36 -23.13
C THR E 94 -14.12 3.39 -23.95
N VAL E 95 -12.92 3.73 -23.52
CA VAL E 95 -12.12 4.72 -24.22
C VAL E 95 -10.73 4.17 -24.54
N ASN E 96 -10.47 3.96 -25.83
CA ASN E 96 -9.21 3.40 -26.29
C ASN E 96 -7.98 4.29 -26.17
N SER E 97 -6.82 3.63 -26.13
CA SER E 97 -5.53 4.30 -26.01
C SER E 97 -5.39 5.41 -27.04
N ARG E 98 -6.24 5.38 -28.07
CA ARG E 98 -6.20 6.38 -29.13
C ARG E 98 -7.35 7.38 -29.07
N ALA E 99 -7.67 7.89 -27.88
CA ALA E 99 -8.76 8.85 -27.73
C ALA E 99 -9.94 8.44 -28.60
N GLN E 100 -10.27 7.14 -28.57
CA GLN E 100 -11.38 6.59 -29.35
C GLN E 100 -12.51 6.16 -28.44
N ARG E 101 -13.73 6.53 -28.80
CA ARG E 101 -14.87 6.16 -27.98
C ARG E 101 -15.52 4.88 -28.49
N ILE E 102 -15.25 3.80 -27.79
CA ILE E 102 -15.79 2.50 -28.15
C ILE E 102 -16.88 2.10 -27.19
N ILE E 103 -18.02 1.74 -27.73
CA ILE E 103 -19.13 1.32 -26.90
C ILE E 103 -19.47 -0.12 -27.27
N THR E 104 -19.54 -0.98 -26.28
CA THR E 104 -19.88 -2.38 -26.51
C THR E 104 -20.91 -2.82 -25.47
N GLY E 105 -21.88 -3.61 -25.90
CA GLY E 105 -22.92 -4.05 -24.98
C GLY E 105 -23.73 -5.21 -25.50
N VAL E 106 -24.84 -5.49 -24.82
CA VAL E 106 -25.71 -6.60 -25.20
C VAL E 106 -27.19 -6.28 -24.99
N ARG E 107 -28.03 -6.66 -25.95
CA ARG E 107 -29.46 -6.42 -25.84
C ARG E 107 -30.14 -7.68 -25.35
N LEU E 108 -30.37 -7.75 -24.05
CA LEU E 108 -31.02 -8.92 -23.47
C LEU E 108 -32.53 -8.83 -23.67
N GLN E 109 -33.18 -10.00 -23.67
CA GLN E 109 -34.63 -10.06 -23.79
C GLN E 109 -35.14 -11.33 -23.14
N GLN E 110 -36.25 -11.22 -22.41
CA GLN E 110 -36.84 -12.35 -21.72
C GLN E 110 -37.36 -13.38 -22.72
N ILE E 111 -37.19 -14.66 -22.38
CA ILE E 111 -37.62 -15.75 -23.26
C ILE E 111 -38.93 -16.37 -22.80
N ALA E 112 -39.50 -17.20 -23.66
CA ALA E 112 -40.74 -17.90 -23.39
C ALA E 112 -40.80 -18.40 -21.95
N GLY E 113 -42.01 -18.50 -21.42
CA GLY E 113 -42.20 -18.97 -20.06
C GLY E 113 -41.77 -20.41 -19.84
N ARG E 114 -41.07 -21.00 -20.81
CA ARG E 114 -40.61 -22.38 -20.66
C ARG E 114 -39.99 -22.43 -19.28
N ASP E 115 -38.77 -21.94 -19.19
CA ASP E 115 -38.09 -21.86 -17.91
C ASP E 115 -37.87 -20.38 -17.70
N LYS E 116 -36.63 -19.94 -17.85
CA LYS E 116 -36.30 -18.54 -17.68
C LYS E 116 -35.06 -18.22 -18.49
N LYS E 117 -34.77 -19.07 -19.48
CA LYS E 117 -33.62 -18.87 -20.36
C LYS E 117 -33.69 -17.44 -20.91
N VAL E 118 -32.55 -16.86 -21.29
CA VAL E 118 -32.57 -15.48 -21.81
C VAL E 118 -31.81 -15.26 -23.12
N ASP E 119 -32.25 -14.25 -23.87
CA ASP E 119 -31.63 -13.89 -25.15
C ASP E 119 -30.46 -12.96 -24.96
N ILE E 120 -29.50 -13.03 -25.88
CA ILE E 120 -28.30 -12.18 -25.82
C ILE E 120 -27.68 -12.05 -27.20
N ARG E 121 -27.47 -10.80 -27.63
CA ARG E 121 -26.83 -10.56 -28.90
C ARG E 121 -26.02 -9.29 -28.78
N PRO E 122 -24.69 -9.43 -28.76
CA PRO E 122 -23.70 -8.37 -28.65
C PRO E 122 -23.67 -7.44 -29.86
N PHE E 123 -22.97 -6.31 -29.73
CA PHE E 123 -22.88 -5.33 -30.83
C PHE E 123 -22.01 -4.16 -30.41
N SER E 124 -21.36 -3.51 -31.37
CA SER E 124 -20.49 -2.37 -31.07
C SER E 124 -21.18 -1.04 -31.36
N LEU E 125 -20.39 0.03 -31.39
CA LEU E 125 -20.85 1.39 -31.66
C LEU E 125 -19.67 2.36 -31.59
N GLN E 126 -19.02 2.57 -32.73
CA GLN E 126 -17.85 3.43 -32.80
C GLN E 126 -18.17 4.85 -33.23
N ASN E 127 -17.14 5.68 -33.25
CA ASN E 127 -17.22 7.08 -33.67
C ASN E 127 -18.44 7.88 -33.20
N VAL E 128 -18.97 7.55 -32.02
CA VAL E 128 -20.13 8.26 -31.50
C VAL E 128 -19.69 9.57 -30.84
N PRO E 129 -20.08 10.72 -31.42
CA PRO E 129 -19.74 12.05 -30.92
C PRO E 129 -19.94 12.20 -29.41
N MET E 130 -18.91 12.73 -28.75
CA MET E 130 -18.93 12.94 -27.30
C MET E 130 -20.06 13.83 -26.81
N THR E 131 -20.61 14.62 -27.72
CA THR E 131 -21.70 15.54 -27.38
C THR E 131 -22.98 14.80 -27.01
N ASP E 132 -22.99 13.50 -27.29
CA ASP E 132 -24.16 12.68 -27.01
C ASP E 132 -23.93 11.71 -25.86
N SER E 133 -25.02 11.38 -25.17
CA SER E 133 -24.98 10.47 -24.02
C SER E 133 -25.18 9.02 -24.43
N VAL E 134 -24.74 8.10 -23.57
CA VAL E 134 -24.89 6.68 -23.84
C VAL E 134 -26.36 6.38 -24.00
N ILE E 135 -27.11 6.71 -22.96
CA ILE E 135 -28.54 6.50 -22.94
C ILE E 135 -29.22 7.12 -24.16
N SER E 136 -28.88 8.37 -24.46
CA SER E 136 -29.47 9.08 -25.58
C SER E 136 -29.42 8.33 -26.91
N LEU E 137 -28.99 7.08 -26.87
CA LEU E 137 -28.92 6.25 -28.07
C LEU E 137 -30.09 5.29 -28.17
N PHE E 138 -30.28 4.53 -27.09
CA PHE E 138 -31.34 3.53 -27.03
C PHE E 138 -32.60 4.00 -26.29
N THR E 139 -33.04 5.22 -26.58
CA THR E 139 -34.25 5.77 -25.96
C THR E 139 -34.81 6.87 -26.85
N GLU E 140 -36.06 6.68 -27.30
CA GLU E 140 -36.72 7.65 -28.15
C GLU E 140 -37.63 8.56 -27.35
N GLN E 141 -37.95 9.74 -27.90
CA GLN E 141 -38.79 10.70 -27.21
C GLN E 141 -40.25 10.72 -27.69
N VAL E 142 -41.16 10.29 -26.83
CA VAL E 142 -42.60 10.39 -27.09
C VAL E 142 -43.00 11.68 -26.39
N ALA E 143 -44.31 11.96 -26.31
CA ALA E 143 -44.79 13.16 -25.62
C ALA E 143 -43.76 13.55 -24.57
N ASN E 144 -43.71 12.76 -23.50
CA ASN E 144 -42.70 12.93 -22.45
C ASN E 144 -42.48 11.59 -21.76
N LYS E 145 -43.23 10.57 -22.18
CA LYS E 145 -43.09 9.23 -21.63
C LYS E 145 -41.68 8.73 -21.96
N ALA E 146 -41.57 7.91 -23.00
CA ALA E 146 -40.27 7.39 -23.44
C ALA E 146 -40.44 6.09 -24.21
N ARG E 147 -39.29 5.47 -24.51
CA ARG E 147 -39.28 4.23 -25.27
C ARG E 147 -37.91 3.54 -25.25
N VAL E 148 -37.86 2.30 -25.74
CA VAL E 148 -36.61 1.56 -25.78
C VAL E 148 -36.58 0.76 -27.06
N LEU E 149 -35.99 1.33 -28.09
CA LEU E 149 -35.89 0.68 -29.39
C LEU E 149 -35.07 -0.61 -29.29
N SER E 150 -34.99 -1.37 -30.38
CA SER E 150 -34.23 -2.61 -30.37
C SER E 150 -33.19 -2.64 -31.49
N LEU E 151 -32.39 -3.70 -31.51
CA LEU E 151 -31.33 -3.90 -32.49
C LEU E 151 -31.67 -3.40 -33.88
N ASN E 152 -32.78 -3.90 -34.42
CA ASN E 152 -33.23 -3.54 -35.74
C ASN E 152 -33.62 -2.06 -35.83
N ASP E 153 -34.33 -1.59 -34.81
CA ASP E 153 -34.77 -0.21 -34.78
C ASP E 153 -33.55 0.69 -34.81
N LEU E 154 -32.50 0.27 -34.14
CA LEU E 154 -31.25 1.03 -34.10
C LEU E 154 -30.76 1.24 -35.53
N LYS E 155 -30.39 0.13 -36.16
CA LYS E 155 -29.88 0.12 -37.52
C LYS E 155 -30.43 1.25 -38.38
N GLU E 156 -31.75 1.44 -38.35
CA GLU E 156 -32.40 2.49 -39.13
C GLU E 156 -31.87 3.89 -38.86
N LYS E 157 -31.66 4.20 -37.59
CA LYS E 157 -31.15 5.52 -37.21
C LYS E 157 -29.67 5.58 -37.60
N PHE E 158 -28.92 4.55 -37.25
CA PHE E 158 -27.50 4.47 -37.55
C PHE E 158 -27.31 3.90 -38.96
N GLU E 159 -28.24 4.25 -39.84
CA GLU E 159 -28.21 3.79 -41.23
C GLU E 159 -27.23 4.65 -42.02
N GLU E 160 -27.69 5.86 -42.35
CA GLU E 160 -26.88 6.83 -43.09
C GLU E 160 -25.91 7.66 -42.25
N THR E 161 -25.96 7.46 -40.92
CA THR E 161 -25.12 8.18 -39.99
C THR E 161 -23.62 8.02 -40.24
N ALA E 162 -22.85 8.57 -39.32
CA ALA E 162 -21.40 8.51 -39.39
C ALA E 162 -20.90 7.50 -38.37
N VAL E 163 -21.84 6.81 -37.72
CA VAL E 163 -21.53 5.79 -36.71
C VAL E 163 -21.69 4.40 -37.28
N THR E 164 -21.24 3.38 -36.54
CA THR E 164 -21.32 2.00 -37.00
C THR E 164 -22.00 1.03 -36.04
N PHE E 165 -23.20 0.57 -36.39
CA PHE E 165 -23.90 -0.39 -35.56
C PHE E 165 -23.53 -1.76 -36.10
N LYS E 166 -22.57 -2.42 -35.45
CA LYS E 166 -22.11 -3.73 -35.89
C LYS E 166 -22.69 -4.84 -35.01
N PRO E 167 -23.83 -5.41 -35.42
CA PRO E 167 -24.48 -6.49 -34.67
C PRO E 167 -23.70 -7.78 -34.90
N TYR E 168 -22.91 -8.17 -33.91
CA TYR E 168 -22.09 -9.37 -34.02
C TYR E 168 -22.90 -10.67 -34.08
N HIS E 169 -22.48 -11.56 -34.97
CA HIS E 169 -23.13 -12.85 -35.19
C HIS E 169 -22.63 -14.00 -34.30
N SER E 170 -21.61 -13.76 -33.50
CA SER E 170 -21.05 -14.79 -32.62
C SER E 170 -20.21 -14.18 -31.52
N ILE E 171 -20.30 -14.75 -30.32
CA ILE E 171 -19.51 -14.24 -29.22
C ILE E 171 -18.06 -14.21 -29.69
N THR E 172 -17.65 -15.30 -30.33
CA THR E 172 -16.30 -15.45 -30.87
C THR E 172 -15.91 -14.10 -31.46
N ASP E 173 -16.86 -13.51 -32.17
CA ASP E 173 -16.68 -12.22 -32.82
C ASP E 173 -16.74 -11.05 -31.84
N TYR E 174 -17.75 -11.04 -30.99
CA TYR E 174 -17.89 -9.95 -30.02
C TYR E 174 -16.63 -9.62 -29.25
N HIS E 175 -15.83 -10.64 -28.94
CA HIS E 175 -14.60 -10.40 -28.21
C HIS E 175 -13.46 -9.97 -29.12
N SER E 176 -13.39 -10.57 -30.31
CA SER E 176 -12.33 -10.20 -31.25
C SER E 176 -12.26 -8.68 -31.46
N PHE E 177 -13.41 -8.04 -31.65
CA PHE E 177 -13.45 -6.59 -31.85
C PHE E 177 -12.94 -5.80 -30.64
N MET E 178 -13.43 -6.15 -29.46
CA MET E 178 -13.00 -5.48 -28.25
C MET E 178 -11.50 -5.63 -28.08
N PHE E 179 -11.01 -6.83 -28.35
CA PHE E 179 -9.60 -7.14 -28.22
C PHE E 179 -8.73 -6.29 -29.14
N ASP E 180 -9.09 -6.24 -30.42
CA ASP E 180 -8.33 -5.48 -31.41
C ASP E 180 -8.38 -3.99 -31.13
N LEU E 181 -8.79 -3.64 -29.91
CA LEU E 181 -8.90 -2.24 -29.52
C LEU E 181 -8.23 -1.95 -28.17
N GLY E 182 -8.67 -2.65 -27.14
CA GLY E 182 -8.08 -2.44 -25.83
C GLY E 182 -8.99 -2.80 -24.68
N ILE E 183 -10.21 -3.20 -25.00
CA ILE E 183 -11.16 -3.57 -23.98
C ILE E 183 -10.73 -4.84 -23.25
N LEU E 184 -10.25 -5.84 -23.99
CA LEU E 184 -9.84 -7.08 -23.35
C LEU E 184 -8.34 -7.33 -23.24
N PRO E 185 -7.93 -7.97 -22.13
CA PRO E 185 -6.53 -8.31 -21.84
C PRO E 185 -6.04 -9.54 -22.59
N LYS E 186 -6.78 -10.65 -22.47
CA LYS E 186 -6.42 -11.91 -23.12
C LYS E 186 -7.16 -12.17 -24.42
N ARG E 187 -6.56 -13.01 -25.25
CA ARG E 187 -7.11 -13.37 -26.54
C ARG E 187 -8.15 -14.50 -26.39
N LEU E 188 -9.40 -14.13 -26.18
CA LEU E 188 -10.45 -15.14 -26.02
C LEU E 188 -10.75 -15.80 -27.36
N ARG E 189 -10.22 -17.00 -27.56
CA ARG E 189 -10.42 -17.69 -28.82
C ARG E 189 -11.45 -18.81 -28.76
N SER E 190 -11.36 -19.65 -27.73
CA SER E 190 -12.32 -20.76 -27.59
C SER E 190 -12.87 -20.88 -26.18
N SER E 191 -13.81 -21.80 -26.00
CA SER E 191 -14.44 -22.03 -24.71
C SER E 191 -13.40 -22.27 -23.62
N SER E 192 -12.33 -22.98 -23.96
CA SER E 192 -11.28 -23.27 -23.00
C SER E 192 -10.76 -21.97 -22.41
N ASP E 193 -10.78 -20.93 -23.22
CA ASP E 193 -10.32 -19.63 -22.81
C ASP E 193 -11.42 -18.86 -22.10
N ARG E 194 -12.49 -18.53 -22.82
CA ARG E 194 -13.59 -17.79 -22.22
C ARG E 194 -13.78 -18.25 -20.77
N ASN E 195 -14.03 -19.56 -20.62
CA ASN E 195 -14.23 -20.19 -19.32
C ASN E 195 -13.28 -19.66 -18.24
N LYS E 196 -12.03 -19.42 -18.62
CA LYS E 196 -11.03 -18.91 -17.70
C LYS E 196 -11.29 -17.45 -17.36
N PHE E 197 -11.56 -16.64 -18.38
CA PHE E 197 -11.80 -15.22 -18.15
C PHE E 197 -12.95 -15.00 -17.17
N TYR E 198 -14.12 -15.51 -17.52
CA TYR E 198 -15.28 -15.36 -16.66
C TYR E 198 -14.97 -15.84 -15.25
N LYS E 199 -14.35 -17.01 -15.16
CA LYS E 199 -14.00 -17.60 -13.88
C LYS E 199 -13.14 -16.68 -13.01
N LEU E 200 -12.28 -15.89 -13.64
CA LEU E 200 -11.41 -14.95 -12.93
C LEU E 200 -12.25 -13.76 -12.45
N ILE E 201 -13.15 -13.31 -13.32
CA ILE E 201 -14.02 -12.21 -13.00
C ILE E 201 -14.89 -12.63 -11.84
N GLU E 202 -15.19 -13.93 -11.82
CA GLU E 202 -16.00 -14.51 -10.77
C GLU E 202 -15.22 -14.36 -9.48
N ALA E 203 -13.90 -14.52 -9.58
CA ALA E 203 -13.01 -14.41 -8.43
C ALA E 203 -13.13 -13.05 -7.75
N SER E 204 -12.79 -12.00 -8.48
CA SER E 204 -12.87 -10.67 -7.93
C SER E 204 -14.27 -10.39 -7.43
N LEU E 205 -15.26 -11.04 -8.04
CA LEU E 205 -16.65 -10.84 -7.69
C LEU E 205 -17.12 -11.41 -6.36
N TYR E 206 -16.70 -12.61 -6.04
CA TYR E 206 -17.12 -13.24 -4.80
C TYR E 206 -16.04 -13.24 -3.73
N GLY E 207 -14.89 -12.68 -4.10
CA GLY E 207 -13.77 -12.55 -3.17
C GLY E 207 -13.15 -13.79 -2.54
N GLY E 208 -11.87 -13.68 -2.22
CA GLY E 208 -11.18 -14.78 -1.59
C GLY E 208 -10.33 -15.56 -2.57
N ILE E 209 -9.72 -16.62 -2.07
CA ILE E 209 -8.87 -17.49 -2.87
C ILE E 209 -9.71 -18.41 -3.74
N SER E 210 -9.83 -18.08 -5.02
CA SER E 210 -10.61 -18.90 -5.93
C SER E 210 -10.01 -20.29 -6.10
N SER E 211 -10.62 -21.26 -5.45
CA SER E 211 -10.17 -22.65 -5.51
C SER E 211 -9.86 -23.05 -6.95
N VAL E 212 -10.78 -22.75 -7.86
CA VAL E 212 -10.59 -23.13 -9.25
C VAL E 212 -9.31 -22.62 -9.89
N ILE E 213 -8.94 -21.37 -9.65
CA ILE E 213 -7.72 -20.86 -10.25
C ILE E 213 -6.51 -21.38 -9.49
N THR E 214 -6.67 -21.58 -8.19
CA THR E 214 -5.58 -22.07 -7.35
C THR E 214 -5.03 -23.44 -7.76
N LYS E 215 -5.93 -24.36 -8.08
CA LYS E 215 -5.56 -25.72 -8.47
C LYS E 215 -4.42 -25.74 -9.47
N SER E 216 -4.73 -25.43 -10.72
CA SER E 216 -3.70 -25.41 -11.74
C SER E 216 -3.38 -23.98 -12.12
N LEU E 217 -2.44 -23.39 -11.38
CA LEU E 217 -2.01 -22.02 -11.62
C LEU E 217 -1.11 -22.12 -12.85
N ARG E 218 -0.58 -23.31 -13.04
CA ARG E 218 0.29 -23.62 -14.17
C ARG E 218 -0.44 -23.26 -15.44
N ASP E 219 -1.75 -23.43 -15.43
CA ASP E 219 -2.57 -23.12 -16.58
C ASP E 219 -3.04 -21.67 -16.55
N TYR E 220 -2.71 -20.96 -15.47
CA TYR E 220 -3.14 -19.56 -15.33
C TYR E 220 -2.09 -18.45 -15.26
N LEU E 221 -0.80 -18.78 -15.25
CA LEU E 221 0.22 -17.73 -15.16
C LEU E 221 1.37 -17.88 -16.15
N LEU E 222 1.41 -19.01 -16.83
CA LEU E 222 2.47 -19.26 -17.79
C LEU E 222 2.00 -19.10 -19.22
N PRO E 223 2.66 -18.22 -20.00
CA PRO E 223 2.31 -17.98 -21.39
C PRO E 223 2.84 -19.04 -22.37
N GLU E 224 1.92 -19.70 -23.08
CA GLU E 224 2.28 -20.72 -24.07
C GLU E 224 3.19 -20.10 -25.14
N ASN E 225 4.49 -20.04 -24.89
CA ASN E 225 5.38 -19.48 -25.90
C ASN E 225 5.37 -20.43 -27.09
N SER E 226 4.36 -20.29 -27.93
CA SER E 226 4.19 -21.13 -29.12
C SER E 226 5.46 -21.14 -29.97
N GLY E 227 6.41 -20.30 -29.59
CA GLY E 227 7.67 -20.25 -30.31
C GLY E 227 8.37 -21.57 -30.09
N VAL E 228 8.92 -21.74 -28.89
CA VAL E 228 9.63 -22.96 -28.52
C VAL E 228 8.99 -24.21 -29.09
N ARG E 229 7.66 -24.24 -29.11
CA ARG E 229 6.94 -25.39 -29.63
C ARG E 229 6.98 -25.46 -31.16
N GLN E 230 5.99 -24.88 -31.83
CA GLN E 230 5.92 -24.90 -33.28
C GLN E 230 7.30 -24.87 -33.90
N ALA E 231 8.17 -24.00 -33.40
CA ALA E 231 9.54 -23.87 -33.90
C ALA E 231 10.27 -25.20 -33.79
N PHE E 232 10.38 -25.69 -32.57
CA PHE E 232 11.07 -26.95 -32.33
C PHE E 232 10.53 -28.07 -33.22
N GLN E 233 9.23 -28.31 -33.13
CA GLN E 233 8.60 -29.35 -33.94
C GLN E 233 8.98 -29.28 -35.42
N ASP E 234 9.10 -28.06 -35.95
CA ASP E 234 9.43 -27.87 -37.35
C ASP E 234 10.78 -28.43 -37.76
N MET E 235 11.82 -28.16 -36.98
CA MET E 235 13.14 -28.67 -37.32
C MET E 235 13.12 -30.19 -37.37
N GLU E 236 11.94 -30.76 -37.10
CA GLU E 236 11.74 -32.21 -37.14
C GLU E 236 11.22 -32.61 -38.52
N ALA E 237 11.51 -31.77 -39.52
CA ALA E 237 11.10 -32.04 -40.89
C ALA E 237 12.15 -32.88 -41.61
N GLY E 248 16.84 -37.36 -35.91
CA GLY E 248 18.06 -36.76 -36.45
C GLY E 248 19.12 -36.37 -35.41
N SER E 249 19.24 -35.05 -35.16
CA SER E 249 20.23 -34.49 -34.23
C SER E 249 20.09 -32.97 -34.02
N ILE E 250 19.66 -32.61 -32.81
CA ILE E 250 19.46 -31.22 -32.45
C ILE E 250 20.32 -30.91 -31.24
N SER E 251 21.39 -31.68 -31.06
CA SER E 251 22.32 -31.51 -29.93
C SER E 251 21.62 -31.79 -28.60
N ALA E 252 21.59 -33.06 -28.21
CA ALA E 252 20.97 -33.53 -26.98
C ALA E 252 20.94 -32.47 -25.86
N GLU E 253 22.04 -31.79 -25.64
CA GLU E 253 22.07 -30.77 -24.60
C GLU E 253 21.39 -29.49 -25.08
N SER E 254 21.85 -28.97 -26.22
CA SER E 254 21.29 -27.74 -26.77
C SER E 254 19.80 -27.61 -26.45
N VAL E 255 19.10 -28.72 -26.52
CA VAL E 255 17.66 -28.76 -26.24
C VAL E 255 17.41 -28.16 -24.87
N ALA E 256 17.93 -28.84 -23.85
CA ALA E 256 17.77 -28.38 -22.48
C ALA E 256 18.31 -26.98 -22.35
N ASN E 257 19.28 -26.63 -23.18
CA ASN E 257 19.88 -25.31 -23.16
C ASN E 257 18.82 -24.26 -23.46
N ILE E 258 17.97 -24.56 -24.44
CA ILE E 258 16.90 -23.64 -24.82
C ILE E 258 15.88 -23.60 -23.67
N LEU E 259 15.45 -24.78 -23.22
CA LEU E 259 14.48 -24.87 -22.15
C LEU E 259 14.90 -24.08 -20.92
N ARG E 260 16.12 -24.32 -20.44
CA ARG E 260 16.63 -23.61 -19.28
C ARG E 260 16.72 -22.10 -19.48
N LYS E 261 16.99 -21.68 -20.72
CA LYS E 261 17.09 -20.26 -21.02
C LYS E 261 15.74 -19.57 -21.16
N THR E 262 14.66 -20.31 -20.96
CA THR E 262 13.31 -19.74 -21.05
C THR E 262 12.66 -19.89 -19.70
N ILE E 263 12.88 -21.03 -19.08
CA ILE E 263 12.33 -21.27 -17.76
C ILE E 263 12.87 -20.17 -16.88
N GLN E 264 14.10 -19.74 -17.16
CA GLN E 264 14.69 -18.69 -16.38
C GLN E 264 13.99 -17.38 -16.76
N ARG E 265 13.51 -17.30 -18.00
CA ARG E 265 12.82 -16.09 -18.47
C ARG E 265 11.60 -15.83 -17.60
N GLU E 266 10.52 -16.57 -17.84
CA GLU E 266 9.29 -16.37 -17.08
C GLU E 266 9.52 -16.38 -15.57
N GLN E 267 10.59 -17.02 -15.11
CA GLN E 267 10.85 -17.04 -13.68
C GLN E 267 11.16 -15.62 -13.25
N ASN E 268 11.88 -14.90 -14.10
CA ASN E 268 12.23 -13.51 -13.82
C ASN E 268 11.03 -12.64 -14.11
N ARG E 269 10.25 -13.01 -15.12
CA ARG E 269 9.06 -12.24 -15.47
C ARG E 269 8.18 -12.19 -14.23
N ILE E 270 7.89 -13.38 -13.71
CA ILE E 270 7.07 -13.53 -12.52
C ILE E 270 7.71 -12.87 -11.32
N LEU E 271 8.96 -13.24 -11.05
CA LEU E 271 9.69 -12.69 -9.90
C LEU E 271 9.41 -11.19 -9.74
N GLN E 272 9.19 -10.49 -10.86
CA GLN E 272 8.92 -9.05 -10.83
C GLN E 272 7.52 -8.66 -10.37
N LEU E 273 6.51 -9.47 -10.68
CA LEU E 273 5.18 -9.14 -10.25
C LEU E 273 5.19 -9.34 -8.74
N ASN E 274 6.00 -10.31 -8.30
CA ASN E 274 6.14 -10.62 -6.90
C ASN E 274 6.62 -9.39 -6.16
N GLN E 275 7.67 -8.76 -6.67
CA GLN E 275 8.20 -7.56 -6.05
C GLN E 275 7.26 -6.42 -6.43
N GLY E 276 6.18 -6.78 -7.11
CA GLY E 276 5.19 -5.82 -7.51
C GLY E 276 4.12 -5.79 -6.45
N LEU E 277 4.24 -6.69 -5.48
CA LEU E 277 3.30 -6.78 -4.36
C LEU E 277 3.99 -7.19 -3.07
N GLN E 278 4.95 -6.38 -2.61
CA GLN E 278 5.69 -6.67 -1.38
C GLN E 278 5.37 -5.75 -0.21
N ASN E 279 4.53 -4.74 -0.45
CA ASN E 279 4.12 -3.80 0.60
C ASN E 279 2.59 -3.77 0.67
N ILE E 280 2.00 -4.94 0.91
CA ILE E 280 0.55 -5.10 1.01
C ILE E 280 0.12 -5.10 2.47
N ALA E 281 -1.19 -4.93 2.71
CA ALA E 281 -1.72 -4.88 4.08
C ALA E 281 -3.10 -5.54 4.24
N PHE E 282 -3.12 -6.80 4.68
CA PHE E 282 -4.38 -7.52 4.86
C PHE E 282 -4.44 -8.31 6.17
N GLY E 283 -4.97 -7.67 7.22
CA GLY E 283 -5.08 -8.34 8.51
C GLY E 283 -3.70 -8.65 9.07
N GLN E 284 -3.07 -9.66 8.49
CA GLN E 284 -1.73 -10.09 8.88
C GLN E 284 -0.93 -10.32 7.61
N VAL E 285 -1.65 -10.38 6.50
CA VAL E 285 -1.04 -10.59 5.21
C VAL E 285 -0.26 -9.38 4.74
N LYS E 286 1.05 -9.47 4.90
CA LYS E 286 1.95 -8.39 4.48
C LYS E 286 2.66 -8.81 3.19
N GLY E 287 2.03 -9.70 2.43
CA GLY E 287 2.65 -10.13 1.19
C GLY E 287 2.13 -11.40 0.54
N VAL E 288 2.41 -11.51 -0.75
CA VAL E 288 2.00 -12.65 -1.54
C VAL E 288 3.14 -12.88 -2.53
N ARG E 289 3.15 -14.05 -3.16
CA ARG E 289 4.19 -14.38 -4.14
C ARG E 289 3.73 -15.52 -5.05
N LEU E 290 4.66 -15.97 -5.89
CA LEU E 290 4.42 -17.06 -6.83
C LEU E 290 5.69 -17.84 -7.11
N VAL E 291 6.10 -18.64 -6.15
CA VAL E 291 7.37 -19.36 -6.23
C VAL E 291 7.42 -20.44 -7.30
N VAL E 292 8.43 -20.36 -8.17
CA VAL E 292 8.60 -21.30 -9.24
C VAL E 292 9.63 -22.38 -8.90
N ASN E 293 9.16 -23.60 -8.72
CA ASN E 293 10.04 -24.73 -8.46
C ASN E 293 10.16 -25.52 -9.77
N ILE E 294 11.30 -26.16 -9.97
CA ILE E 294 11.53 -26.94 -11.16
C ILE E 294 11.30 -28.42 -10.84
N ARG E 295 10.10 -28.93 -11.13
CA ARG E 295 9.76 -30.34 -10.86
C ARG E 295 11.01 -31.22 -10.75
N ASP E 296 11.27 -31.73 -9.55
CA ASP E 296 12.42 -32.59 -9.29
C ASP E 296 12.67 -33.51 -10.49
N THR E 297 11.61 -34.20 -10.90
CA THR E 297 11.69 -35.12 -12.04
C THR E 297 12.31 -34.47 -13.25
N HIS E 298 11.66 -33.41 -13.72
CA HIS E 298 12.13 -32.67 -14.89
C HIS E 298 13.40 -31.87 -14.59
N SER E 299 13.73 -31.75 -13.31
CA SER E 299 14.93 -31.02 -12.90
C SER E 299 16.10 -31.96 -13.17
N ILE E 300 15.84 -33.25 -12.99
CA ILE E 300 16.81 -34.31 -13.21
C ILE E 300 17.21 -34.28 -14.68
N LEU E 301 16.23 -34.52 -15.54
CA LEU E 301 16.45 -34.52 -16.98
C LEU E 301 17.08 -33.20 -17.42
N LEU E 302 16.55 -32.09 -16.93
CA LEU E 302 17.08 -30.78 -17.27
C LEU E 302 18.55 -30.71 -16.90
N ASN E 303 18.96 -31.58 -15.98
CA ASN E 303 20.34 -31.64 -15.52
C ASN E 303 21.15 -32.64 -16.37
N ALA E 304 20.53 -33.77 -16.71
CA ALA E 304 21.20 -34.79 -17.52
C ALA E 304 21.69 -34.20 -18.84
N LEU E 305 20.83 -33.40 -19.48
CA LEU E 305 21.16 -32.76 -20.73
C LEU E 305 22.06 -31.57 -20.44
N SER E 306 22.72 -31.57 -19.28
CA SER E 306 23.61 -30.47 -18.90
C SER E 306 24.99 -30.98 -18.52
N ASP E 307 25.05 -32.18 -17.94
CA ASP E 307 26.30 -32.78 -17.51
C ASP E 307 26.52 -34.17 -18.13
N GLN E 308 25.78 -35.16 -17.61
CA GLN E 308 25.87 -36.56 -18.05
C GLN E 308 26.07 -36.78 -19.56
N HIS E 309 26.56 -37.96 -19.93
CA HIS E 309 26.83 -38.29 -21.33
C HIS E 309 26.08 -39.52 -21.85
N GLU E 310 24.88 -39.31 -22.36
CA GLU E 310 24.05 -40.39 -22.90
C GLU E 310 23.91 -40.14 -24.39
N GLN E 311 24.88 -40.60 -25.17
CA GLN E 311 24.84 -40.38 -26.61
C GLN E 311 23.91 -41.32 -27.37
N HIS E 312 22.87 -40.73 -27.97
CA HIS E 312 21.89 -41.46 -28.75
C HIS E 312 21.47 -40.65 -29.96
N GLN E 319 19.83 -43.03 -33.79
CA GLN E 319 19.32 -44.04 -34.72
C GLN E 319 17.86 -43.87 -35.19
N LYS E 320 17.21 -44.97 -35.55
CA LYS E 320 15.81 -44.94 -35.99
C LYS E 320 14.91 -44.63 -34.78
N LEU E 321 15.07 -43.43 -34.24
CA LEU E 321 14.31 -43.02 -33.06
C LEU E 321 14.04 -41.51 -33.08
N SER E 322 12.78 -41.14 -33.28
CA SER E 322 12.35 -39.75 -33.33
C SER E 322 12.99 -38.92 -32.23
N PHE E 323 13.23 -37.64 -32.51
CA PHE E 323 13.81 -36.76 -31.50
C PHE E 323 12.79 -36.65 -30.38
N SER E 324 11.54 -36.37 -30.77
CA SER E 324 10.45 -36.26 -29.82
C SER E 324 10.47 -37.53 -28.96
N GLU E 325 10.74 -38.67 -29.60
CA GLU E 325 10.80 -39.94 -28.89
C GLU E 325 12.11 -40.05 -28.11
N ALA E 326 13.16 -39.38 -28.60
CA ALA E 326 14.46 -39.41 -27.95
C ALA E 326 14.32 -39.06 -26.47
N LEU E 327 14.07 -37.78 -26.19
CA LEU E 327 13.91 -37.32 -24.84
C LEU E 327 13.25 -38.40 -23.98
N ALA E 328 12.02 -38.74 -24.35
CA ALA E 328 11.25 -39.75 -23.66
C ALA E 328 12.12 -40.83 -23.03
N MET E 329 12.76 -41.62 -23.88
CA MET E 329 13.62 -42.70 -23.40
C MET E 329 14.50 -42.25 -22.24
N LEU E 330 15.18 -41.12 -22.42
CA LEU E 330 16.06 -40.59 -21.38
C LEU E 330 15.31 -40.50 -20.07
N TYR E 331 14.15 -39.86 -20.13
CA TYR E 331 13.28 -39.68 -18.98
C TYR E 331 13.01 -41.04 -18.34
N LYS E 332 12.85 -42.08 -19.17
CA LYS E 332 12.58 -43.44 -18.69
C LYS E 332 13.72 -44.06 -17.91
N ARG E 333 14.93 -43.94 -18.47
CA ARG E 333 16.11 -44.46 -17.81
C ARG E 333 16.29 -43.74 -16.48
N ILE E 334 15.35 -42.85 -16.18
CA ILE E 334 15.37 -42.12 -14.92
C ILE E 334 14.23 -42.61 -14.03
N ASN E 335 13.13 -41.85 -13.98
CA ASN E 335 12.01 -42.21 -13.13
C ASN E 335 10.95 -43.20 -13.62
N PRO E 336 10.20 -43.79 -12.67
CA PRO E 336 9.15 -44.76 -12.89
C PRO E 336 8.05 -44.28 -13.83
N HIS E 337 7.21 -45.23 -14.23
CA HIS E 337 6.10 -44.98 -15.14
C HIS E 337 6.57 -44.49 -16.50
N MET E 344 2.84 -43.27 -27.47
CA MET E 344 3.32 -43.02 -26.11
C MET E 344 4.65 -42.29 -26.11
N PRO E 345 5.68 -42.86 -26.76
CA PRO E 345 7.01 -42.24 -26.80
C PRO E 345 7.10 -40.83 -27.39
N GLN E 346 6.71 -40.69 -28.65
CA GLN E 346 6.77 -39.40 -29.33
C GLN E 346 5.79 -38.40 -28.71
N THR E 347 4.82 -38.91 -27.96
CA THR E 347 3.85 -38.05 -27.29
C THR E 347 4.51 -37.44 -26.07
N ILE E 348 5.62 -38.05 -25.65
CA ILE E 348 6.36 -37.59 -24.48
C ILE E 348 7.32 -36.44 -24.83
N GLY E 349 8.13 -36.64 -25.87
CA GLY E 349 9.06 -35.60 -26.26
C GLY E 349 8.36 -34.29 -26.56
N GLU E 350 7.16 -34.38 -27.09
CA GLU E 350 6.36 -33.21 -27.40
C GLU E 350 6.12 -32.43 -26.10
N GLU E 351 5.71 -33.14 -25.06
CA GLU E 351 5.45 -32.53 -23.76
C GLU E 351 6.73 -31.89 -23.22
N LEU E 352 7.86 -32.57 -23.42
CA LEU E 352 9.16 -32.11 -22.94
C LEU E 352 9.81 -30.98 -23.71
N LEU E 353 9.02 -30.18 -24.42
CA LEU E 353 9.54 -29.06 -25.16
C LEU E 353 8.69 -27.84 -24.84
N ASP E 354 7.56 -28.11 -24.18
CA ASP E 354 6.62 -27.08 -23.75
C ASP E 354 6.99 -26.79 -22.30
N TYR E 355 8.17 -26.22 -22.14
CA TYR E 355 8.76 -25.87 -20.84
C TYR E 355 7.81 -25.85 -19.65
N ARG E 356 6.71 -25.13 -19.78
CA ARG E 356 5.72 -24.99 -18.71
C ARG E 356 5.53 -26.26 -17.87
N ASN E 357 5.71 -27.42 -18.48
CA ASN E 357 5.54 -28.68 -17.78
C ASN E 357 6.74 -29.05 -16.93
N TYR E 358 7.67 -28.12 -16.81
CA TYR E 358 8.88 -28.31 -16.00
C TYR E 358 8.68 -27.47 -14.75
N LEU E 359 7.78 -26.51 -14.87
CA LEU E 359 7.49 -25.61 -13.77
C LEU E 359 6.22 -25.99 -13.05
N ASP E 360 6.25 -25.78 -11.73
CA ASP E 360 5.11 -26.04 -10.86
C ASP E 360 5.09 -24.94 -9.83
N LEU E 361 4.18 -23.98 -10.04
CA LEU E 361 4.02 -22.84 -9.16
C LEU E 361 3.47 -23.19 -7.78
N GLU E 362 3.08 -22.16 -7.04
CA GLU E 362 2.56 -22.31 -5.69
C GLU E 362 2.47 -20.88 -5.16
N VAL E 363 1.36 -20.51 -4.54
CA VAL E 363 1.21 -19.16 -3.99
C VAL E 363 1.33 -19.19 -2.48
N GLU E 364 2.30 -18.42 -1.97
CA GLU E 364 2.54 -18.34 -0.54
C GLU E 364 2.10 -16.98 -0.03
N THR E 365 2.20 -16.76 1.28
CA THR E 365 1.80 -15.51 1.88
C THR E 365 2.85 -15.02 2.87
N LEU E 366 2.49 -14.02 3.66
CA LEU E 366 3.42 -13.44 4.64
C LEU E 366 2.76 -12.84 5.90
N ARG E 367 2.88 -13.52 7.04
CA ARG E 367 2.30 -13.03 8.30
C ARG E 367 3.38 -12.87 9.38
N GLY E 368 3.06 -12.14 10.44
CA GLY E 368 4.01 -11.96 11.52
C GLY E 368 4.51 -13.30 12.04
N ALA E 369 3.69 -14.33 11.90
CA ALA E 369 4.02 -15.69 12.35
C ALA E 369 5.13 -16.32 11.52
N TYR E 370 4.92 -17.58 11.12
CA TYR E 370 5.91 -18.29 10.31
C TYR E 370 6.63 -17.33 9.38
N GLY E 371 5.85 -16.55 8.65
CA GLY E 371 6.41 -15.61 7.71
C GLY E 371 6.00 -15.97 6.30
N TRP E 372 6.58 -17.03 5.77
CA TRP E 372 6.26 -17.48 4.43
C TRP E 372 5.59 -18.84 4.48
N MET E 373 4.26 -18.84 4.57
CA MET E 373 3.46 -20.05 4.62
C MET E 373 2.72 -20.13 3.29
N ARG E 374 2.49 -21.33 2.77
CA ARG E 374 1.77 -21.44 1.50
C ARG E 374 0.44 -20.75 1.74
N ALA E 375 -0.35 -20.57 0.69
CA ALA E 375 -1.63 -19.94 0.84
C ALA E 375 -2.74 -20.95 1.12
N GLU E 376 -3.37 -20.84 2.29
CA GLU E 376 -4.45 -21.76 2.64
C GLU E 376 -5.63 -21.03 3.28
N SER E 377 -6.82 -21.26 2.72
CA SER E 377 -8.07 -20.66 3.18
C SER E 377 -8.39 -20.93 4.64
N SER E 378 -8.19 -22.18 5.05
CA SER E 378 -8.44 -22.59 6.42
C SER E 378 -7.31 -22.09 7.30
N ALA E 379 -6.68 -21.00 6.89
CA ALA E 379 -5.57 -20.42 7.63
C ALA E 379 -5.58 -18.90 7.53
N LEU E 380 -6.56 -18.38 6.78
CA LEU E 380 -6.68 -16.94 6.58
C LEU E 380 -8.11 -16.47 6.77
N SER E 381 -8.28 -15.43 7.58
CA SER E 381 -9.61 -14.87 7.84
C SER E 381 -10.16 -14.27 6.57
N THR E 382 -11.48 -14.21 6.50
CA THR E 382 -12.20 -13.66 5.35
C THR E 382 -11.40 -12.55 4.68
N GLY E 383 -11.16 -11.47 5.42
CA GLY E 383 -10.42 -10.37 4.83
C GLY E 383 -9.13 -10.84 4.21
N GLU E 384 -8.24 -11.39 5.03
CA GLU E 384 -6.95 -11.86 4.56
C GLU E 384 -7.10 -12.54 3.23
N ALA E 385 -8.07 -13.43 3.15
CA ALA E 385 -8.31 -14.18 1.93
C ALA E 385 -8.73 -13.31 0.75
N ILE E 386 -9.81 -12.56 0.92
CA ILE E 386 -10.31 -11.70 -0.15
C ILE E 386 -9.15 -10.96 -0.78
N GLY E 387 -8.31 -10.38 0.07
CA GLY E 387 -7.15 -9.66 -0.41
C GLY E 387 -6.25 -10.64 -1.14
N THR E 388 -5.97 -11.77 -0.49
CA THR E 388 -5.12 -12.81 -1.05
C THR E 388 -5.48 -13.17 -2.50
N GLY E 389 -6.69 -13.68 -2.71
CA GLY E 389 -7.12 -14.06 -4.05
C GLY E 389 -7.08 -12.87 -4.99
N MET E 390 -7.13 -11.69 -4.40
CA MET E 390 -7.11 -10.45 -5.15
C MET E 390 -5.73 -10.26 -5.77
N SER E 391 -4.69 -10.44 -4.96
CA SER E 391 -3.31 -10.29 -5.43
C SER E 391 -3.01 -11.30 -6.53
N ILE E 392 -3.32 -12.57 -6.26
CA ILE E 392 -3.11 -13.64 -7.24
C ILE E 392 -3.85 -13.28 -8.52
N LEU E 393 -5.06 -12.78 -8.33
CA LEU E 393 -5.93 -12.38 -9.43
C LEU E 393 -5.33 -11.24 -10.24
N LEU E 394 -4.58 -10.36 -9.57
CA LEU E 394 -3.94 -9.22 -10.24
C LEU E 394 -2.79 -9.76 -11.09
N MET E 395 -2.06 -10.70 -10.51
CA MET E 395 -0.93 -11.31 -11.19
C MET E 395 -1.36 -11.88 -12.53
N VAL E 396 -2.52 -12.51 -12.55
CA VAL E 396 -3.04 -13.09 -13.78
C VAL E 396 -3.31 -12.01 -14.81
N VAL E 397 -4.18 -11.06 -14.47
CA VAL E 397 -4.55 -9.97 -15.37
C VAL E 397 -3.32 -9.27 -15.93
N GLN E 398 -2.25 -9.24 -15.13
CA GLN E 398 -1.03 -8.62 -15.61
C GLN E 398 -0.48 -9.53 -16.71
N SER E 399 0.02 -10.70 -16.30
CA SER E 399 0.60 -11.68 -17.24
C SER E 399 -0.17 -11.77 -18.55
N TRP E 400 -1.49 -11.82 -18.47
CA TRP E 400 -2.29 -11.90 -19.68
C TRP E 400 -1.98 -10.69 -20.55
N GLU E 401 -2.00 -9.50 -19.97
CA GLU E 401 -1.71 -8.29 -20.71
C GLU E 401 -0.40 -8.41 -21.49
N GLU E 402 0.66 -8.82 -20.80
CA GLU E 402 1.96 -8.99 -21.43
C GLU E 402 1.93 -10.13 -22.44
N GLU E 403 1.33 -11.24 -22.05
CA GLU E 403 1.22 -12.41 -22.92
C GLU E 403 0.69 -11.96 -24.28
N SER E 404 -0.13 -10.92 -24.25
CA SER E 404 -0.73 -10.37 -25.47
C SER E 404 -0.20 -8.99 -25.86
N ARG E 405 1.11 -8.85 -26.02
CA ARG E 405 1.70 -7.58 -26.43
C ARG E 405 2.17 -7.72 -27.87
N ARG E 406 2.30 -8.97 -28.31
CA ARG E 406 2.74 -9.27 -29.67
C ARG E 406 1.59 -9.51 -30.64
N MET E 407 0.50 -10.11 -30.18
CA MET E 407 -0.65 -10.33 -31.04
C MET E 407 -1.44 -9.02 -31.09
N ARG E 408 -1.06 -8.09 -30.22
CA ARG E 408 -1.68 -6.78 -30.12
C ARG E 408 -0.72 -5.74 -30.68
N ALA E 409 -1.26 -4.63 -31.17
CA ALA E 409 -0.42 -3.56 -31.73
C ALA E 409 0.64 -3.16 -30.72
N LYS E 410 1.43 -2.15 -31.07
CA LYS E 410 2.50 -1.69 -30.20
C LYS E 410 2.08 -0.44 -29.43
N ASP E 411 0.98 0.19 -29.84
CA ASP E 411 0.50 1.42 -29.19
C ASP E 411 -0.84 1.28 -28.48
N ILE E 412 -1.06 0.13 -27.84
CA ILE E 412 -2.32 -0.08 -27.13
C ILE E 412 -2.15 -0.84 -25.81
N LEU E 413 -2.51 -0.16 -24.72
CA LEU E 413 -2.43 -0.74 -23.38
C LEU E 413 -3.86 -0.98 -22.91
N PRO E 414 -4.34 -2.22 -23.08
CA PRO E 414 -5.71 -2.55 -22.65
C PRO E 414 -6.02 -2.12 -21.23
N CYS E 415 -7.30 -1.84 -20.98
CA CYS E 415 -7.77 -1.41 -19.66
C CYS E 415 -7.90 -2.58 -18.68
N ARG E 416 -7.64 -2.31 -17.41
CA ARG E 416 -7.73 -3.35 -16.39
C ARG E 416 -8.65 -2.95 -15.26
N LEU E 417 -9.67 -3.78 -15.04
CA LEU E 417 -10.66 -3.54 -14.01
C LEU E 417 -11.13 -4.86 -13.41
N LEU E 418 -11.22 -4.91 -12.09
CA LEU E 418 -11.68 -6.11 -11.40
C LEU E 418 -12.94 -5.79 -10.61
N PHE E 419 -13.29 -6.64 -9.65
CA PHE E 419 -14.50 -6.43 -8.87
C PHE E 419 -14.29 -6.77 -7.40
N LEU E 420 -15.36 -6.68 -6.62
CA LEU E 420 -15.34 -7.01 -5.19
C LEU E 420 -16.64 -6.66 -4.47
N ASP E 421 -17.63 -7.53 -4.62
CA ASP E 421 -18.94 -7.37 -3.99
C ASP E 421 -18.79 -7.59 -2.50
N GLN E 422 -19.68 -7.00 -1.71
CA GLN E 422 -19.64 -7.14 -0.27
C GLN E 422 -18.30 -6.71 0.29
N ALA E 423 -17.80 -5.59 -0.22
CA ALA E 423 -16.51 -5.06 0.21
C ALA E 423 -16.50 -4.75 1.71
N ALA E 424 -17.63 -4.93 2.36
CA ALA E 424 -17.76 -4.65 3.79
C ALA E 424 -16.79 -5.48 4.64
N ARG E 425 -16.70 -6.78 4.35
CA ARG E 425 -15.82 -7.67 5.08
C ARG E 425 -14.47 -7.04 5.39
N LEU E 426 -13.91 -6.34 4.41
CA LEU E 426 -12.62 -5.68 4.57
C LEU E 426 -12.65 -4.52 5.57
N ASP E 427 -11.47 -4.18 6.10
CA ASP E 427 -11.33 -3.09 7.06
C ASP E 427 -10.77 -1.86 6.35
N ALA E 428 -10.76 -0.74 7.04
CA ALA E 428 -10.27 0.49 6.45
C ALA E 428 -8.85 0.33 5.89
N MET E 429 -7.98 -0.38 6.60
CA MET E 429 -6.60 -0.57 6.17
C MET E 429 -6.41 -1.52 4.99
N SER E 430 -7.12 -2.65 5.02
CA SER E 430 -7.04 -3.64 3.94
C SER E 430 -7.68 -3.04 2.69
N ILE E 431 -8.81 -2.37 2.87
CA ILE E 431 -9.50 -1.73 1.75
C ILE E 431 -8.59 -0.65 1.21
N ASN E 432 -7.97 0.09 2.13
CA ASN E 432 -7.03 1.16 1.78
C ASN E 432 -6.02 0.59 0.80
N THR E 433 -5.35 -0.49 1.22
CA THR E 433 -4.35 -1.15 0.38
C THR E 433 -4.81 -1.26 -1.08
N LEU E 434 -5.95 -1.92 -1.33
CA LEU E 434 -6.45 -2.07 -2.70
C LEU E 434 -6.25 -0.79 -3.51
N PHE E 435 -6.82 0.31 -3.01
CA PHE E 435 -6.70 1.61 -3.68
C PHE E 435 -5.26 1.96 -3.97
N GLU E 436 -4.40 1.75 -2.98
CA GLU E 436 -2.99 2.06 -3.13
C GLU E 436 -2.38 1.13 -4.19
N LEU E 437 -3.03 -0.01 -4.43
CA LEU E 437 -2.54 -0.95 -5.43
C LEU E 437 -2.97 -0.45 -6.80
N CYS E 438 -4.24 -0.11 -6.92
CA CYS E 438 -4.77 0.37 -8.18
C CYS E 438 -3.94 1.48 -8.77
N GLU E 439 -3.42 2.36 -7.93
CA GLU E 439 -2.60 3.46 -8.40
C GLU E 439 -1.18 3.02 -8.73
N ARG E 440 -0.89 1.74 -8.54
CA ARG E 440 0.44 1.20 -8.82
C ARG E 440 0.43 0.42 -10.14
N LEU E 441 -0.69 -0.24 -10.40
CA LEU E 441 -0.87 -1.04 -11.60
C LEU E 441 -1.92 -0.39 -12.50
N ASP E 442 -2.16 0.89 -12.25
CA ASP E 442 -3.13 1.65 -13.01
C ASP E 442 -4.33 0.78 -13.35
N MET E 443 -4.98 0.28 -12.31
CA MET E 443 -6.16 -0.58 -12.45
C MET E 443 -7.44 0.07 -11.92
N GLN E 444 -8.58 -0.29 -12.47
CA GLN E 444 -9.87 0.27 -12.03
C GLN E 444 -10.66 -0.73 -11.22
N LEU E 445 -11.25 -0.27 -10.11
CA LEU E 445 -12.04 -1.15 -9.26
C LEU E 445 -13.48 -0.71 -9.11
N LEU E 446 -14.39 -1.68 -9.23
CA LEU E 446 -15.80 -1.42 -9.08
C LEU E 446 -16.29 -2.26 -7.91
N ILE E 447 -15.84 -1.87 -6.72
CA ILE E 447 -16.19 -2.55 -5.49
C ILE E 447 -17.56 -2.07 -5.03
N ALA E 448 -18.15 -2.74 -4.03
CA ALA E 448 -19.45 -2.32 -3.54
C ALA E 448 -19.54 -2.43 -2.02
N ALA E 449 -19.98 -1.34 -1.39
CA ALA E 449 -20.13 -1.30 0.07
C ALA E 449 -21.58 -1.06 0.46
N PRO E 450 -22.34 -2.15 0.74
CA PRO E 450 -23.74 -1.97 1.11
C PRO E 450 -23.77 -0.97 2.26
N GLU E 451 -22.65 -0.90 2.97
CA GLU E 451 -22.48 0.00 4.08
C GLU E 451 -22.56 1.41 3.51
N ASN E 452 -23.31 2.28 4.20
CA ASN E 452 -23.48 3.67 3.78
C ASN E 452 -22.22 4.50 4.05
N ILE E 453 -21.06 3.82 3.98
CA ILE E 453 -19.75 4.44 4.19
C ILE E 453 -18.73 3.90 3.19
N SER E 454 -17.86 4.79 2.72
CA SER E 454 -16.85 4.43 1.74
C SER E 454 -15.57 5.24 1.93
N PRO E 455 -14.58 5.05 1.03
CA PRO E 455 -13.30 5.76 1.07
C PRO E 455 -13.43 7.19 0.54
N GLU E 456 -12.45 8.03 0.84
CA GLU E 456 -12.46 9.43 0.43
C GLU E 456 -12.57 9.71 -1.06
N ARG E 457 -11.43 9.96 -1.72
CA ARG E 457 -11.41 10.26 -3.15
C ARG E 457 -12.09 9.22 -4.02
N GLY E 458 -12.09 9.47 -5.33
CA GLY E 458 -12.72 8.56 -6.26
C GLY E 458 -14.17 8.90 -6.59
N THR E 459 -14.91 7.90 -7.05
CA THR E 459 -16.31 8.08 -7.40
C THR E 459 -17.16 7.17 -6.52
N THR E 460 -18.32 7.66 -6.11
CA THR E 460 -19.20 6.88 -5.26
C THR E 460 -20.67 7.16 -5.55
N TYR E 461 -21.40 6.09 -5.86
CA TYR E 461 -22.82 6.18 -6.15
C TYR E 461 -23.64 5.69 -4.96
N LYS E 462 -24.75 6.37 -4.72
CA LYS E 462 -25.64 6.01 -3.61
C LYS E 462 -26.93 5.54 -4.25
N LEU E 463 -27.36 4.34 -3.91
CA LEU E 463 -28.59 3.81 -4.48
C LEU E 463 -29.64 3.57 -3.44
N VAL E 464 -30.89 3.63 -3.87
CA VAL E 464 -32.01 3.40 -2.99
C VAL E 464 -33.14 2.79 -3.78
N ARG E 465 -33.99 2.02 -3.10
CA ARG E 465 -35.11 1.38 -3.75
C ARG E 465 -36.44 1.99 -3.30
N LYS E 466 -37.15 2.61 -4.24
CA LYS E 466 -38.42 3.25 -3.96
C LYS E 466 -39.54 2.61 -4.79
N ILE E 467 -40.75 2.61 -4.24
CA ILE E 467 -41.89 2.00 -4.93
C ILE E 467 -42.96 2.97 -5.41
N LEU E 468 -42.77 3.50 -6.62
CA LEU E 468 -43.76 4.40 -7.21
C LEU E 468 -44.57 3.52 -8.16
N ALA E 469 -45.75 3.99 -8.55
CA ALA E 469 -46.61 3.22 -9.45
C ALA E 469 -46.80 1.83 -8.86
N ASN E 470 -46.34 1.65 -7.63
CA ASN E 470 -46.44 0.39 -6.92
C ASN E 470 -45.60 -0.70 -7.59
N GLN E 471 -44.37 -0.34 -7.95
CA GLN E 471 -43.42 -1.24 -8.58
C GLN E 471 -41.99 -0.81 -8.25
N GLU E 472 -41.02 -1.51 -8.80
CA GLU E 472 -39.62 -1.22 -8.57
C GLU E 472 -39.29 0.22 -8.97
N TYR E 473 -38.15 0.71 -8.53
CA TYR E 473 -37.70 2.07 -8.85
C TYR E 473 -36.51 2.48 -7.99
N VAL E 474 -35.32 2.47 -8.57
CA VAL E 474 -34.09 2.83 -7.83
C VAL E 474 -33.68 4.28 -8.00
N HIS E 475 -33.40 4.97 -6.90
CA HIS E 475 -32.96 6.36 -6.96
C HIS E 475 -31.44 6.40 -6.86
N VAL E 476 -30.81 7.02 -7.86
CA VAL E 476 -29.37 7.12 -7.93
C VAL E 476 -28.77 8.50 -7.76
N VAL E 477 -27.70 8.57 -6.96
CA VAL E 477 -26.99 9.82 -6.70
C VAL E 477 -25.50 9.47 -6.62
N GLY E 478 -24.67 10.11 -7.42
CA GLY E 478 -23.26 9.82 -7.37
C GLY E 478 -22.46 11.07 -7.10
N LEU E 479 -21.41 10.95 -6.29
CA LEU E 479 -20.54 12.08 -5.98
C LEU E 479 -19.15 11.69 -6.40
N LYS E 480 -18.41 12.63 -6.99
CA LYS E 480 -17.04 12.35 -7.39
C LYS E 480 -16.22 13.61 -7.25
N GLY E 481 -14.92 13.44 -7.08
CA GLY E 481 -14.07 14.61 -6.94
C GLY E 481 -13.33 14.76 -5.62
N PHE E 482 -14.08 14.96 -4.54
CA PHE E 482 -13.54 15.13 -3.20
C PHE E 482 -12.11 14.65 -2.98
N GLY E 483 -11.37 15.33 -2.11
CA GLY E 483 -10.00 14.95 -1.83
C GLY E 483 -9.14 15.02 -3.09
N LEU F 24 -3.69 -78.44 -1.10
CA LEU F 24 -3.99 -77.40 -0.05
C LEU F 24 -5.01 -76.39 -0.58
N LEU F 25 -6.18 -76.33 0.06
CA LEU F 25 -7.24 -75.39 -0.35
C LEU F 25 -6.90 -73.92 -0.24
N TYR F 26 -7.31 -73.15 -1.26
CA TYR F 26 -7.05 -71.72 -1.32
C TYR F 26 -8.14 -70.85 -0.70
N THR F 27 -7.70 -69.89 0.12
CA THR F 27 -8.61 -68.97 0.81
C THR F 27 -8.28 -67.53 0.40
N ALA F 28 -9.20 -66.87 -0.30
CA ALA F 28 -8.98 -65.49 -0.74
C ALA F 28 -8.28 -64.72 0.37
N LYS F 29 -7.08 -64.20 0.10
CA LYS F 29 -6.33 -63.49 1.13
C LYS F 29 -5.75 -62.16 0.67
N ALA F 30 -6.62 -61.16 0.53
CA ALA F 30 -6.19 -59.84 0.10
C ALA F 30 -5.23 -59.23 1.12
N GLU F 31 -4.47 -58.22 0.69
CA GLU F 31 -3.53 -57.55 1.62
C GLU F 31 -4.20 -56.72 2.74
N ALA F 32 -3.70 -56.93 3.95
CA ALA F 32 -4.22 -56.22 5.10
C ALA F 32 -3.79 -54.78 4.86
N LEU F 33 -4.60 -53.82 5.31
CA LEU F 33 -4.29 -52.41 5.13
C LEU F 33 -3.34 -51.84 6.17
N LEU F 34 -2.11 -51.55 5.73
CA LEU F 34 -1.06 -51.00 6.57
C LEU F 34 -1.20 -49.49 6.69
N ASP F 35 -1.32 -49.01 7.93
CA ASP F 35 -1.43 -47.58 8.19
C ASP F 35 -0.20 -47.26 9.04
N LEU F 36 -0.01 -45.99 9.40
CA LEU F 36 1.14 -45.61 10.21
C LEU F 36 0.75 -45.47 11.68
N ARG F 37 1.06 -46.50 12.48
CA ARG F 37 0.74 -46.49 13.91
C ARG F 37 0.89 -45.09 14.51
N ASP F 38 -0.23 -44.41 14.67
CA ASP F 38 -0.22 -43.05 15.20
C ASP F 38 -0.75 -42.93 16.62
N ASP F 39 0.19 -42.82 17.57
CA ASP F 39 -0.14 -42.65 18.98
C ASP F 39 0.31 -41.25 19.38
N GLU F 40 -0.53 -40.56 20.14
CA GLU F 40 -0.23 -39.21 20.57
C GLU F 40 0.12 -39.09 22.05
N ALA F 41 0.64 -37.93 22.44
CA ALA F 41 1.01 -37.66 23.83
C ALA F 41 0.32 -36.39 24.31
N GLU F 47 5.45 -31.75 27.98
CA GLU F 47 4.22 -31.02 28.21
C GLU F 47 4.47 -29.87 29.18
N ALA F 48 4.48 -28.65 28.64
CA ALA F 48 4.72 -27.44 29.43
C ALA F 48 3.57 -26.46 29.20
N VAL F 49 3.57 -25.33 29.93
CA VAL F 49 2.52 -24.30 29.76
C VAL F 49 3.00 -22.86 30.10
N GLY F 50 2.83 -21.93 29.17
CA GLY F 50 3.21 -20.55 29.43
C GLY F 50 2.01 -19.86 30.04
N GLU F 51 2.17 -18.64 30.54
CA GLU F 51 1.03 -17.95 31.16
C GLU F 51 1.17 -16.42 31.33
N LEU F 52 0.13 -15.67 30.96
CA LEU F 52 0.08 -14.19 31.07
C LEU F 52 -1.15 -13.71 31.86
N PRO F 53 -1.13 -12.47 32.39
CA PRO F 53 -2.32 -12.05 33.14
C PRO F 53 -3.57 -11.53 32.44
N MET F 54 -4.31 -10.71 33.17
CA MET F 54 -5.55 -10.10 32.69
C MET F 54 -5.83 -8.78 33.42
N ALA F 55 -6.91 -8.12 33.01
CA ALA F 55 -7.34 -6.85 33.59
C ALA F 55 -8.73 -6.60 33.01
N LEU F 56 -9.03 -5.34 32.67
CA LEU F 56 -10.32 -4.98 32.06
C LEU F 56 -10.66 -3.50 32.20
N GLU F 57 -10.87 -2.84 31.06
CA GLU F 57 -11.21 -1.41 31.05
C GLU F 57 -11.89 -1.09 29.74
N TYR F 58 -12.63 0.03 29.70
CA TYR F 58 -13.35 0.41 28.49
C TYR F 58 -13.03 1.80 27.94
N GLU F 59 -13.62 2.11 26.79
CA GLU F 59 -13.45 3.39 26.11
C GLU F 59 -14.75 3.89 25.49
N SER F 60 -14.81 5.20 25.24
CA SER F 60 -16.01 5.83 24.69
C SER F 60 -15.81 6.33 23.26
N LEU F 61 -16.83 6.16 22.43
CA LEU F 61 -16.77 6.62 21.06
C LEU F 61 -17.86 7.68 20.90
N THR F 62 -17.45 8.88 20.54
CA THR F 62 -18.38 9.99 20.37
C THR F 62 -18.36 10.57 18.94
N ASP F 63 -19.55 10.70 18.34
CA ASP F 63 -19.72 11.25 16.98
C ASP F 63 -20.84 12.29 16.96
N VAL F 64 -20.51 13.55 16.69
CA VAL F 64 -21.51 14.62 16.68
C VAL F 64 -22.05 14.92 15.27
N GLN F 65 -22.06 13.89 14.43
CA GLN F 65 -22.54 14.06 13.05
C GLN F 65 -24.06 14.26 13.01
N THR F 66 -24.77 13.52 13.86
CA THR F 66 -26.23 13.60 13.91
C THR F 66 -26.71 15.04 13.90
N GLN F 67 -26.15 15.85 14.79
CA GLN F 67 -26.52 17.26 14.89
C GLN F 67 -26.40 17.89 13.52
N ILE F 68 -25.33 17.54 12.81
CA ILE F 68 -25.09 18.07 11.47
C ILE F 68 -26.21 17.60 10.54
N VAL F 69 -26.53 16.32 10.60
CA VAL F 69 -27.59 15.75 9.77
C VAL F 69 -28.92 16.42 10.08
N THR F 70 -29.31 16.38 11.37
CA THR F 70 -30.55 16.98 11.83
C THR F 70 -30.59 18.44 11.34
N ALA F 71 -29.45 19.10 11.41
CA ALA F 71 -29.34 20.49 10.96
C ALA F 71 -29.59 20.47 9.47
N ILE F 72 -29.06 19.45 8.81
CA ILE F 72 -29.24 19.29 7.38
C ILE F 72 -30.69 18.93 7.11
N GLN F 73 -31.27 18.11 7.98
CA GLN F 73 -32.68 17.71 7.85
C GLN F 73 -33.53 18.96 7.84
N ALA F 74 -33.14 19.93 8.66
CA ALA F 74 -33.84 21.19 8.76
C ALA F 74 -33.62 22.00 7.49
N GLU F 75 -32.36 22.17 7.11
CA GLU F 75 -32.02 22.90 5.89
C GLU F 75 -32.86 22.36 4.73
N LEU F 76 -33.12 21.06 4.75
CA LEU F 76 -33.90 20.45 3.67
C LEU F 76 -35.41 20.51 3.90
N ALA F 77 -35.88 20.02 5.05
CA ALA F 77 -37.31 20.03 5.35
C ALA F 77 -37.93 21.35 4.92
N HIS F 78 -37.08 22.37 4.80
CA HIS F 78 -37.52 23.69 4.37
C HIS F 78 -38.03 23.60 2.93
N PHE F 79 -37.28 22.90 2.08
CA PHE F 79 -37.65 22.73 0.69
C PHE F 79 -38.93 21.90 0.66
N ARG F 80 -39.13 21.13 1.73
CA ARG F 80 -40.29 20.26 1.86
C ARG F 80 -41.59 21.05 2.02
N ASN F 81 -41.47 22.35 2.21
CA ASN F 81 -42.66 23.20 2.35
C ASN F 81 -43.00 23.72 0.97
N THR F 82 -42.44 24.88 0.63
CA THR F 82 -42.67 25.49 -0.67
C THR F 82 -42.37 24.44 -1.73
N ALA F 83 -43.20 24.40 -2.77
CA ALA F 83 -43.06 23.43 -3.86
C ALA F 83 -41.64 23.39 -4.41
N GLN F 84 -40.74 24.17 -3.82
CA GLN F 84 -39.34 24.22 -4.25
C GLN F 84 -38.65 22.85 -4.24
N PRO F 85 -38.07 22.46 -5.39
CA PRO F 85 -37.38 21.19 -5.54
C PRO F 85 -36.04 21.23 -4.82
N ILE F 86 -35.43 20.06 -4.64
CA ILE F 86 -34.13 19.97 -3.98
C ILE F 86 -33.05 19.64 -5.01
N ASN F 87 -32.28 20.66 -5.36
CA ASN F 87 -31.19 20.53 -6.33
C ASN F 87 -29.88 20.52 -5.56
N LEU F 88 -29.24 19.35 -5.48
CA LEU F 88 -27.98 19.25 -4.76
C LEU F 88 -26.89 20.14 -5.32
N GLY F 89 -26.93 20.35 -6.64
CA GLY F 89 -25.95 21.19 -7.27
C GLY F 89 -25.95 22.57 -6.63
N ALA F 90 -27.11 22.98 -6.14
CA ALA F 90 -27.24 24.28 -5.51
C ALA F 90 -27.15 24.17 -3.99
N VAL F 91 -27.46 22.99 -3.47
CA VAL F 91 -27.42 22.78 -2.02
C VAL F 91 -26.03 22.42 -1.51
N LEU F 92 -25.32 21.56 -2.23
CA LEU F 92 -23.98 21.21 -1.77
C LEU F 92 -23.08 22.42 -1.86
N GLN F 93 -23.11 23.05 -3.02
CA GLN F 93 -22.31 24.22 -3.29
C GLN F 93 -22.42 25.22 -2.15
N GLU F 94 -23.64 25.38 -1.62
CA GLU F 94 -23.91 26.31 -0.52
C GLU F 94 -23.50 25.76 0.85
N GLN F 95 -23.71 24.46 1.04
CA GLN F 95 -23.38 23.83 2.31
C GLN F 95 -21.90 23.52 2.49
N LEU F 96 -21.23 23.13 1.42
CA LEU F 96 -19.81 22.85 1.51
C LEU F 96 -19.08 24.15 1.86
N ALA F 97 -19.79 25.25 1.74
CA ALA F 97 -19.23 26.57 2.05
C ALA F 97 -19.17 26.65 3.57
N ARG F 98 -20.27 26.25 4.21
CA ARG F 98 -20.38 26.27 5.67
C ARG F 98 -19.26 25.49 6.41
N TYR F 99 -18.69 24.48 5.76
CA TYR F 99 -17.65 23.65 6.38
C TYR F 99 -16.34 23.65 5.59
N PRO F 100 -15.22 23.22 6.24
CA PRO F 100 -13.88 23.14 5.63
C PRO F 100 -13.69 21.82 4.86
N GLN F 101 -12.69 21.74 4.00
CA GLN F 101 -12.47 20.49 3.26
C GLN F 101 -11.76 19.49 4.14
N SER F 102 -12.39 19.24 5.29
CA SER F 102 -11.89 18.31 6.31
C SER F 102 -12.94 17.20 6.42
N ARG F 103 -14.19 17.62 6.50
CA ARG F 103 -15.32 16.71 6.64
C ARG F 103 -16.27 16.85 5.43
N HIS F 104 -15.74 17.27 4.30
CA HIS F 104 -16.53 17.45 3.07
C HIS F 104 -17.28 16.19 2.61
N PHE F 105 -16.55 15.10 2.39
CA PHE F 105 -17.19 13.86 1.95
C PHE F 105 -18.38 13.69 2.85
N ASP F 106 -18.10 13.42 4.13
CA ASP F 106 -19.13 13.22 5.13
C ASP F 106 -20.31 14.13 4.85
N VAL F 107 -20.07 15.43 4.93
CA VAL F 107 -21.14 16.39 4.69
C VAL F 107 -21.95 15.97 3.48
N ALA F 108 -21.40 16.22 2.29
CA ALA F 108 -22.07 15.87 1.04
C ALA F 108 -22.88 14.59 1.20
N ARG F 109 -22.19 13.45 1.21
CA ARG F 109 -22.84 12.14 1.33
C ARG F 109 -24.12 12.21 2.12
N ILE F 110 -24.03 12.79 3.32
CA ILE F 110 -25.19 12.91 4.18
C ILE F 110 -26.26 13.79 3.54
N ILE F 111 -25.88 14.97 3.09
CA ILE F 111 -26.84 15.87 2.46
C ILE F 111 -27.55 15.11 1.36
N VAL F 112 -26.83 14.17 0.77
CA VAL F 112 -27.39 13.35 -0.29
C VAL F 112 -28.32 12.34 0.32
N ASP F 113 -27.75 11.35 1.01
CA ASP F 113 -28.53 10.30 1.65
C ASP F 113 -29.78 10.94 2.25
N GLN F 114 -29.59 12.04 2.97
CA GLN F 114 -30.71 12.74 3.58
C GLN F 114 -31.67 13.32 2.54
N ALA F 115 -31.12 14.03 1.56
CA ALA F 115 -31.95 14.61 0.51
C ALA F 115 -32.88 13.55 -0.06
N VAL F 116 -32.29 12.53 -0.69
CA VAL F 116 -33.05 11.44 -1.29
C VAL F 116 -34.08 10.79 -0.35
N LYS F 117 -33.92 11.00 0.96
CA LYS F 117 -34.86 10.41 1.90
C LYS F 117 -36.14 11.22 2.08
N LEU F 118 -36.38 12.17 1.17
CA LEU F 118 -37.59 12.99 1.23
C LEU F 118 -38.52 12.66 0.07
N GLY F 119 -38.00 12.74 -1.15
CA GLY F 119 -38.80 12.45 -2.34
C GLY F 119 -37.95 11.82 -3.42
N MET F 120 -38.28 12.08 -4.68
CA MET F 120 -37.53 11.51 -5.78
C MET F 120 -37.54 12.38 -7.02
N ALA F 121 -36.53 12.23 -7.84
CA ALA F 121 -36.40 12.99 -9.08
C ALA F 121 -37.44 12.55 -10.09
N SER F 122 -38.53 13.31 -10.20
CA SER F 122 -39.60 12.97 -11.14
C SER F 122 -39.04 12.55 -12.49
N GLN F 123 -38.16 13.37 -13.06
CA GLN F 123 -37.54 13.04 -14.33
C GLN F 123 -36.33 12.15 -14.07
N ASP F 124 -36.61 10.91 -13.70
CA ASP F 124 -35.58 9.93 -13.42
C ASP F 124 -35.90 8.68 -14.23
N HIS F 125 -37.15 8.58 -14.70
CA HIS F 125 -37.56 7.45 -15.51
C HIS F 125 -37.39 7.83 -16.97
N GLN F 126 -37.72 9.08 -17.29
CA GLN F 126 -37.67 9.61 -18.65
C GLN F 126 -36.39 9.32 -19.45
N ALA F 127 -35.45 8.58 -18.87
CA ALA F 127 -34.21 8.22 -19.57
C ALA F 127 -33.44 9.42 -20.11
N VAL F 128 -33.20 10.39 -19.24
CA VAL F 128 -32.46 11.60 -19.61
C VAL F 128 -31.19 11.63 -18.77
N TYR F 129 -30.06 11.32 -19.41
CA TYR F 129 -28.77 11.31 -18.73
C TYR F 129 -28.44 12.63 -18.05
N PRO F 130 -28.07 12.58 -16.75
CA PRO F 130 -27.72 13.76 -15.95
C PRO F 130 -26.25 14.10 -16.00
N VAL F 131 -25.95 15.39 -16.16
CA VAL F 131 -24.56 15.84 -16.22
C VAL F 131 -24.07 16.01 -14.79
N TRP F 132 -22.76 16.12 -14.61
CA TRP F 132 -22.20 16.29 -13.29
C TRP F 132 -22.10 17.74 -12.86
N GLN F 133 -23.07 18.19 -12.08
CA GLN F 133 -23.09 19.58 -11.59
C GLN F 133 -21.89 19.74 -10.65
N PRO F 134 -20.83 20.41 -11.12
CA PRO F 134 -19.62 20.64 -10.33
C PRO F 134 -19.79 21.40 -9.02
N ILE F 135 -19.26 20.85 -7.94
CA ILE F 135 -19.31 21.52 -6.65
C ILE F 135 -17.89 21.97 -6.32
N ASP F 136 -17.69 22.56 -5.15
CA ASP F 136 -16.39 23.09 -4.76
C ASP F 136 -15.84 23.87 -5.94
N ASP F 137 -14.54 23.74 -6.22
CA ASP F 137 -13.96 24.47 -7.33
C ASP F 137 -12.77 23.69 -7.86
N PHE F 138 -12.45 22.61 -7.17
CA PHE F 138 -11.30 21.79 -7.50
C PHE F 138 -11.66 20.54 -8.28
N SER F 139 -12.75 19.88 -7.90
CA SER F 139 -13.15 18.65 -8.57
C SER F 139 -14.59 18.31 -8.26
N ALA F 140 -14.88 18.12 -6.98
CA ALA F 140 -16.20 17.78 -6.48
C ALA F 140 -17.32 18.08 -7.45
N ALA F 141 -18.34 17.22 -7.46
CA ALA F 141 -19.48 17.39 -8.36
C ALA F 141 -20.53 16.33 -8.10
N VAL F 142 -21.78 16.74 -8.18
CA VAL F 142 -22.87 15.82 -7.93
C VAL F 142 -23.60 15.46 -9.20
N GLN F 143 -24.03 14.21 -9.29
CA GLN F 143 -24.80 13.75 -10.43
C GLN F 143 -26.15 13.47 -9.80
N ALA F 144 -27.13 14.32 -10.09
CA ALA F 144 -28.46 14.13 -9.52
C ALA F 144 -29.53 14.94 -10.25
N HIS F 145 -30.77 14.49 -10.12
CA HIS F 145 -31.90 15.15 -10.74
C HIS F 145 -32.71 15.87 -9.68
N LEU F 146 -33.19 17.06 -10.01
CA LEU F 146 -34.01 17.84 -9.11
C LEU F 146 -35.10 16.92 -8.57
N ILE F 147 -35.30 16.91 -7.26
CA ILE F 147 -36.32 16.06 -6.67
C ILE F 147 -37.71 16.67 -6.73
N ASP F 148 -38.29 16.68 -7.93
CA ASP F 148 -39.61 17.26 -8.13
C ASP F 148 -40.64 16.81 -7.13
N GLN F 149 -41.33 15.73 -7.46
CA GLN F 149 -42.38 15.17 -6.63
C GLN F 149 -41.95 14.75 -5.22
N TYR F 150 -42.66 15.25 -4.21
CA TYR F 150 -42.36 14.92 -2.83
C TYR F 150 -43.30 13.87 -2.30
N ASP F 151 -42.92 13.26 -1.18
CA ASP F 151 -43.72 12.23 -0.56
C ASP F 151 -44.50 12.90 0.56
N LYS F 152 -45.59 12.27 0.97
CA LYS F 152 -46.44 12.81 2.04
C LYS F 152 -46.54 11.84 3.23
N ALA G 8 -22.73 -36.55 -13.13
CA ALA G 8 -22.89 -36.52 -11.65
C ALA G 8 -21.77 -37.31 -10.98
N ILE G 9 -21.99 -37.69 -9.73
CA ILE G 9 -20.99 -38.45 -8.98
C ILE G 9 -21.18 -39.96 -9.15
N PRO G 10 -22.43 -40.47 -8.97
CA PRO G 10 -22.63 -41.90 -9.12
C PRO G 10 -22.15 -42.41 -10.49
N ALA G 11 -22.61 -41.73 -11.55
CA ALA G 11 -22.25 -42.10 -12.96
C ALA G 11 -20.71 -42.16 -13.18
N LYS G 12 -20.02 -41.04 -12.92
CA LYS G 12 -18.58 -40.96 -13.09
C LYS G 12 -17.95 -42.04 -12.23
N LEU G 13 -18.59 -42.35 -11.10
CA LEU G 13 -18.13 -43.36 -10.17
C LEU G 13 -18.12 -44.72 -10.88
N ALA G 14 -19.03 -44.89 -11.84
CA ALA G 14 -19.14 -46.13 -12.59
C ALA G 14 -17.99 -46.32 -13.56
N ILE G 15 -17.98 -45.56 -14.65
CA ILE G 15 -16.92 -45.67 -15.66
C ILE G 15 -15.56 -45.45 -15.03
N ALA G 16 -15.56 -45.04 -13.75
CA ALA G 16 -14.32 -44.82 -13.01
C ALA G 16 -13.88 -46.16 -12.44
N ILE G 17 -14.87 -47.05 -12.25
CA ILE G 17 -14.63 -48.39 -11.72
C ILE G 17 -14.52 -49.42 -12.87
N ALA G 18 -15.26 -49.20 -13.95
CA ALA G 18 -15.22 -50.10 -15.11
C ALA G 18 -13.93 -49.77 -15.87
N ASN G 19 -13.40 -48.57 -15.59
CA ASN G 19 -12.16 -48.10 -16.20
C ASN G 19 -11.08 -49.00 -15.59
N PRO G 20 -10.26 -49.65 -16.42
CA PRO G 20 -9.20 -50.53 -15.94
C PRO G 20 -8.40 -49.97 -14.77
N ILE G 21 -8.55 -48.67 -14.52
CA ILE G 21 -7.84 -48.00 -13.45
C ILE G 21 -8.33 -48.46 -12.07
N PHE G 22 -9.58 -48.13 -11.75
CA PHE G 22 -10.18 -48.47 -10.46
C PHE G 22 -9.81 -49.84 -9.92
N PRO G 23 -10.01 -50.89 -10.72
CA PRO G 23 -9.68 -52.25 -10.27
C PRO G 23 -8.41 -52.32 -9.41
N GLN G 24 -7.26 -52.35 -10.08
CA GLN G 24 -5.96 -52.44 -9.41
C GLN G 24 -5.63 -51.21 -8.55
N LEU G 25 -6.15 -50.05 -8.93
CA LEU G 25 -5.92 -48.83 -8.17
C LEU G 25 -6.61 -48.96 -6.83
N ASP G 26 -7.86 -49.42 -6.87
CA ASP G 26 -8.67 -49.61 -5.67
C ASP G 26 -8.01 -50.56 -4.67
N SER G 27 -7.70 -51.77 -5.12
CA SER G 27 -7.07 -52.79 -4.26
C SER G 27 -5.86 -52.25 -3.51
N GLN G 28 -4.93 -51.63 -4.24
CA GLN G 28 -3.73 -51.08 -3.63
C GLN G 28 -4.02 -50.03 -2.55
N LEU G 29 -4.99 -49.15 -2.81
CA LEU G 29 -5.36 -48.11 -1.85
C LEU G 29 -5.75 -48.74 -0.51
N ARG G 30 -6.65 -49.70 -0.58
CA ARG G 30 -7.14 -50.39 0.60
C ARG G 30 -6.06 -51.38 1.06
N ALA G 31 -5.06 -51.56 0.20
CA ALA G 31 -3.95 -52.46 0.49
C ALA G 31 -2.93 -51.78 1.39
N GLY G 32 -2.52 -50.57 1.02
CA GLY G 32 -1.56 -49.84 1.82
C GLY G 32 -0.65 -48.94 1.01
N ARG G 33 -0.85 -48.90 -0.31
CA ARG G 33 -0.02 -48.07 -1.17
C ARG G 33 -0.62 -46.68 -1.33
N HIS G 34 0.22 -45.76 -1.78
CA HIS G 34 -0.18 -44.38 -1.99
C HIS G 34 -0.16 -44.15 -3.50
N ILE G 35 -0.71 -43.03 -3.96
CA ILE G 35 -0.74 -42.75 -5.38
C ILE G 35 -0.10 -41.42 -5.77
N SER G 36 1.23 -41.37 -5.68
CA SER G 36 2.00 -40.17 -5.99
C SER G 36 1.94 -39.74 -7.46
N ILE G 37 2.58 -38.62 -7.77
CA ILE G 37 2.62 -38.09 -9.13
C ILE G 37 3.50 -38.97 -9.99
N GLU G 38 4.26 -39.86 -9.36
CA GLU G 38 5.14 -40.76 -10.09
C GLU G 38 4.35 -41.77 -10.93
N MET G 39 3.07 -41.93 -10.60
CA MET G 39 2.20 -42.86 -11.33
C MET G 39 1.10 -42.12 -12.10
N LEU G 40 1.49 -40.98 -12.67
CA LEU G 40 0.61 -40.11 -13.45
C LEU G 40 -0.73 -40.69 -13.91
N ASP G 41 -0.70 -41.63 -14.86
CA ASP G 41 -1.92 -42.24 -15.38
C ASP G 41 -2.96 -42.43 -14.28
N GLU G 42 -2.56 -43.14 -13.23
CA GLU G 42 -3.46 -43.41 -12.12
C GLU G 42 -3.75 -42.16 -11.29
N HIS G 43 -2.79 -41.24 -11.22
CA HIS G 43 -2.95 -40.01 -10.44
C HIS G 43 -4.00 -39.06 -11.00
N ALA G 44 -3.76 -38.54 -12.21
CA ALA G 44 -4.69 -37.61 -12.85
C ALA G 44 -6.13 -38.08 -12.72
N PHE G 45 -6.30 -39.39 -12.54
CA PHE G 45 -7.63 -39.99 -12.39
C PHE G 45 -8.30 -39.44 -11.14
N LEU G 46 -7.72 -39.72 -9.98
CA LEU G 46 -8.25 -39.24 -8.72
C LEU G 46 -8.22 -37.72 -8.72
N MET G 47 -7.56 -37.15 -9.73
CA MET G 47 -7.42 -35.70 -9.85
C MET G 47 -8.68 -35.01 -10.40
N ASP G 48 -9.11 -35.44 -11.58
CA ASP G 48 -10.29 -34.86 -12.23
C ASP G 48 -11.58 -35.24 -11.50
N PHE G 49 -11.52 -36.25 -10.63
CA PHE G 49 -12.68 -36.72 -9.90
C PHE G 49 -12.50 -36.67 -8.38
N GLN G 50 -11.49 -35.95 -7.91
CA GLN G 50 -11.19 -35.84 -6.49
C GLN G 50 -12.41 -35.51 -5.60
N THR G 51 -13.05 -34.39 -5.87
CA THR G 51 -14.21 -33.95 -5.11
C THR G 51 -15.16 -35.10 -4.82
N GLU G 52 -15.51 -35.82 -5.87
CA GLU G 52 -16.43 -36.94 -5.78
C GLU G 52 -15.84 -38.20 -5.14
N LEU G 53 -14.85 -38.78 -5.82
CA LEU G 53 -14.17 -40.00 -5.38
C LEU G 53 -14.08 -40.21 -3.87
N GLU G 54 -14.09 -39.12 -3.12
CA GLU G 54 -14.01 -39.19 -1.68
C GLU G 54 -15.32 -39.67 -1.07
N SER G 55 -16.43 -39.26 -1.64
CA SER G 55 -17.75 -39.64 -1.16
C SER G 55 -17.89 -41.16 -1.03
N PHE G 56 -17.49 -41.87 -2.08
CA PHE G 56 -17.57 -43.33 -2.13
C PHE G 56 -16.85 -44.03 -0.97
N TYR G 57 -15.54 -43.81 -0.89
CA TYR G 57 -14.74 -44.43 0.15
C TYR G 57 -15.25 -44.19 1.57
N ARG G 58 -16.45 -43.61 1.68
CA ARG G 58 -17.03 -43.36 2.97
C ARG G 58 -17.57 -44.63 3.63
N ARG G 59 -18.32 -45.42 2.86
CA ARG G 59 -18.93 -46.65 3.39
C ARG G 59 -18.03 -47.67 4.08
N TYR G 60 -16.72 -47.57 3.91
CA TYR G 60 -15.82 -48.52 4.58
C TYR G 60 -15.11 -47.81 5.71
N HIS G 61 -15.60 -46.62 6.06
CA HIS G 61 -15.02 -45.80 7.11
C HIS G 61 -13.55 -45.53 6.81
N VAL G 62 -13.28 -45.12 5.58
CA VAL G 62 -11.92 -44.81 5.13
C VAL G 62 -11.78 -43.31 4.84
N ASP G 63 -10.54 -42.83 4.81
CA ASP G 63 -10.29 -41.42 4.55
C ASP G 63 -9.34 -41.20 3.40
N LEU G 64 -9.87 -40.69 2.29
CA LEU G 64 -9.10 -40.43 1.09
C LEU G 64 -8.92 -38.92 0.93
N ILE G 65 -7.77 -38.42 1.36
CA ILE G 65 -7.49 -36.99 1.30
C ILE G 65 -6.19 -36.66 0.57
N ARG G 66 -6.23 -35.59 -0.21
CA ARG G 66 -5.08 -35.14 -0.97
C ARG G 66 -4.12 -34.36 -0.08
N ALA G 67 -3.21 -35.09 0.57
CA ALA G 67 -2.22 -34.50 1.46
C ALA G 67 -1.65 -33.19 0.91
N PRO G 68 -1.16 -32.30 1.79
CA PRO G 68 -0.59 -31.03 1.37
C PRO G 68 0.51 -31.16 0.33
N GLU G 69 1.34 -32.19 0.47
CA GLU G 69 2.42 -32.42 -0.45
C GLU G 69 1.89 -32.60 -1.87
N GLY G 70 0.84 -33.42 -2.00
CA GLY G 70 0.24 -33.66 -3.30
C GLY G 70 -0.24 -35.07 -3.61
N PHE G 71 0.00 -36.02 -2.72
CA PHE G 71 -0.40 -37.41 -2.97
C PHE G 71 -1.65 -37.90 -2.21
N PHE G 72 -2.25 -38.97 -2.74
CA PHE G 72 -3.46 -39.57 -2.17
C PHE G 72 -3.18 -40.90 -1.44
N TYR G 73 -3.98 -41.17 -0.41
CA TYR G 73 -3.84 -42.41 0.39
C TYR G 73 -5.12 -42.75 1.12
N LEU G 74 -5.15 -43.91 1.75
CA LEU G 74 -6.34 -44.32 2.49
C LEU G 74 -6.10 -44.38 3.99
N ARG G 75 -6.59 -43.37 4.71
CA ARG G 75 -6.44 -43.31 6.16
C ARG G 75 -7.66 -43.95 6.83
N PRO G 76 -7.46 -45.10 7.49
CA PRO G 76 -8.52 -45.84 8.18
C PRO G 76 -8.88 -45.31 9.58
N LYS G 77 -10.16 -45.35 9.93
CA LYS G 77 -10.63 -44.88 11.23
C LYS G 77 -10.79 -46.02 12.23
N ALA G 78 -11.39 -45.74 13.38
CA ALA G 78 -11.58 -46.74 14.43
C ALA G 78 -12.34 -47.99 13.98
N SER G 79 -13.64 -47.83 13.73
CA SER G 79 -14.48 -48.94 13.29
C SER G 79 -14.20 -49.30 11.83
N THR G 80 -13.01 -49.83 11.57
CA THR G 80 -12.64 -50.20 10.21
C THR G 80 -13.27 -51.53 9.80
N LEU G 81 -13.67 -51.61 8.52
CA LEU G 81 -14.27 -52.82 7.98
C LEU G 81 -13.13 -53.55 7.29
N ILE G 82 -12.13 -52.77 6.88
CA ILE G 82 -10.93 -53.25 6.20
C ILE G 82 -9.91 -53.74 7.23
N ALA G 83 -9.51 -55.00 7.10
CA ALA G 83 -8.54 -55.60 8.03
C ALA G 83 -7.30 -54.73 8.23
N ARG G 84 -7.37 -53.86 9.25
CA ARG G 84 -6.27 -52.94 9.57
C ARG G 84 -5.01 -53.73 9.93
N SER G 85 -3.88 -53.04 10.06
CA SER G 85 -2.62 -53.70 10.40
C SER G 85 -1.70 -52.80 11.23
N ALA G 86 -0.40 -53.02 11.12
CA ALA G 86 0.56 -52.22 11.87
C ALA G 86 1.99 -52.40 11.39
N MET G 87 2.92 -51.69 12.02
CA MET G 87 4.33 -51.76 11.66
C MET G 87 5.19 -51.66 12.91
N SER G 88 6.25 -52.46 12.98
CA SER G 88 7.14 -52.42 14.14
C SER G 88 7.77 -51.04 14.14
N GLU G 89 8.15 -50.55 15.32
CA GLU G 89 8.77 -49.24 15.42
C GLU G 89 9.92 -49.16 14.42
N MET G 90 10.45 -50.32 14.05
CA MET G 90 11.56 -50.41 13.10
C MET G 90 11.11 -49.84 11.75
N GLU G 91 9.97 -50.33 11.26
CA GLU G 91 9.40 -49.87 9.99
C GLU G 91 9.27 -48.37 9.95
N MET G 92 8.47 -47.81 10.86
CA MET G 92 8.28 -46.37 10.92
C MET G 92 9.63 -45.66 10.86
N LEU G 93 10.52 -46.01 11.79
CA LEU G 93 11.84 -45.41 11.85
C LEU G 93 12.54 -45.54 10.50
N VAL G 94 12.42 -46.71 9.89
CA VAL G 94 13.03 -46.93 8.58
C VAL G 94 12.45 -45.86 7.66
N GLY G 95 11.13 -45.79 7.60
CA GLY G 95 10.47 -44.80 6.76
C GLY G 95 10.94 -43.39 7.04
N LYS G 96 10.98 -43.02 8.31
CA LYS G 96 11.42 -41.68 8.71
C LYS G 96 12.78 -41.42 8.09
N VAL G 97 13.66 -42.42 8.19
CA VAL G 97 15.00 -42.32 7.64
C VAL G 97 14.96 -42.04 6.14
N LEU G 98 14.31 -42.94 5.38
CA LEU G 98 14.20 -42.78 3.93
C LEU G 98 13.81 -41.34 3.64
N CYS G 99 12.96 -40.78 4.50
CA CYS G 99 12.53 -39.41 4.35
C CYS G 99 13.75 -38.52 4.47
N TYR G 100 14.47 -38.64 5.58
CA TYR G 100 15.67 -37.85 5.80
C TYR G 100 16.54 -37.88 4.55
N LEU G 101 16.61 -39.04 3.92
CA LEU G 101 17.38 -39.21 2.71
C LEU G 101 16.85 -38.28 1.63
N TYR G 102 15.58 -38.47 1.27
CA TYR G 102 14.93 -37.65 0.24
C TYR G 102 15.15 -36.18 0.56
N LEU G 103 15.36 -35.89 1.84
CA LEU G 103 15.57 -34.52 2.29
C LEU G 103 17.05 -34.13 2.28
N SER G 104 17.83 -34.75 1.41
CA SER G 104 19.25 -34.43 1.32
C SER G 104 19.52 -33.60 0.07
N PRO G 105 20.36 -32.57 0.19
CA PRO G 105 20.74 -31.67 -0.91
C PRO G 105 21.50 -32.32 -2.07
N GLU G 106 21.28 -33.63 -2.27
CA GLU G 106 21.95 -34.35 -3.34
C GLU G 106 20.98 -35.28 -4.08
N ARG G 107 19.87 -35.62 -3.44
CA ARG G 107 18.88 -36.49 -4.04
C ARG G 107 18.67 -36.07 -5.48
N LEU G 108 18.76 -34.77 -5.72
CA LEU G 108 18.59 -34.19 -7.04
C LEU G 108 19.77 -34.51 -7.97
N ALA G 109 20.97 -34.08 -7.57
CA ALA G 109 22.18 -34.31 -8.37
C ALA G 109 22.59 -35.77 -8.36
N GLN G 110 21.62 -36.65 -8.08
CA GLN G 110 21.86 -38.09 -8.03
C GLN G 110 20.60 -38.90 -8.40
N GLN G 111 19.96 -38.51 -9.50
CA GLN G 111 18.75 -39.16 -9.99
C GLN G 111 17.80 -39.71 -8.94
N GLY G 112 17.80 -39.11 -7.76
CA GLY G 112 16.91 -39.56 -6.69
C GLY G 112 16.98 -41.05 -6.41
N ILE G 113 18.19 -41.60 -6.38
CA ILE G 113 18.38 -43.02 -6.11
C ILE G 113 19.14 -43.17 -4.80
N PHE G 114 18.90 -44.26 -4.09
CA PHE G 114 19.60 -44.52 -2.83
C PHE G 114 19.89 -46.00 -2.62
N SER G 115 21.11 -46.30 -2.19
CA SER G 115 21.52 -47.68 -1.93
C SER G 115 20.92 -48.06 -0.58
N GLN G 116 21.29 -49.22 -0.07
CA GLN G 116 20.74 -49.67 1.21
C GLN G 116 21.63 -49.30 2.39
N ASP G 117 22.86 -48.92 2.10
CA ASP G 117 23.80 -48.55 3.15
C ASP G 117 23.51 -47.16 3.75
N ASP G 118 23.00 -46.24 2.93
CA ASP G 118 22.68 -44.89 3.43
C ASP G 118 21.51 -44.95 4.43
N VAL G 119 20.82 -46.09 4.46
CA VAL G 119 19.71 -46.32 5.38
C VAL G 119 20.26 -47.08 6.59
N TYR G 120 21.08 -48.08 6.30
CA TYR G 120 21.72 -48.92 7.29
C TYR G 120 22.58 -48.04 8.21
N GLU G 121 23.58 -47.41 7.63
CA GLU G 121 24.49 -46.54 8.36
C GLU G 121 23.79 -45.41 9.09
N GLU G 122 23.12 -44.54 8.34
CA GLU G 122 22.43 -43.41 8.93
C GLU G 122 21.40 -43.83 9.99
N LEU G 123 21.04 -45.12 10.00
CA LEU G 123 20.09 -45.60 10.98
C LEU G 123 20.79 -45.49 12.33
N LEU G 124 22.12 -45.67 12.30
CA LEU G 124 22.94 -45.58 13.49
C LEU G 124 23.25 -44.11 13.81
N ASN G 125 24.05 -43.49 12.94
CA ASN G 125 24.43 -42.08 13.13
C ASN G 125 23.21 -41.20 13.35
N ARG G 147 25.49 -58.48 15.34
CA ARG G 147 24.94 -57.21 14.91
C ARG G 147 24.78 -57.17 13.39
N ALA G 148 24.84 -58.34 12.77
CA ALA G 148 24.70 -58.47 11.31
C ALA G 148 23.31 -59.00 10.98
N LYS G 149 22.54 -59.25 12.02
CA LYS G 149 21.18 -59.76 11.89
C LYS G 149 20.25 -58.66 11.38
N LEU G 150 20.23 -57.53 12.09
CA LEU G 150 19.38 -56.40 11.72
C LEU G 150 19.70 -55.86 10.34
N ALA G 151 20.94 -56.04 9.91
CA ALA G 151 21.36 -55.60 8.59
C ALA G 151 20.46 -56.29 7.58
N GLU G 152 19.84 -57.38 8.04
CA GLU G 152 18.95 -58.19 7.22
C GLU G 152 17.48 -57.92 7.56
N LYS G 153 17.19 -57.70 8.83
CA LYS G 153 15.81 -57.43 9.24
C LYS G 153 15.27 -56.22 8.49
N VAL G 154 16.10 -55.17 8.39
CA VAL G 154 15.72 -53.95 7.68
C VAL G 154 15.28 -54.29 6.27
N GLY G 155 15.81 -55.40 5.74
CA GLY G 155 15.46 -55.82 4.41
C GLY G 155 13.99 -56.19 4.33
N GLY G 156 13.48 -56.77 5.42
CA GLY G 156 12.08 -57.15 5.45
C GLY G 156 11.19 -55.94 5.59
N ALA G 157 11.52 -55.07 6.54
CA ALA G 157 10.76 -53.85 6.78
C ALA G 157 10.78 -52.97 5.53
N LEU G 158 11.97 -52.71 5.02
CA LEU G 158 12.13 -51.87 3.83
C LEU G 158 11.34 -52.42 2.63
N ARG G 159 10.93 -53.69 2.71
CA ARG G 159 10.17 -54.31 1.63
C ARG G 159 8.68 -54.01 1.63
N ARG G 160 8.10 -53.81 2.81
CA ARG G 160 6.68 -53.49 2.90
C ARG G 160 6.52 -52.08 2.35
N LEU G 161 7.60 -51.30 2.41
CA LEU G 161 7.63 -49.92 1.94
C LEU G 161 7.58 -49.87 0.42
N ALA G 162 7.89 -51.01 -0.20
CA ALA G 162 7.88 -51.11 -1.66
C ALA G 162 6.43 -51.21 -2.12
N ARG G 163 5.60 -51.88 -1.33
CA ARG G 163 4.19 -52.07 -1.67
C ARG G 163 3.39 -50.83 -1.35
N ILE G 164 3.84 -50.11 -0.32
CA ILE G 164 3.17 -48.87 0.10
C ILE G 164 3.27 -47.68 -0.92
N GLY G 165 3.98 -47.93 -2.03
CA GLY G 165 4.16 -46.91 -3.03
C GLY G 165 5.11 -45.86 -2.53
N ILE G 166 5.99 -46.25 -1.62
CA ILE G 166 6.98 -45.34 -1.03
C ILE G 166 8.28 -45.38 -1.82
N ILE G 167 8.55 -46.53 -2.43
CA ILE G 167 9.77 -46.71 -3.21
C ILE G 167 9.51 -47.68 -4.37
N THR G 168 10.52 -47.83 -5.24
CA THR G 168 10.47 -48.72 -6.39
C THR G 168 11.91 -49.13 -6.74
N ARG G 169 12.17 -50.43 -6.72
CA ARG G 169 13.52 -50.91 -7.01
C ARG G 169 13.93 -50.76 -8.46
N VAL G 170 15.20 -51.06 -8.73
CA VAL G 170 15.78 -50.97 -10.06
C VAL G 170 16.78 -52.10 -10.28
N LYS G 177 19.56 -51.01 -4.62
CA LYS G 177 19.22 -49.63 -4.95
C LYS G 177 17.71 -49.42 -4.93
N PHE G 178 17.29 -48.17 -4.75
CA PHE G 178 15.88 -47.81 -4.74
C PHE G 178 15.64 -46.31 -4.83
N ILE G 179 14.42 -45.92 -5.20
CA ILE G 179 14.08 -44.50 -5.34
C ILE G 179 12.93 -44.03 -4.47
N ILE G 180 13.20 -42.98 -3.69
CA ILE G 180 12.24 -42.37 -2.78
C ILE G 180 11.17 -41.61 -3.55
N SER G 181 9.98 -41.50 -2.96
CA SER G 181 8.89 -40.75 -3.58
C SER G 181 8.44 -39.70 -2.56
N GLU G 182 7.60 -38.76 -2.98
CA GLU G 182 7.12 -37.73 -2.07
C GLU G 182 6.19 -38.37 -1.06
N ALA G 183 5.72 -39.56 -1.39
CA ALA G 183 4.82 -40.30 -0.51
C ALA G 183 5.50 -40.54 0.83
N VAL G 184 6.81 -40.32 0.87
CA VAL G 184 7.58 -40.50 2.08
C VAL G 184 7.37 -39.36 3.08
N PHE G 185 6.91 -38.21 2.59
CA PHE G 185 6.66 -37.07 3.47
C PHE G 185 5.53 -37.39 4.44
N ARG G 186 5.29 -38.68 4.63
CA ARG G 186 4.26 -39.14 5.53
C ARG G 186 4.91 -39.29 6.89
N PHE G 187 6.15 -39.75 6.89
CA PHE G 187 6.90 -39.95 8.12
C PHE G 187 7.58 -38.64 8.53
N GLY G 188 7.06 -37.53 8.02
CA GLY G 188 7.64 -36.24 8.33
C GLY G 188 7.27 -35.70 9.69
N ALA G 189 7.49 -34.40 9.89
CA ALA G 189 7.17 -33.76 11.16
C ALA G 189 6.78 -32.30 10.93
N ASP G 190 5.88 -31.79 11.77
CA ASP G 190 5.40 -30.41 11.68
C ASP G 190 6.51 -29.42 12.03
N VAL G 191 7.24 -28.95 11.03
CA VAL G 191 8.32 -27.99 11.26
C VAL G 191 7.80 -26.80 12.05
N ARG G 192 7.91 -26.87 13.38
CA ARG G 192 7.46 -25.77 14.23
C ARG G 192 8.42 -24.60 14.07
N ALA G 193 9.61 -24.91 13.56
CA ALA G 193 10.61 -23.87 13.32
C ALA G 193 10.06 -23.07 12.15
N GLY G 194 9.41 -23.77 11.22
CA GLY G 194 8.83 -23.13 10.07
C GLY G 194 9.89 -22.49 9.20
N ASP G 195 11.13 -22.93 9.38
CA ASP G 195 12.27 -22.40 8.62
C ASP G 195 13.09 -23.49 7.93
N ASP G 196 13.27 -24.62 8.61
CA ASP G 196 14.05 -25.72 8.04
C ASP G 196 13.40 -27.09 8.29
N PRO G 197 13.46 -27.98 7.28
CA PRO G 197 12.88 -29.33 7.39
C PRO G 197 13.94 -30.38 7.66
N ARG G 198 15.18 -30.08 7.27
CA ARG G 198 16.32 -30.98 7.43
C ARG G 198 16.45 -31.81 8.70
N GLU G 199 17.35 -31.37 9.58
CA GLU G 199 17.66 -32.06 10.83
C GLU G 199 16.51 -32.40 11.80
N VAL G 200 15.38 -31.69 11.72
CA VAL G 200 14.27 -32.01 12.62
C VAL G 200 13.93 -33.47 12.43
N GLN G 201 14.26 -33.98 11.24
CA GLN G 201 14.02 -35.37 10.93
C GLN G 201 14.98 -36.21 11.74
N LEU G 202 16.24 -35.78 11.80
CA LEU G 202 17.23 -36.50 12.57
C LEU G 202 16.78 -36.50 14.03
N ARG G 203 16.15 -35.41 14.44
CA ARG G 203 15.65 -35.29 15.81
C ARG G 203 14.58 -36.34 16.04
N LEU G 204 13.71 -36.52 15.06
CA LEU G 204 12.65 -37.50 15.17
C LEU G 204 13.26 -38.91 15.27
N ILE G 205 14.36 -39.12 14.55
CA ILE G 205 15.06 -40.41 14.52
C ILE G 205 15.87 -40.68 15.78
N ARG G 206 16.14 -39.63 16.54
CA ARG G 206 16.90 -39.75 17.77
C ARG G 206 15.92 -39.96 18.93
N ASP G 207 14.79 -39.29 18.85
CA ASP G 207 13.75 -39.38 19.88
C ASP G 207 12.42 -39.88 19.31
N LEU H 13 -26.31 -54.70 -11.02
CA LEU H 13 -24.98 -54.27 -10.51
C LEU H 13 -25.03 -52.94 -9.74
N ALA H 14 -25.86 -52.00 -10.19
CA ALA H 14 -25.99 -50.70 -9.53
C ALA H 14 -27.10 -50.78 -8.48
N ILE H 15 -27.12 -51.90 -7.75
CA ILE H 15 -28.12 -52.15 -6.72
C ILE H 15 -27.57 -52.54 -5.34
N ALA H 16 -26.62 -53.49 -5.31
CA ALA H 16 -26.05 -53.95 -4.05
C ALA H 16 -24.96 -53.05 -3.45
N ILE H 17 -24.30 -52.26 -4.29
CA ILE H 17 -23.23 -51.37 -3.81
C ILE H 17 -23.75 -50.30 -2.86
N ALA H 18 -24.81 -49.61 -3.27
CA ALA H 18 -25.41 -48.55 -2.47
C ALA H 18 -25.74 -49.05 -1.06
N ASN H 19 -26.50 -50.13 -1.00
CA ASN H 19 -26.89 -50.73 0.28
C ASN H 19 -25.71 -50.70 1.24
N PRO H 20 -25.94 -50.20 2.46
CA PRO H 20 -24.90 -50.11 3.49
C PRO H 20 -24.42 -51.45 4.06
N ILE H 21 -24.63 -52.54 3.30
CA ILE H 21 -24.19 -53.87 3.74
C ILE H 21 -23.14 -54.46 2.80
N PHE H 22 -23.10 -53.97 1.55
CA PHE H 22 -22.13 -54.43 0.57
C PHE H 22 -20.72 -54.41 1.14
N PRO H 23 -20.25 -53.22 1.55
CA PRO H 23 -18.90 -53.13 2.12
C PRO H 23 -18.71 -54.16 3.22
N GLN H 24 -19.57 -54.07 4.23
CA GLN H 24 -19.53 -54.94 5.40
C GLN H 24 -19.50 -56.43 5.11
N LEU H 25 -19.74 -56.80 3.84
CA LEU H 25 -19.69 -58.20 3.47
C LEU H 25 -18.68 -58.33 2.33
N ASP H 26 -18.30 -57.19 1.76
CA ASP H 26 -17.32 -57.16 0.69
C ASP H 26 -15.98 -57.46 1.33
N SER H 27 -15.76 -56.86 2.50
CA SER H 27 -14.52 -57.05 3.24
C SER H 27 -14.30 -58.51 3.61
N GLN H 28 -15.20 -59.05 4.44
CA GLN H 28 -15.12 -60.44 4.87
C GLN H 28 -14.82 -61.40 3.73
N LEU H 29 -15.13 -61.01 2.50
CA LEU H 29 -14.87 -61.87 1.35
C LEU H 29 -13.44 -61.68 0.83
N ARG H 30 -12.89 -60.51 1.06
CA ARG H 30 -11.52 -60.21 0.63
C ARG H 30 -10.51 -60.68 1.66
N ALA H 31 -11.02 -61.33 2.71
CA ALA H 31 -10.18 -61.86 3.78
C ALA H 31 -10.22 -63.38 3.81
N GLY H 32 -11.00 -63.96 2.90
CA GLY H 32 -11.11 -65.41 2.83
C GLY H 32 -12.05 -66.04 3.84
N ARG H 33 -13.30 -65.61 3.84
CA ARG H 33 -14.30 -66.16 4.75
C ARG H 33 -15.45 -66.73 3.92
N HIS H 34 -16.33 -67.48 4.56
CA HIS H 34 -17.46 -68.09 3.86
C HIS H 34 -18.80 -67.56 4.38
N ILE H 35 -19.74 -67.38 3.46
CA ILE H 35 -21.08 -66.88 3.80
C ILE H 35 -22.12 -68.00 3.62
N SER H 36 -22.10 -68.98 4.53
CA SER H 36 -23.03 -70.11 4.49
C SER H 36 -24.48 -69.69 4.67
N ILE H 37 -25.29 -70.59 5.24
CA ILE H 37 -26.71 -70.31 5.46
C ILE H 37 -27.04 -69.99 6.92
N GLU H 38 -26.10 -70.27 7.83
CA GLU H 38 -26.32 -69.94 9.26
C GLU H 38 -26.34 -68.41 9.56
N MET H 39 -26.06 -67.65 8.52
CA MET H 39 -26.05 -66.18 8.58
C MET H 39 -27.16 -65.71 7.62
N LEU H 40 -28.39 -65.75 8.13
CA LEU H 40 -29.60 -65.37 7.38
C LEU H 40 -29.60 -63.98 6.74
N ASP H 41 -29.10 -62.98 7.47
CA ASP H 41 -29.07 -61.61 6.96
C ASP H 41 -28.02 -61.37 5.87
N GLU H 42 -27.03 -62.26 5.79
CA GLU H 42 -25.96 -62.13 4.79
C GLU H 42 -26.15 -63.09 3.61
N HIS H 43 -26.57 -64.32 3.89
CA HIS H 43 -26.77 -65.31 2.84
C HIS H 43 -28.05 -65.05 2.05
N ALA H 44 -29.15 -64.81 2.77
CA ALA H 44 -30.43 -64.53 2.12
C ALA H 44 -30.33 -63.23 1.32
N PHE H 45 -29.25 -62.49 1.56
CA PHE H 45 -28.99 -61.22 0.86
C PHE H 45 -28.06 -61.48 -0.31
N LEU H 46 -27.63 -62.73 -0.45
CA LEU H 46 -26.74 -63.15 -1.53
C LEU H 46 -27.48 -63.96 -2.60
N MET H 47 -28.73 -64.34 -2.30
CA MET H 47 -29.57 -65.11 -3.24
C MET H 47 -30.48 -64.12 -3.99
N ASP H 48 -30.39 -62.85 -3.57
CA ASP H 48 -31.16 -61.77 -4.15
C ASP H 48 -30.25 -61.11 -5.19
N PHE H 49 -28.99 -60.90 -4.79
CA PHE H 49 -27.98 -60.34 -5.66
C PHE H 49 -26.85 -61.35 -5.68
N GLN H 50 -26.83 -62.23 -6.68
CA GLN H 50 -25.81 -63.28 -6.78
C GLN H 50 -24.82 -63.14 -7.94
N THR H 51 -25.34 -63.10 -9.17
CA THR H 51 -24.48 -62.99 -10.35
C THR H 51 -23.79 -61.63 -10.50
N GLU H 52 -24.46 -60.57 -10.04
CA GLU H 52 -23.89 -59.22 -10.10
C GLU H 52 -22.72 -59.13 -9.13
N LEU H 53 -22.79 -59.88 -8.03
CA LEU H 53 -21.75 -59.92 -7.00
C LEU H 53 -20.73 -61.00 -7.35
N GLU H 54 -20.65 -61.31 -8.63
CA GLU H 54 -19.72 -62.31 -9.15
C GLU H 54 -19.18 -61.81 -10.49
N SER H 55 -19.82 -60.74 -10.99
CA SER H 55 -19.44 -60.09 -12.25
C SER H 55 -18.56 -58.90 -11.88
N PHE H 56 -18.60 -58.56 -10.60
CA PHE H 56 -17.82 -57.46 -10.04
C PHE H 56 -16.51 -58.04 -9.53
N TYR H 57 -16.58 -59.27 -9.00
CA TYR H 57 -15.42 -59.98 -8.47
C TYR H 57 -14.55 -60.53 -9.59
N ARG H 58 -14.99 -60.33 -10.84
CA ARG H 58 -14.25 -60.80 -12.00
C ARG H 58 -13.25 -59.76 -12.50
N ARG H 59 -13.59 -58.48 -12.36
CA ARG H 59 -12.68 -57.44 -12.79
C ARG H 59 -11.46 -57.49 -11.85
N TYR H 60 -11.55 -58.37 -10.86
CA TYR H 60 -10.49 -58.59 -9.88
C TYR H 60 -9.96 -60.02 -10.06
N HIS H 61 -10.58 -60.75 -11.00
CA HIS H 61 -10.22 -62.13 -11.33
C HIS H 61 -10.64 -63.17 -10.29
N VAL H 62 -11.84 -63.03 -9.74
CA VAL H 62 -12.36 -63.96 -8.75
C VAL H 62 -13.84 -64.25 -8.99
N ASP H 63 -14.23 -65.50 -8.79
CA ASP H 63 -15.62 -65.89 -8.95
C ASP H 63 -16.15 -66.21 -7.57
N LEU H 64 -17.18 -65.50 -7.14
CA LEU H 64 -17.78 -65.73 -5.82
C LEU H 64 -18.50 -67.08 -5.83
N ILE H 65 -17.78 -68.13 -6.22
CA ILE H 65 -18.32 -69.50 -6.31
C ILE H 65 -19.37 -69.82 -5.24
N ARG H 66 -20.42 -70.52 -5.67
CA ARG H 66 -21.51 -70.92 -4.78
C ARG H 66 -21.50 -72.44 -4.63
N ALA H 67 -20.81 -72.94 -3.61
CA ALA H 67 -20.73 -74.38 -3.36
C ALA H 67 -22.12 -75.00 -3.37
N PRO H 68 -22.27 -76.18 -4.02
CA PRO H 68 -23.58 -76.84 -4.08
C PRO H 68 -24.27 -77.02 -2.73
N GLU H 69 -23.47 -77.20 -1.67
CA GLU H 69 -24.01 -77.41 -0.33
C GLU H 69 -24.37 -76.15 0.46
N GLY H 70 -24.30 -74.99 -0.18
CA GLY H 70 -24.66 -73.76 0.51
C GLY H 70 -23.62 -72.66 0.51
N PHE H 71 -22.74 -72.68 1.51
CA PHE H 71 -21.70 -71.68 1.68
C PHE H 71 -21.07 -71.11 0.40
N PHE H 72 -20.76 -69.81 0.45
CA PHE H 72 -20.13 -69.10 -0.67
C PHE H 72 -18.68 -68.81 -0.25
N TYR H 73 -17.90 -68.22 -1.14
CA TYR H 73 -16.50 -67.89 -0.83
C TYR H 73 -15.79 -67.28 -2.03
N LEU H 74 -14.46 -67.27 -2.00
CA LEU H 74 -13.67 -66.72 -3.11
C LEU H 74 -12.47 -67.58 -3.46
N ARG H 75 -12.06 -67.51 -4.72
CA ARG H 75 -10.93 -68.29 -5.23
C ARG H 75 -10.12 -67.50 -6.27
N PRO H 76 -9.37 -66.49 -5.83
CA PRO H 76 -8.56 -65.68 -6.74
C PRO H 76 -7.73 -66.52 -7.70
N LYS H 77 -7.95 -66.30 -9.00
CA LYS H 77 -7.23 -67.05 -10.03
C LYS H 77 -5.72 -66.90 -9.90
N ALA H 78 -5.00 -67.25 -10.97
CA ALA H 78 -3.54 -67.15 -10.99
C ALA H 78 -3.12 -65.72 -11.31
N SER H 79 -3.64 -65.18 -12.40
CA SER H 79 -3.34 -63.81 -12.81
C SER H 79 -4.43 -62.92 -12.25
N THR H 80 -4.77 -63.13 -10.99
CA THR H 80 -5.86 -62.40 -10.35
C THR H 80 -5.46 -61.01 -9.83
N LEU H 81 -6.44 -60.30 -9.26
CA LEU H 81 -6.21 -58.95 -8.72
C LEU H 81 -6.25 -58.92 -7.21
N ILE H 82 -7.23 -59.60 -6.63
CA ILE H 82 -7.33 -59.70 -5.17
C ILE H 82 -6.31 -60.71 -4.71
N ALA H 83 -5.70 -60.44 -3.57
CA ALA H 83 -4.73 -61.38 -3.06
C ALA H 83 -5.33 -62.77 -2.91
N ARG H 84 -4.50 -63.76 -3.24
CA ARG H 84 -4.85 -65.14 -3.05
C ARG H 84 -3.70 -65.68 -2.21
N SER H 85 -4.00 -66.52 -1.23
CA SER H 85 -2.95 -67.05 -0.38
C SER H 85 -3.26 -68.42 0.23
N ALA H 86 -2.51 -68.78 1.26
CA ALA H 86 -2.60 -70.10 1.84
C ALA H 86 -3.22 -70.31 3.20
N MET H 87 -4.12 -71.29 3.24
CA MET H 87 -4.74 -71.70 4.48
C MET H 87 -3.62 -72.49 5.20
N SER H 88 -3.49 -73.77 4.88
CA SER H 88 -2.46 -74.63 5.49
C SER H 88 -2.91 -76.08 5.39
N GLU H 89 -2.26 -76.94 6.16
CA GLU H 89 -2.60 -78.36 6.18
C GLU H 89 -3.01 -78.72 7.59
N MET H 90 -2.13 -78.41 8.54
CA MET H 90 -2.43 -78.68 9.94
C MET H 90 -3.75 -78.01 10.29
N GLU H 91 -4.10 -76.98 9.52
CA GLU H 91 -5.38 -76.29 9.65
C GLU H 91 -6.42 -77.04 8.83
N MET H 92 -5.95 -77.65 7.75
CA MET H 92 -6.81 -78.32 6.79
C MET H 92 -7.02 -79.79 7.09
N LEU H 93 -6.23 -80.34 8.02
CA LEU H 93 -6.52 -81.68 8.51
C LEU H 93 -7.51 -81.29 9.60
N VAL H 94 -7.48 -79.98 9.89
CA VAL H 94 -8.35 -79.33 10.86
C VAL H 94 -9.58 -78.84 10.07
N GLY H 95 -9.62 -79.20 8.79
CA GLY H 95 -10.74 -78.83 7.92
C GLY H 95 -11.48 -80.04 7.40
N LYS H 96 -10.74 -81.09 7.05
CA LYS H 96 -11.34 -82.33 6.54
C LYS H 96 -12.12 -83.03 7.66
N VAL H 97 -11.66 -82.83 8.89
CA VAL H 97 -12.30 -83.43 10.07
C VAL H 97 -13.45 -82.52 10.53
N LEU H 98 -13.35 -81.22 10.24
CA LEU H 98 -14.40 -80.26 10.61
C LEU H 98 -15.59 -80.57 9.71
N CYS H 99 -15.36 -81.51 8.80
CA CYS H 99 -16.35 -81.99 7.85
C CYS H 99 -16.68 -83.42 8.23
N TYR H 100 -16.04 -83.89 9.30
CA TYR H 100 -16.23 -85.25 9.79
C TYR H 100 -17.21 -85.27 10.97
N LEU H 101 -17.10 -84.31 11.87
CA LEU H 101 -18.00 -84.21 13.02
C LEU H 101 -19.29 -83.55 12.53
N TYR H 102 -19.25 -83.07 11.29
CA TYR H 102 -20.39 -82.39 10.65
C TYR H 102 -21.25 -83.42 9.91
N LEU H 103 -20.67 -84.59 9.66
CA LEU H 103 -21.35 -85.69 8.97
C LEU H 103 -21.58 -86.85 9.94
N SER H 181 -20.90 -75.06 9.98
CA SER H 181 -21.49 -74.51 8.75
C SER H 181 -21.12 -75.39 7.56
N GLU H 182 -21.54 -74.98 6.36
CA GLU H 182 -21.23 -75.72 5.14
C GLU H 182 -19.83 -75.31 4.68
N ALA H 183 -19.36 -74.20 5.21
CA ALA H 183 -18.05 -73.67 4.87
C ALA H 183 -16.93 -74.69 5.07
N VAL H 184 -17.29 -75.88 5.57
CA VAL H 184 -16.30 -76.91 5.79
C VAL H 184 -16.42 -78.06 4.79
N PHE H 185 -17.21 -77.85 3.75
CA PHE H 185 -17.39 -78.88 2.74
C PHE H 185 -16.36 -78.77 1.62
N ARG H 186 -15.65 -77.66 1.58
CA ARG H 186 -14.61 -77.44 0.58
C ARG H 186 -13.43 -78.33 0.93
N PHE H 187 -13.20 -78.50 2.23
CA PHE H 187 -12.11 -79.32 2.74
C PHE H 187 -12.35 -80.77 2.34
N GLY H 188 -13.27 -80.97 1.41
CA GLY H 188 -13.59 -82.30 0.93
C GLY H 188 -14.06 -82.25 -0.52
N ALA H 189 -13.28 -81.58 -1.37
CA ALA H 189 -13.62 -81.48 -2.78
C ALA H 189 -12.96 -82.62 -3.53
N ASP H 190 -12.60 -83.66 -2.79
CA ASP H 190 -11.95 -84.85 -3.36
C ASP H 190 -12.66 -86.12 -2.89
N ASP H 207 -8.50 -77.22 -11.07
CA ASP H 207 -9.46 -76.13 -11.21
C ASP H 207 -9.04 -74.92 -10.38
N GLY H 208 -7.84 -74.98 -9.81
CA GLY H 208 -7.34 -73.88 -9.01
C GLY H 208 -7.91 -73.80 -7.60
N GLU H 209 -8.26 -74.95 -7.04
CA GLU H 209 -8.82 -75.00 -5.69
C GLU H 209 -7.74 -75.26 -4.63
N ALA H 210 -6.61 -75.81 -5.06
CA ALA H 210 -5.51 -76.12 -4.14
C ALA H 210 -4.16 -76.00 -4.84
N THR H 211 -3.08 -76.29 -4.12
CA THR H 211 -1.74 -76.22 -4.69
C THR H 211 -0.74 -77.10 -3.95
N THR H 212 0.32 -77.47 -4.65
CA THR H 212 1.39 -78.30 -4.10
C THR H 212 2.29 -77.47 -3.18
PG AGS I . 31.58 38.18 -1.08
S1G AGS I . 31.49 39.81 -0.33
O2G AGS I . 31.10 37.20 -0.04
O3G AGS I . 30.92 38.07 -2.38
PB AGS I . 34.47 37.80 -0.81
O1B AGS I . 34.55 36.72 0.21
O2B AGS I . 34.69 39.17 -0.31
O3B AGS I . 33.07 37.76 -1.56
PA AGS I . 36.87 36.51 -1.74
O1A AGS I . 36.18 35.21 -1.96
O2A AGS I . 37.80 36.71 -0.63
O3A AGS I . 35.67 37.64 -1.75
O5' AGS I . 37.64 37.07 -3.01
C5' AGS I . 37.00 37.30 -4.24
C4' AGS I . 38.08 37.82 -5.21
O4' AGS I . 39.08 36.85 -5.37
C3' AGS I . 37.56 38.15 -6.62
O3' AGS I . 37.65 39.54 -6.86
C2' AGS I . 38.41 37.33 -7.61
O2' AGS I . 39.14 38.10 -8.60
C1' AGS I . 39.34 36.53 -6.70
N9 AGS I . 39.15 35.06 -6.88
C8 AGS I . 38.34 34.11 -6.27
N7 AGS I . 38.42 32.83 -6.66
C5 AGS I . 39.37 32.94 -7.64
C6 AGS I . 40.01 32.00 -8.53
N6 AGS I . 39.63 30.59 -8.51
N1 AGS I . 40.98 32.45 -9.43
C2 AGS I . 41.36 33.79 -9.48
N3 AGS I . 40.84 34.79 -8.71
C4 AGS I . 39.86 34.31 -7.79
MG MG J . 32.78 34.94 -0.79
MG MG K . 13.75 32.51 3.59
PG AGS L . 15.10 34.81 6.22
S1G AGS L . 15.55 36.54 5.99
O2G AGS L . 15.28 34.18 4.88
O3G AGS L . 15.75 34.13 7.35
PB AGS L . 12.30 35.00 5.87
O1B AGS L . 12.56 34.97 4.41
O2B AGS L . 11.81 36.29 6.41
O3B AGS L . 13.59 34.61 6.67
PA AGS L . 10.23 33.21 5.16
O1A AGS L . 11.20 32.27 4.53
O2A AGS L . 9.33 34.06 4.37
O3A AGS L . 11.13 34.09 6.19
O5' AGS L . 9.33 32.60 6.30
C5' AGS L . 9.84 31.66 7.18
C4' AGS L . 8.69 31.31 8.10
O4' AGS L . 7.64 30.80 7.36
C3' AGS L . 9.05 30.29 9.17
O3' AGS L . 9.02 30.92 10.45
C2' AGS L . 8.01 29.17 9.04
O2' AGS L . 7.20 28.94 10.24
C1' AGS L . 7.16 29.59 7.82
N9 AGS L . 7.22 28.60 6.70
C8 AGS L . 7.65 28.71 5.37
N7 AGS L . 7.58 27.64 4.57
C5 AGS L . 7.05 26.73 5.44
C6 AGS L . 6.69 25.35 5.32
N6 AGS L . 6.86 24.64 4.07
N1 AGS L . 6.16 24.67 6.42
C2 AGS L . 5.97 25.31 7.65
N3 AGS L . 6.28 26.62 7.90
C4 AGS L . 6.81 27.29 6.76
PG AGS M . -12.51 -11.24 9.62
S1G AGS M . -12.58 -9.45 9.61
O2G AGS M . -13.78 -11.68 10.28
O3G AGS M . -12.21 -11.86 8.35
PB AGS M . -11.21 -12.35 11.92
O1B AGS M . -12.47 -13.08 12.22
O2B AGS M . -10.90 -11.21 12.81
O3B AGS M . -11.25 -11.81 10.44
PA AGS M . -10.14 -14.82 12.78
O1A AGS M . -10.91 -15.53 11.72
O2A AGS M . -10.52 -14.87 14.19
O3A AGS M . -10.05 -13.29 12.22
O5' AGS M . -8.59 -15.07 12.79
C5' AGS M . -7.81 -14.91 11.64
C4' AGS M . -6.41 -15.28 12.09
O4' AGS M . -6.39 -16.59 12.56
C3' AGS M . -5.36 -15.19 10.98
O3' AGS M . -4.63 -13.98 11.17
C2' AGS M . -4.48 -16.44 11.15
O2' AGS M . -3.07 -16.22 11.47
C1' AGS M . -5.24 -17.27 12.19
N9 AGS M . -5.59 -18.62 11.67
C8 AGS M . -6.69 -19.13 10.97
N7 AGS M . -6.69 -20.42 10.64
C5 AGS M . -5.49 -20.81 11.15
C6 AGS M . -4.76 -22.06 11.17
N6 AGS M . -5.32 -23.27 10.58
N1 AGS M . -3.51 -22.12 11.80
C2 AGS M . -2.94 -20.98 12.39
N3 AGS M . -3.51 -19.74 12.42
C4 AGS M . -4.78 -19.71 11.79
MG MG N . -13.44 -14.17 9.94
PG AGS O . -26.72 -6.82 -0.96
S1G AGS O . -26.41 -5.18 -0.32
O2G AGS O . -25.40 -7.32 -1.46
O3G AGS O . -27.44 -7.71 -0.07
PB AGS O . -27.81 -5.94 -3.48
O1B AGS O . -26.65 -6.27 -4.34
O2B AGS O . -27.95 -4.52 -3.09
O3B AGS O . -27.76 -6.82 -2.17
PA AGS O . -29.29 -6.73 -5.81
O1A AGS O . -28.73 -8.11 -5.76
O2A AGS O . -28.86 -5.75 -6.82
O3A AGS O . -29.11 -6.17 -4.28
O5' AGS O . -30.89 -6.66 -5.85
C5' AGS O . -31.71 -7.50 -5.07
C4' AGS O . -33.15 -7.09 -5.45
O4' AGS O . -33.33 -7.31 -6.82
C3' AGS O . -34.25 -7.89 -4.73
O3' AGS O . -35.11 -7.02 -4.00
C2' AGS O . -35.00 -8.69 -5.80
O2' AGS O . -36.44 -8.45 -5.85
C1' AGS O . -34.30 -8.26 -7.11
N9 AGS O . -33.65 -9.43 -7.83
C8 AGS O . -32.31 -9.82 -7.97
N7 AGS O . -32.03 -10.92 -8.68
C5 AGS O . -33.30 -11.29 -9.04
C6 AGS O . -33.82 -12.37 -9.82
N6 AGS O . -32.94 -13.36 -10.41
N1 AGS O . -35.21 -12.48 -10.01
C2 AGS O . -36.09 -11.55 -9.46
N3 AGS O . -35.72 -10.47 -8.70
C4 AGS O . -34.32 -10.38 -8.52
MG MG P . -25.76 -8.62 -3.58
#